data_2PIM
# 
_entry.id   2PIM 
# 
_audit_conform.dict_name       mmcif_pdbx.dic 
_audit_conform.dict_version    5.397 
_audit_conform.dict_location   http://mmcif.pdb.org/dictionaries/ascii/mmcif_pdbx.dic 
# 
loop_
_database_2.database_id 
_database_2.database_code 
_database_2.pdbx_database_accession 
_database_2.pdbx_DOI 
PDB   2PIM         pdb_00002pim 10.2210/pdb2pim/pdb 
RCSB  RCSB042413   ?            ?                   
WWPDB D_1000042413 ?            ?                   
# 
loop_
_pdbx_audit_revision_history.ordinal 
_pdbx_audit_revision_history.data_content_type 
_pdbx_audit_revision_history.major_revision 
_pdbx_audit_revision_history.minor_revision 
_pdbx_audit_revision_history.revision_date 
1 'Structure model' 1 0 2007-05-01 
2 'Structure model' 1 1 2008-05-01 
3 'Structure model' 1 2 2011-07-13 
4 'Structure model' 1 3 2017-10-18 
5 'Structure model' 1 4 2023-01-25 
6 'Structure model' 1 5 2024-10-30 
# 
_pdbx_audit_revision_details.ordinal             1 
_pdbx_audit_revision_details.revision_ordinal    1 
_pdbx_audit_revision_details.data_content_type   'Structure model' 
_pdbx_audit_revision_details.provider            repository 
_pdbx_audit_revision_details.type                'Initial release' 
_pdbx_audit_revision_details.description         ? 
_pdbx_audit_revision_details.details             ? 
# 
loop_
_pdbx_audit_revision_group.ordinal 
_pdbx_audit_revision_group.revision_ordinal 
_pdbx_audit_revision_group.data_content_type 
_pdbx_audit_revision_group.group 
1 2 'Structure model' 'Version format compliance' 
2 3 'Structure model' Advisory                    
3 3 'Structure model' 'Derived calculations'      
4 3 'Structure model' 'Version format compliance' 
5 4 'Structure model' 'Refinement description'    
6 5 'Structure model' 'Database references'       
7 5 'Structure model' 'Derived calculations'      
8 6 'Structure model' 'Data collection'           
9 6 'Structure model' 'Structure summary'         
# 
loop_
_pdbx_audit_revision_category.ordinal 
_pdbx_audit_revision_category.revision_ordinal 
_pdbx_audit_revision_category.data_content_type 
_pdbx_audit_revision_category.category 
1 4 'Structure model' software                  
2 5 'Structure model' database_2                
3 5 'Structure model' struct_conn               
4 5 'Structure model' struct_ref_seq_dif        
5 6 'Structure model' chem_comp_atom            
6 6 'Structure model' chem_comp_bond            
7 6 'Structure model' pdbx_entry_details        
8 6 'Structure model' pdbx_modification_feature 
# 
loop_
_pdbx_audit_revision_item.ordinal 
_pdbx_audit_revision_item.revision_ordinal 
_pdbx_audit_revision_item.data_content_type 
_pdbx_audit_revision_item.item 
1 4 'Structure model' '_software.classification'            
2 4 'Structure model' '_software.name'                      
3 5 'Structure model' '_database_2.pdbx_DOI'                
4 5 'Structure model' '_database_2.pdbx_database_accession' 
5 5 'Structure model' '_struct_conn.pdbx_leaving_atom_flag' 
6 5 'Structure model' '_struct_ref_seq_dif.details'         
# 
_pdbx_database_status.SG_entry                        Y 
_pdbx_database_status.entry_id                        2PIM 
_pdbx_database_status.deposit_site                    RCSB 
_pdbx_database_status.process_site                    RCSB 
_pdbx_database_status.recvd_initial_deposition_date   2007-04-13 
_pdbx_database_status.status_code                     REL 
_pdbx_database_status.status_code_sf                  REL 
_pdbx_database_status.status_code_mr                  ? 
_pdbx_database_status.pdb_format_compatible           Y 
_pdbx_database_status.status_code_cs                  ? 
_pdbx_database_status.methods_development_category    ? 
_pdbx_database_status.status_code_nmr_data            ? 
# 
_pdbx_database_related.db_name        TargetDB 
_pdbx_database_related.db_id          370429 
_pdbx_database_related.details        . 
_pdbx_database_related.content_type   unspecified 
# 
_audit_author.name           'Joint Center for Structural Genomics (JCSG)' 
_audit_author.pdbx_ordinal   1 
# 
_citation.id                        primary 
_citation.title                     
;Crystal structure of Phenylacetic acid degradation-related protein (YP_298971.1) from Ralstonia eutropha JMP134 at 2.20 A resolution
;
_citation.journal_abbrev            'To be published' 
_citation.journal_volume            ? 
_citation.page_first                ? 
_citation.page_last                 ? 
_citation.year                      ? 
_citation.journal_id_ASTM           ? 
_citation.country                   ? 
_citation.journal_id_ISSN           ? 
_citation.journal_id_CSD            0353 
_citation.book_publisher            ? 
_citation.pdbx_database_id_PubMed   ? 
_citation.pdbx_database_id_DOI      ? 
# 
_citation_author.citation_id        primary 
_citation_author.name               'Joint Center for Structural Genomics (JCSG)' 
_citation_author.ordinal            1 
_citation_author.identifier_ORCID   ? 
# 
loop_
_entity.id 
_entity.type 
_entity.src_method 
_entity.pdbx_description 
_entity.formula_weight 
_entity.pdbx_number_of_molecules 
_entity.pdbx_ec 
_entity.pdbx_mutation 
_entity.pdbx_fragment 
_entity.details 
1 polymer man 'Phenylacetic acid degradation-related protein' 14996.161 1  ? ? ? ? 
2 water   nat water                                           18.015    55 ? ? ? ? 
# 
_entity_poly.entity_id                      1 
_entity_poly.type                           'polypeptide(L)' 
_entity_poly.nstd_linkage                   no 
_entity_poly.nstd_monomer                   yes 
_entity_poly.pdbx_seq_one_letter_code       
;G(MSE)SQDNYFSR(MSE)LRGEAPVPAVAGTLGGVIRAVDLEAGSLESDYVATDAFLNPVGQVQGG(MSE)LGA(MSE)
LDDVTA(MSE)LVTATLEDGASCSTLNLNLSFLRPAQAGLLRGRARLERRGRNVCNVVGELSQDGKLVATATATC(MSE)
VARRA
;
_entity_poly.pdbx_seq_one_letter_code_can   
;GMSQDNYFSRMLRGEAPVPAVAGTLGGVIRAVDLEAGSLESDYVATDAFLNPVGQVQGGMLGAMLDDVTAMLVTATLEDG
ASCSTLNLNLSFLRPAQAGLLRGRARLERRGRNVCNVVGELSQDGKLVATATATCMVARRA
;
_entity_poly.pdbx_strand_id                 A 
_entity_poly.pdbx_target_identifier         370429 
# 
_pdbx_entity_nonpoly.entity_id   2 
_pdbx_entity_nonpoly.name        water 
_pdbx_entity_nonpoly.comp_id     HOH 
# 
loop_
_entity_poly_seq.entity_id 
_entity_poly_seq.num 
_entity_poly_seq.mon_id 
_entity_poly_seq.hetero 
1 1   GLY n 
1 2   MSE n 
1 3   SER n 
1 4   GLN n 
1 5   ASP n 
1 6   ASN n 
1 7   TYR n 
1 8   PHE n 
1 9   SER n 
1 10  ARG n 
1 11  MSE n 
1 12  LEU n 
1 13  ARG n 
1 14  GLY n 
1 15  GLU n 
1 16  ALA n 
1 17  PRO n 
1 18  VAL n 
1 19  PRO n 
1 20  ALA n 
1 21  VAL n 
1 22  ALA n 
1 23  GLY n 
1 24  THR n 
1 25  LEU n 
1 26  GLY n 
1 27  GLY n 
1 28  VAL n 
1 29  ILE n 
1 30  ARG n 
1 31  ALA n 
1 32  VAL n 
1 33  ASP n 
1 34  LEU n 
1 35  GLU n 
1 36  ALA n 
1 37  GLY n 
1 38  SER n 
1 39  LEU n 
1 40  GLU n 
1 41  SER n 
1 42  ASP n 
1 43  TYR n 
1 44  VAL n 
1 45  ALA n 
1 46  THR n 
1 47  ASP n 
1 48  ALA n 
1 49  PHE n 
1 50  LEU n 
1 51  ASN n 
1 52  PRO n 
1 53  VAL n 
1 54  GLY n 
1 55  GLN n 
1 56  VAL n 
1 57  GLN n 
1 58  GLY n 
1 59  GLY n 
1 60  MSE n 
1 61  LEU n 
1 62  GLY n 
1 63  ALA n 
1 64  MSE n 
1 65  LEU n 
1 66  ASP n 
1 67  ASP n 
1 68  VAL n 
1 69  THR n 
1 70  ALA n 
1 71  MSE n 
1 72  LEU n 
1 73  VAL n 
1 74  THR n 
1 75  ALA n 
1 76  THR n 
1 77  LEU n 
1 78  GLU n 
1 79  ASP n 
1 80  GLY n 
1 81  ALA n 
1 82  SER n 
1 83  CYS n 
1 84  SER n 
1 85  THR n 
1 86  LEU n 
1 87  ASN n 
1 88  LEU n 
1 89  ASN n 
1 90  LEU n 
1 91  SER n 
1 92  PHE n 
1 93  LEU n 
1 94  ARG n 
1 95  PRO n 
1 96  ALA n 
1 97  GLN n 
1 98  ALA n 
1 99  GLY n 
1 100 LEU n 
1 101 LEU n 
1 102 ARG n 
1 103 GLY n 
1 104 ARG n 
1 105 ALA n 
1 106 ARG n 
1 107 LEU n 
1 108 GLU n 
1 109 ARG n 
1 110 ARG n 
1 111 GLY n 
1 112 ARG n 
1 113 ASN n 
1 114 VAL n 
1 115 CYS n 
1 116 ASN n 
1 117 VAL n 
1 118 VAL n 
1 119 GLY n 
1 120 GLU n 
1 121 LEU n 
1 122 SER n 
1 123 GLN n 
1 124 ASP n 
1 125 GLY n 
1 126 LYS n 
1 127 LEU n 
1 128 VAL n 
1 129 ALA n 
1 130 THR n 
1 131 ALA n 
1 132 THR n 
1 133 ALA n 
1 134 THR n 
1 135 CYS n 
1 136 MSE n 
1 137 VAL n 
1 138 ALA n 
1 139 ARG n 
1 140 ARG n 
1 141 ALA n 
# 
_entity_src_gen.entity_id                          1 
_entity_src_gen.pdbx_src_id                        1 
_entity_src_gen.pdbx_alt_source_flag               sample 
_entity_src_gen.pdbx_seq_type                      ? 
_entity_src_gen.pdbx_beg_seq_num                   ? 
_entity_src_gen.pdbx_end_seq_num                   ? 
_entity_src_gen.gene_src_common_name               ? 
_entity_src_gen.gene_src_genus                     Cupriavidus 
_entity_src_gen.pdbx_gene_src_gene                 'YP_298971.1, Reut_B4779' 
_entity_src_gen.gene_src_species                   'Cupriavidus necator' 
_entity_src_gen.gene_src_strain                    ? 
_entity_src_gen.gene_src_tissue                    ? 
_entity_src_gen.gene_src_tissue_fraction           ? 
_entity_src_gen.gene_src_details                   ? 
_entity_src_gen.pdbx_gene_src_fragment             ? 
_entity_src_gen.pdbx_gene_src_scientific_name      'Ralstonia eutropha JMP134' 
_entity_src_gen.pdbx_gene_src_ncbi_taxonomy_id     264198 
_entity_src_gen.pdbx_gene_src_variant              ? 
_entity_src_gen.pdbx_gene_src_cell_line            ? 
_entity_src_gen.pdbx_gene_src_atcc                 ? 
_entity_src_gen.pdbx_gene_src_organ                ? 
_entity_src_gen.pdbx_gene_src_organelle            ? 
_entity_src_gen.pdbx_gene_src_cell                 ? 
_entity_src_gen.pdbx_gene_src_cellular_location    ? 
_entity_src_gen.host_org_common_name               ? 
_entity_src_gen.pdbx_host_org_scientific_name      'Escherichia coli' 
_entity_src_gen.pdbx_host_org_ncbi_taxonomy_id     562 
_entity_src_gen.host_org_genus                     Escherichia 
_entity_src_gen.pdbx_host_org_gene                 ? 
_entity_src_gen.pdbx_host_org_organ                ? 
_entity_src_gen.host_org_species                   ? 
_entity_src_gen.pdbx_host_org_tissue               ? 
_entity_src_gen.pdbx_host_org_tissue_fraction      ? 
_entity_src_gen.pdbx_host_org_strain               HK100 
_entity_src_gen.pdbx_host_org_variant              ? 
_entity_src_gen.pdbx_host_org_cell_line            ? 
_entity_src_gen.pdbx_host_org_atcc                 ? 
_entity_src_gen.pdbx_host_org_culture_collection   ? 
_entity_src_gen.pdbx_host_org_cell                 ? 
_entity_src_gen.pdbx_host_org_organelle            ? 
_entity_src_gen.pdbx_host_org_cellular_location    ? 
_entity_src_gen.pdbx_host_org_vector_type          Plasmid 
_entity_src_gen.pdbx_host_org_vector               ? 
_entity_src_gen.host_org_details                   ? 
_entity_src_gen.expression_system_id               ? 
_entity_src_gen.plasmid_name                       speedET 
_entity_src_gen.plasmid_details                    ? 
_entity_src_gen.pdbx_description                   ? 
# 
loop_
_chem_comp.id 
_chem_comp.type 
_chem_comp.mon_nstd_flag 
_chem_comp.name 
_chem_comp.pdbx_synonyms 
_chem_comp.formula 
_chem_comp.formula_weight 
ALA 'L-peptide linking' y ALANINE          ? 'C3 H7 N O2'     89.093  
ARG 'L-peptide linking' y ARGININE         ? 'C6 H15 N4 O2 1' 175.209 
ASN 'L-peptide linking' y ASPARAGINE       ? 'C4 H8 N2 O3'    132.118 
ASP 'L-peptide linking' y 'ASPARTIC ACID'  ? 'C4 H7 N O4'     133.103 
CYS 'L-peptide linking' y CYSTEINE         ? 'C3 H7 N O2 S'   121.158 
GLN 'L-peptide linking' y GLUTAMINE        ? 'C5 H10 N2 O3'   146.144 
GLU 'L-peptide linking' y 'GLUTAMIC ACID'  ? 'C5 H9 N O4'     147.129 
GLY 'peptide linking'   y GLYCINE          ? 'C2 H5 N O2'     75.067  
HOH non-polymer         . WATER            ? 'H2 O'           18.015  
ILE 'L-peptide linking' y ISOLEUCINE       ? 'C6 H13 N O2'    131.173 
LEU 'L-peptide linking' y LEUCINE          ? 'C6 H13 N O2'    131.173 
LYS 'L-peptide linking' y LYSINE           ? 'C6 H15 N2 O2 1' 147.195 
MSE 'L-peptide linking' n SELENOMETHIONINE ? 'C5 H11 N O2 Se' 196.106 
PHE 'L-peptide linking' y PHENYLALANINE    ? 'C9 H11 N O2'    165.189 
PRO 'L-peptide linking' y PROLINE          ? 'C5 H9 N O2'     115.130 
SER 'L-peptide linking' y SERINE           ? 'C3 H7 N O3'     105.093 
THR 'L-peptide linking' y THREONINE        ? 'C4 H9 N O3'     119.119 
TYR 'L-peptide linking' y TYROSINE         ? 'C9 H11 N O3'    181.189 
VAL 'L-peptide linking' y VALINE           ? 'C5 H11 N O2'    117.146 
# 
loop_
_pdbx_poly_seq_scheme.asym_id 
_pdbx_poly_seq_scheme.entity_id 
_pdbx_poly_seq_scheme.seq_id 
_pdbx_poly_seq_scheme.mon_id 
_pdbx_poly_seq_scheme.ndb_seq_num 
_pdbx_poly_seq_scheme.pdb_seq_num 
_pdbx_poly_seq_scheme.auth_seq_num 
_pdbx_poly_seq_scheme.pdb_mon_id 
_pdbx_poly_seq_scheme.auth_mon_id 
_pdbx_poly_seq_scheme.pdb_strand_id 
_pdbx_poly_seq_scheme.pdb_ins_code 
_pdbx_poly_seq_scheme.hetero 
A 1 1   GLY 1   0   ?   ?   ?   A . n 
A 1 2   MSE 2   1   ?   ?   ?   A . n 
A 1 3   SER 3   2   ?   ?   ?   A . n 
A 1 4   GLN 4   3   ?   ?   ?   A . n 
A 1 5   ASP 5   4   ?   ?   ?   A . n 
A 1 6   ASN 6   5   5   ASN ASN A . n 
A 1 7   TYR 7   6   6   TYR TYR A . n 
A 1 8   PHE 8   7   7   PHE PHE A . n 
A 1 9   SER 9   8   8   SER SER A . n 
A 1 10  ARG 10  9   9   ARG ARG A . n 
A 1 11  MSE 11  10  10  MSE MSE A . n 
A 1 12  LEU 12  11  11  LEU LEU A . n 
A 1 13  ARG 13  12  12  ARG ARG A . n 
A 1 14  GLY 14  13  13  GLY GLY A . n 
A 1 15  GLU 15  14  14  GLU GLU A . n 
A 1 16  ALA 16  15  15  ALA ALA A . n 
A 1 17  PRO 17  16  16  PRO PRO A . n 
A 1 18  VAL 18  17  17  VAL VAL A . n 
A 1 19  PRO 19  18  18  PRO PRO A . n 
A 1 20  ALA 20  19  19  ALA ALA A . n 
A 1 21  VAL 21  20  20  VAL VAL A . n 
A 1 22  ALA 22  21  21  ALA ALA A . n 
A 1 23  GLY 23  22  22  GLY GLY A . n 
A 1 24  THR 24  23  23  THR THR A . n 
A 1 25  LEU 25  24  24  LEU LEU A . n 
A 1 26  GLY 26  25  25  GLY GLY A . n 
A 1 27  GLY 27  26  26  GLY GLY A . n 
A 1 28  VAL 28  27  27  VAL VAL A . n 
A 1 29  ILE 29  28  28  ILE ILE A . n 
A 1 30  ARG 30  29  29  ARG ARG A . n 
A 1 31  ALA 31  30  30  ALA ALA A . n 
A 1 32  VAL 32  31  31  VAL VAL A . n 
A 1 33  ASP 33  32  32  ASP ASP A . n 
A 1 34  LEU 34  33  33  LEU LEU A . n 
A 1 35  GLU 35  34  34  GLU GLU A . n 
A 1 36  ALA 36  35  35  ALA ALA A . n 
A 1 37  GLY 37  36  36  GLY GLY A . n 
A 1 38  SER 38  37  37  SER SER A . n 
A 1 39  LEU 39  38  38  LEU LEU A . n 
A 1 40  GLU 40  39  39  GLU GLU A . n 
A 1 41  SER 41  40  40  SER SER A . n 
A 1 42  ASP 42  41  41  ASP ASP A . n 
A 1 43  TYR 43  42  42  TYR TYR A . n 
A 1 44  VAL 44  43  43  VAL VAL A . n 
A 1 45  ALA 45  44  44  ALA ALA A . n 
A 1 46  THR 46  45  45  THR THR A . n 
A 1 47  ASP 47  46  46  ASP ASP A . n 
A 1 48  ALA 48  47  47  ALA ALA A . n 
A 1 49  PHE 49  48  48  PHE PHE A . n 
A 1 50  LEU 50  49  49  LEU LEU A . n 
A 1 51  ASN 51  50  50  ASN ASN A . n 
A 1 52  PRO 52  51  51  PRO PRO A . n 
A 1 53  VAL 53  52  52  VAL VAL A . n 
A 1 54  GLY 54  53  53  GLY GLY A . n 
A 1 55  GLN 55  54  54  GLN GLN A . n 
A 1 56  VAL 56  55  55  VAL VAL A . n 
A 1 57  GLN 57  56  56  GLN GLN A . n 
A 1 58  GLY 58  57  57  GLY GLY A . n 
A 1 59  GLY 59  58  58  GLY GLY A . n 
A 1 60  MSE 60  59  59  MSE MSE A . n 
A 1 61  LEU 61  60  60  LEU LEU A . n 
A 1 62  GLY 62  61  61  GLY GLY A . n 
A 1 63  ALA 63  62  62  ALA ALA A . n 
A 1 64  MSE 64  63  63  MSE MSE A . n 
A 1 65  LEU 65  64  64  LEU LEU A . n 
A 1 66  ASP 66  65  65  ASP ASP A . n 
A 1 67  ASP 67  66  66  ASP ASP A . n 
A 1 68  VAL 68  67  67  VAL VAL A . n 
A 1 69  THR 69  68  68  THR THR A . n 
A 1 70  ALA 70  69  69  ALA ALA A . n 
A 1 71  MSE 71  70  70  MSE MSE A . n 
A 1 72  LEU 72  71  71  LEU LEU A . n 
A 1 73  VAL 73  72  72  VAL VAL A . n 
A 1 74  THR 74  73  73  THR THR A . n 
A 1 75  ALA 75  74  74  ALA ALA A . n 
A 1 76  THR 76  75  75  THR THR A . n 
A 1 77  LEU 77  76  76  LEU LEU A . n 
A 1 78  GLU 78  77  77  GLU GLU A . n 
A 1 79  ASP 79  78  78  ASP ASP A . n 
A 1 80  GLY 80  79  79  GLY GLY A . n 
A 1 81  ALA 81  80  80  ALA ALA A . n 
A 1 82  SER 82  81  81  SER SER A . n 
A 1 83  CYS 83  82  82  CYS CYS A . n 
A 1 84  SER 84  83  83  SER SER A . n 
A 1 85  THR 85  84  84  THR THR A . n 
A 1 86  LEU 86  85  85  LEU LEU A . n 
A 1 87  ASN 87  86  86  ASN ASN A . n 
A 1 88  LEU 88  87  87  LEU LEU A . n 
A 1 89  ASN 89  88  88  ASN ASN A . n 
A 1 90  LEU 90  89  89  LEU LEU A . n 
A 1 91  SER 91  90  90  SER SER A . n 
A 1 92  PHE 92  91  91  PHE PHE A . n 
A 1 93  LEU 93  92  92  LEU LEU A . n 
A 1 94  ARG 94  93  93  ARG ARG A . n 
A 1 95  PRO 95  94  94  PRO PRO A . n 
A 1 96  ALA 96  95  95  ALA ALA A . n 
A 1 97  GLN 97  96  96  GLN GLN A . n 
A 1 98  ALA 98  97  97  ALA ALA A . n 
A 1 99  GLY 99  98  98  GLY GLY A . n 
A 1 100 LEU 100 99  99  LEU LEU A . n 
A 1 101 LEU 101 100 100 LEU LEU A . n 
A 1 102 ARG 102 101 101 ARG ARG A . n 
A 1 103 GLY 103 102 102 GLY GLY A . n 
A 1 104 ARG 104 103 103 ARG ARG A . n 
A 1 105 ALA 105 104 104 ALA ALA A . n 
A 1 106 ARG 106 105 105 ARG ARG A . n 
A 1 107 LEU 107 106 106 LEU LEU A . n 
A 1 108 GLU 108 107 107 GLU GLU A . n 
A 1 109 ARG 109 108 108 ARG ARG A . n 
A 1 110 ARG 110 109 109 ARG ARG A . n 
A 1 111 GLY 111 110 110 GLY GLY A . n 
A 1 112 ARG 112 111 111 ARG ARG A . n 
A 1 113 ASN 113 112 112 ASN ASN A . n 
A 1 114 VAL 114 113 113 VAL VAL A . n 
A 1 115 CYS 115 114 114 CYS CYS A . n 
A 1 116 ASN 116 115 115 ASN ASN A . n 
A 1 117 VAL 117 116 116 VAL VAL A . n 
A 1 118 VAL 118 117 117 VAL VAL A . n 
A 1 119 GLY 119 118 118 GLY GLY A . n 
A 1 120 GLU 120 119 119 GLU GLU A . n 
A 1 121 LEU 121 120 120 LEU LEU A . n 
A 1 122 SER 122 121 121 SER SER A . n 
A 1 123 GLN 123 122 122 GLN GLN A . n 
A 1 124 ASP 124 123 123 ASP ASP A . n 
A 1 125 GLY 125 124 124 GLY GLY A . n 
A 1 126 LYS 126 125 125 LYS LYS A . n 
A 1 127 LEU 127 126 126 LEU LEU A . n 
A 1 128 VAL 128 127 127 VAL VAL A . n 
A 1 129 ALA 129 128 128 ALA ALA A . n 
A 1 130 THR 130 129 129 THR THR A . n 
A 1 131 ALA 131 130 130 ALA ALA A . n 
A 1 132 THR 132 131 131 THR THR A . n 
A 1 133 ALA 133 132 132 ALA ALA A . n 
A 1 134 THR 134 133 133 THR THR A . n 
A 1 135 CYS 135 134 134 CYS CYS A . n 
A 1 136 MSE 136 135 135 MSE MSE A . n 
A 1 137 VAL 137 136 136 VAL VAL A . n 
A 1 138 ALA 138 137 ?   ?   ?   A . n 
A 1 139 ARG 139 138 ?   ?   ?   A . n 
A 1 140 ARG 140 139 ?   ?   ?   A . n 
A 1 141 ALA 141 140 ?   ?   ?   A . n 
# 
loop_
_pdbx_nonpoly_scheme.asym_id 
_pdbx_nonpoly_scheme.entity_id 
_pdbx_nonpoly_scheme.mon_id 
_pdbx_nonpoly_scheme.ndb_seq_num 
_pdbx_nonpoly_scheme.pdb_seq_num 
_pdbx_nonpoly_scheme.auth_seq_num 
_pdbx_nonpoly_scheme.pdb_mon_id 
_pdbx_nonpoly_scheme.auth_mon_id 
_pdbx_nonpoly_scheme.pdb_strand_id 
_pdbx_nonpoly_scheme.pdb_ins_code 
B 2 HOH 1  141 1  HOH HOH A . 
B 2 HOH 2  142 2  HOH HOH A . 
B 2 HOH 3  143 3  HOH HOH A . 
B 2 HOH 4  144 4  HOH HOH A . 
B 2 HOH 5  145 5  HOH HOH A . 
B 2 HOH 6  146 6  HOH HOH A . 
B 2 HOH 7  147 7  HOH HOH A . 
B 2 HOH 8  148 8  HOH HOH A . 
B 2 HOH 9  149 9  HOH HOH A . 
B 2 HOH 10 150 10 HOH HOH A . 
B 2 HOH 11 151 11 HOH HOH A . 
B 2 HOH 12 152 12 HOH HOH A . 
B 2 HOH 13 153 13 HOH HOH A . 
B 2 HOH 14 154 14 HOH HOH A . 
B 2 HOH 15 155 15 HOH HOH A . 
B 2 HOH 16 156 16 HOH HOH A . 
B 2 HOH 17 157 17 HOH HOH A . 
B 2 HOH 18 158 18 HOH HOH A . 
B 2 HOH 19 159 19 HOH HOH A . 
B 2 HOH 20 160 20 HOH HOH A . 
B 2 HOH 21 161 21 HOH HOH A . 
B 2 HOH 22 162 22 HOH HOH A . 
B 2 HOH 23 163 23 HOH HOH A . 
B 2 HOH 24 164 24 HOH HOH A . 
B 2 HOH 25 165 25 HOH HOH A . 
B 2 HOH 26 166 26 HOH HOH A . 
B 2 HOH 27 167 27 HOH HOH A . 
B 2 HOH 28 168 28 HOH HOH A . 
B 2 HOH 29 169 29 HOH HOH A . 
B 2 HOH 30 170 30 HOH HOH A . 
B 2 HOH 31 171 31 HOH HOH A . 
B 2 HOH 32 172 32 HOH HOH A . 
B 2 HOH 33 173 33 HOH HOH A . 
B 2 HOH 34 174 34 HOH HOH A . 
B 2 HOH 35 175 35 HOH HOH A . 
B 2 HOH 36 176 36 HOH HOH A . 
B 2 HOH 37 177 37 HOH HOH A . 
B 2 HOH 38 178 38 HOH HOH A . 
B 2 HOH 39 179 39 HOH HOH A . 
B 2 HOH 40 180 40 HOH HOH A . 
B 2 HOH 41 181 41 HOH HOH A . 
B 2 HOH 42 182 42 HOH HOH A . 
B 2 HOH 43 183 43 HOH HOH A . 
B 2 HOH 44 184 44 HOH HOH A . 
B 2 HOH 45 185 45 HOH HOH A . 
B 2 HOH 46 186 46 HOH HOH A . 
B 2 HOH 47 187 47 HOH HOH A . 
B 2 HOH 48 188 48 HOH HOH A . 
B 2 HOH 49 189 49 HOH HOH A . 
B 2 HOH 50 190 50 HOH HOH A . 
B 2 HOH 51 191 51 HOH HOH A . 
B 2 HOH 52 192 52 HOH HOH A . 
B 2 HOH 53 193 53 HOH HOH A . 
B 2 HOH 54 194 54 HOH HOH A . 
B 2 HOH 55 195 55 HOH HOH A . 
# 
loop_
_software.name 
_software.version 
_software.date 
_software.type 
_software.contact_author 
_software.contact_author_email 
_software.classification 
_software.location 
_software.language 
_software.citation_id 
_software.pdbx_ordinal 
MolProbity  3beta29   ?                package 'D.C. & J.S. Richardson lab' molprobity@kinemage.biochem.duke.edu 'model building'  
http://kinemage.biochem.duke.edu/molprobity/ ?          ? 1  
SHELX       .         ?                package 'George Sheldrick'           gsheldr@shelx.uni-ac.gwdg.de         phasing           
http://shelx.uni-ac.gwdg.de/SHELX/           Fortran_77 ? 2  
REFMAC      5.2.0005  ?                program 'Murshudov, G.N.'            ccp4@dl.ac.uk                        refinement        
http://www.ccp4.ac.uk/main.html              Fortran_77 ? 3  
SCALA       .         ?                other   'Phil Evans'                 pre@mrc-lmb.cam.ac.uk                'data scaling'    
http://www.ccp4.ac.uk/dist/html/INDEX.html   Fortran_77 ? 4  
PDB_EXTRACT 2.000     'April. 3, 2006' package PDB                          sw-help@rcsb.rutgers.edu             'data extraction' 
http://pdb.rutgers.edu/software/             C++        ? 5  
MAR345      CCD       ?                ?       ?                            ?                                    'data collection' 
?                                            ?          ? 6  
MOSFLM      .         ?                ?       ?                            ?                                    'data reduction'  
?                                            ?          ? 7  
CCP4        '(SCALA)' ?                ?       ?                            ?                                    'data scaling'    
?                                            ?          ? 8  
SHELXD      .         ?                ?       ?                            ?                                    phasing           
?                                            ?          ? 9  
autoSHARP   .         ?                ?       ?                            ?                                    phasing           
?                                            ?          ? 10 
# 
_cell.entry_id           2PIM 
_cell.length_a           111.774 
_cell.length_b           111.774 
_cell.length_c           46.461 
_cell.angle_alpha        90.000 
_cell.angle_beta         90.000 
_cell.angle_gamma        120.000 
_cell.pdbx_unique_axis   ? 
_cell.Z_PDB              12 
_cell.length_a_esd       ? 
_cell.length_b_esd       ? 
_cell.length_c_esd       ? 
_cell.angle_alpha_esd    ? 
_cell.angle_beta_esd     ? 
_cell.angle_gamma_esd    ? 
# 
_symmetry.entry_id                         2PIM 
_symmetry.Int_Tables_number                177 
_symmetry.space_group_name_H-M             'P 6 2 2' 
_symmetry.pdbx_full_space_group_name_H-M   ? 
_symmetry.cell_setting                     ? 
_symmetry.space_group_name_Hall            ? 
# 
_exptl.crystals_number   1 
_exptl.method            'X-RAY DIFFRACTION' 
_exptl.entry_id          2PIM 
# 
_exptl_crystal.id                    1 
_exptl_crystal.density_Matthews      2.79 
_exptl_crystal.density_meas          ? 
_exptl_crystal.density_percent_sol   55.96 
_exptl_crystal.description           ? 
_exptl_crystal.F_000                 ? 
_exptl_crystal.preparation           ? 
# 
_exptl_crystal_grow.crystal_id      1 
_exptl_crystal_grow.method          'VAPOR DIFFUSION, SITTING DROP' 
_exptl_crystal_grow.pH              6.86 
_exptl_crystal_grow.temp            277 
_exptl_crystal_grow.pdbx_details    
'NANODROP, 1.32M Sodium citrate, 0.1M Sodium cacodylate pH 6.86, VAPOR DIFFUSION, SITTING DROP, temperature 277K' 
_exptl_crystal_grow.temp_details    ? 
_exptl_crystal_grow.pdbx_pH_range   . 
# 
_diffrn.id                     1 
_diffrn.ambient_temp           100 
_diffrn.ambient_temp_details   ? 
_diffrn.crystal_id             1 
# 
_diffrn_detector.diffrn_id              1 
_diffrn_detector.detector               CCD 
_diffrn_detector.type                   'MARMOSAIC 325 mm CCD' 
_diffrn_detector.details                'Flat collimating mirror, toroid focusing mirror' 
_diffrn_detector.pdbx_collection_date   2007-04-01 
# 
_diffrn_radiation.diffrn_id                        1 
_diffrn_radiation.pdbx_monochromatic_or_laue_m_l   M 
_diffrn_radiation.monochromator                    'Double crystal' 
_diffrn_radiation.pdbx_diffrn_protocol             MAD 
_diffrn_radiation.wavelength_id                    1 
_diffrn_radiation.pdbx_scattering_type             x-ray 
# 
loop_
_diffrn_radiation_wavelength.id 
_diffrn_radiation_wavelength.wavelength 
_diffrn_radiation_wavelength.wt 
1 0.91837 1.0 
2 0.97934 1.0 
# 
_diffrn_source.diffrn_id                   1 
_diffrn_source.source                      SYNCHROTRON 
_diffrn_source.pdbx_synchrotron_beamline   BL9-2 
_diffrn_source.type                        'SSRL BEAMLINE BL9-2' 
_diffrn_source.pdbx_wavelength_list        '0.91837, 0.97934' 
_diffrn_source.pdbx_wavelength             ? 
_diffrn_source.pdbx_synchrotron_site       SSRL 
# 
_reflns.entry_id                     2PIM 
_reflns.d_resolution_high            2.20 
_reflns.d_resolution_low             28.748 
_reflns.number_obs                   9118 
_reflns.pdbx_Rmerge_I_obs            0.141 
_reflns.pdbx_netI_over_sigmaI        4.700 
_reflns.pdbx_Rsym_value              0.141 
_reflns.pdbx_redundancy              14.100 
_reflns.percent_possible_obs         100.000 
_reflns.observed_criterion_sigma_F   ? 
_reflns.observed_criterion_sigma_I   ? 
_reflns.number_all                   ? 
_reflns.B_iso_Wilson_estimate        ? 
_reflns.R_free_details               ? 
_reflns.limit_h_max                  ? 
_reflns.limit_h_min                  ? 
_reflns.limit_k_max                  ? 
_reflns.limit_k_min                  ? 
_reflns.limit_l_max                  ? 
_reflns.limit_l_min                  ? 
_reflns.observed_criterion_F_max     ? 
_reflns.observed_criterion_F_min     ? 
_reflns.pdbx_chi_squared             ? 
_reflns.pdbx_scaling_rejects         ? 
_reflns.pdbx_ordinal                 1 
_reflns.pdbx_diffrn_id               1 
# 
loop_
_reflns_shell.d_res_high 
_reflns_shell.d_res_low 
_reflns_shell.number_measured_obs 
_reflns_shell.number_measured_all 
_reflns_shell.number_unique_obs 
_reflns_shell.Rmerge_I_obs 
_reflns_shell.meanI_over_sigI_obs 
_reflns_shell.pdbx_Rsym_value 
_reflns_shell.pdbx_chi_squared 
_reflns_shell.pdbx_redundancy 
_reflns_shell.percent_possible_obs 
_reflns_shell.number_unique_all 
_reflns_shell.percent_possible_all 
_reflns_shell.pdbx_ordinal 
_reflns_shell.pdbx_diffrn_id 
2.20 2.26  ? 9251 ? 0.894 0.8  0.894 ? 14.30 ? 646 100.00 1  1 
2.26 2.32  ? 9332 ? 0.777 1.0  0.777 ? 14.50 ? 644 100.00 2  1 
2.32 2.39  ? 8976 ? 0.673 1.1  0.673 ? 14.50 ? 621 100.00 3  1 
2.39 2.46  ? 8844 ? 0.657 1.1  0.657 ? 14.40 ? 614 100.00 4  1 
2.46 2.54  ? 8384 ? 0.490 1.5  0.490 ? 14.50 ? 578 100.00 5  1 
2.54 2.63  ? 8254 ? 0.424 1.8  0.424 ? 14.40 ? 574 100.00 6  1 
2.63 2.73  ? 7872 ? 0.359 2.1  0.359 ? 14.40 ? 547 100.00 7  1 
2.73 2.84  ? 7580 ? 0.310 2.5  0.310 ? 14.40 ? 528 100.00 8  1 
2.84 2.97  ? 7417 ? 0.225 3.3  0.225 ? 14.30 ? 520 100.00 9  1 
2.97 3.11  ? 7058 ? 0.178 4.2  0.178 ? 14.20 ? 496 100.00 10 1 
3.11 3.28  ? 6607 ? 0.137 5.3  0.137 ? 14.20 ? 465 100.00 11 1 
3.28 3.48  ? 6180 ? 0.115 5.8  0.115 ? 14.00 ? 443 100.00 12 1 
3.48 3.72  ? 5901 ? 0.098 6.9  0.098 ? 14.00 ? 423 100.00 13 1 
3.72 4.02  ? 5468 ? 0.082 8.1  0.082 ? 13.80 ? 397 100.00 14 1 
4.02 4.40  ? 5098 ? 0.070 9.3  0.070 ? 13.80 ? 370 100.00 15 1 
4.40 4.92  ? 4570 ? 0.061 10.7 0.061 ? 13.60 ? 336 100.00 16 1 
4.92 5.68  ? 4076 ? 0.078 8.3  0.078 ? 13.40 ? 305 100.00 17 1 
5.68 6.96  ? 3411 ? 0.079 8.2  0.079 ? 13.00 ? 263 100.00 18 1 
6.96 9.84  ? 2640 ? 0.052 10.3 0.052 ? 12.20 ? 216 100.00 19 1 
9.84 28.75 ? 1349 ? 0.058 10.0 0.058 ? 10.20 ? 132 96.60  20 1 
# 
_refine.entry_id                                 2PIM 
_refine.ls_d_res_high                            2.200 
_refine.ls_d_res_low                             28.748 
_refine.pdbx_ls_sigma_F                          0.00 
_refine.ls_percent_reflns_obs                    100.000 
_refine.ls_number_reflns_obs                     9116 
_refine.pdbx_ls_cross_valid_method               THROUGHOUT 
_refine.pdbx_R_Free_selection_details            RANDOM 
_refine.details                                  
;1. HYDROGENS HAVE BEEN ADDED IN THE RIDING POSITIONS. 
2. A MET-INHIBITION PROTOCOL WAS USED FOR SELENOMETHIONINE 
INCORPORATION DURING PROTEIN EXPRESSION. THE OCCUPANCY 
OF THE SE ATOMS IN THE MSE RESIDUES WAS REDUCED TO 
0.75 TO ACCOUNT FOR THE REDUCED SCATTERING POWER DUE TO 
PARTIAL S-MET INCORPORATION. 
3. ATOM RECORD CONTAINS RESIDUAL B FACTORS ONLY.
;
_refine.ls_R_factor_all                          0.185 
_refine.ls_R_factor_R_work                       0.182 
_refine.ls_R_factor_R_free                       0.222 
_refine.ls_percent_reflns_R_free                 5.600 
_refine.ls_number_reflns_R_free                  514 
_refine.B_iso_mean                               28.728 
_refine.aniso_B[1][1]                            -2.320 
_refine.aniso_B[2][2]                            -2.320 
_refine.aniso_B[3][3]                            3.490 
_refine.aniso_B[1][2]                            -1.160 
_refine.aniso_B[1][3]                            0.000 
_refine.aniso_B[2][3]                            0.000 
_refine.correlation_coeff_Fo_to_Fc               0.960 
_refine.correlation_coeff_Fo_to_Fc_free          0.950 
_refine.pdbx_overall_ESU_R                       0.196 
_refine.pdbx_overall_ESU_R_Free                  0.172 
_refine.overall_SU_ML                            0.139 
_refine.overall_SU_B                             11.181 
_refine.solvent_model_details                    MASK 
_refine.pdbx_solvent_vdw_probe_radii             1.200 
_refine.pdbx_solvent_ion_probe_radii             0.800 
_refine.pdbx_solvent_shrinkage_radii             0.800 
_refine.pdbx_method_to_determine_struct          MAD 
_refine.pdbx_stereochemistry_target_values       'MAXIMUM LIKELIHOOD WITH PHASES' 
_refine.pdbx_ls_sigma_I                          ? 
_refine.ls_number_reflns_all                     ? 
_refine.ls_R_factor_obs                          0.185 
_refine.ls_redundancy_reflns_obs                 ? 
_refine.pdbx_data_cutoff_high_absF               ? 
_refine.pdbx_data_cutoff_low_absF                ? 
_refine.ls_number_parameters                     ? 
_refine.ls_number_restraints                     ? 
_refine.ls_R_factor_R_free_error                 ? 
_refine.ls_R_factor_R_free_error_details         ? 
_refine.pdbx_starting_model                      ? 
_refine.pdbx_stereochem_target_val_spec_case     ? 
_refine.solvent_model_param_bsol                 ? 
_refine.solvent_model_param_ksol                 ? 
_refine.occupancy_max                            ? 
_refine.occupancy_min                            ? 
_refine.pdbx_isotropic_thermal_model             ? 
_refine.B_iso_min                                ? 
_refine.B_iso_max                                ? 
_refine.overall_SU_R_Cruickshank_DPI             ? 
_refine.overall_SU_R_free                        ? 
_refine.pdbx_data_cutoff_high_rms_absF           ? 
_refine.ls_wR_factor_R_free                      ? 
_refine.ls_wR_factor_R_work                      ? 
_refine.overall_FOM_free_R_set                   ? 
_refine.overall_FOM_work_R_set                   ? 
_refine.pdbx_refine_id                           'X-RAY DIFFRACTION' 
_refine.pdbx_overall_phase_error                 ? 
_refine.pdbx_TLS_residual_ADP_flag               'LIKELY RESIDUAL' 
_refine.pdbx_diffrn_id                           1 
_refine.pdbx_overall_SU_R_free_Cruickshank_DPI   ? 
_refine.pdbx_overall_SU_R_Blow_DPI               ? 
_refine.pdbx_overall_SU_R_free_Blow_DPI          ? 
# 
_refine_hist.pdbx_refine_id                   'X-RAY DIFFRACTION' 
_refine_hist.cycle_id                         LAST 
_refine_hist.pdbx_number_atoms_protein        956 
_refine_hist.pdbx_number_atoms_nucleic_acid   0 
_refine_hist.pdbx_number_atoms_ligand         0 
_refine_hist.number_atoms_solvent             55 
_refine_hist.number_atoms_total               1011 
_refine_hist.d_res_high                       2.200 
_refine_hist.d_res_low                        28.748 
# 
loop_
_refine_ls_restr.type 
_refine_ls_restr.number 
_refine_ls_restr.dev_ideal 
_refine_ls_restr.dev_ideal_target 
_refine_ls_restr.weight 
_refine_ls_restr.pdbx_refine_id 
_refine_ls_restr.pdbx_restraint_function 
r_bond_refined_d         986  0.016  0.022  ? 'X-RAY DIFFRACTION' ? 
r_bond_other_d           948  0.002  0.020  ? 'X-RAY DIFFRACTION' ? 
r_angle_refined_deg      1338 1.604  1.984  ? 'X-RAY DIFFRACTION' ? 
r_angle_other_deg        2180 0.803  3.000  ? 'X-RAY DIFFRACTION' ? 
r_dihedral_angle_1_deg   135  6.366  5.000  ? 'X-RAY DIFFRACTION' ? 
r_dihedral_angle_2_deg   40   40.336 23.250 ? 'X-RAY DIFFRACTION' ? 
r_dihedral_angle_3_deg   163  16.046 15.000 ? 'X-RAY DIFFRACTION' ? 
r_dihedral_angle_4_deg   11   12.453 15.000 ? 'X-RAY DIFFRACTION' ? 
r_chiral_restr           161  0.094  0.200  ? 'X-RAY DIFFRACTION' ? 
r_gen_planes_refined     1137 0.005  0.020  ? 'X-RAY DIFFRACTION' ? 
r_gen_planes_other       198  0.001  0.020  ? 'X-RAY DIFFRACTION' ? 
r_nbd_refined            171  0.194  0.200  ? 'X-RAY DIFFRACTION' ? 
r_nbd_other              921  0.186  0.200  ? 'X-RAY DIFFRACTION' ? 
r_nbtor_refined          477  0.167  0.200  ? 'X-RAY DIFFRACTION' ? 
r_nbtor_other            670  0.088  0.200  ? 'X-RAY DIFFRACTION' ? 
r_xyhbond_nbd_refined    42   0.201  0.200  ? 'X-RAY DIFFRACTION' ? 
r_symmetry_vdw_refined   14   0.229  0.200  ? 'X-RAY DIFFRACTION' ? 
r_symmetry_vdw_other     66   0.281  0.200  ? 'X-RAY DIFFRACTION' ? 
r_symmetry_hbond_refined 5    0.165  0.200  ? 'X-RAY DIFFRACTION' ? 
r_mcbond_it              773  2.173  3.000  ? 'X-RAY DIFFRACTION' ? 
r_mcbond_other           281  0.518  3.000  ? 'X-RAY DIFFRACTION' ? 
r_mcangle_it             1049 2.990  5.000  ? 'X-RAY DIFFRACTION' ? 
r_scbond_it              345  5.773  8.000  ? 'X-RAY DIFFRACTION' ? 
r_scangle_it             289  7.143  11.000 ? 'X-RAY DIFFRACTION' ? 
# 
_refine_ls_shell.d_res_high                       2.200 
_refine_ls_shell.d_res_low                        2.257 
_refine_ls_shell.pdbx_total_number_of_bins_used   20 
_refine_ls_shell.percent_reflns_obs               100.000 
_refine_ls_shell.number_reflns_R_work             616 
_refine_ls_shell.R_factor_all                     ? 
_refine_ls_shell.R_factor_R_work                  0.220 
_refine_ls_shell.R_factor_R_free                  0.296 
_refine_ls_shell.percent_reflns_R_free            ? 
_refine_ls_shell.number_reflns_R_free             27 
_refine_ls_shell.R_factor_R_free_error            ? 
_refine_ls_shell.number_reflns_all                ? 
_refine_ls_shell.number_reflns_obs                643 
_refine_ls_shell.redundancy_reflns_obs            ? 
_refine_ls_shell.pdbx_refine_id                   'X-RAY DIFFRACTION' 
# 
_struct.entry_id                  2PIM 
_struct.title                     
;CRYSTAL STRUCTURE OF A PUTATIVE THIOESTERASE, PHENYLACETIC ACID DEGRADATION-RELATED PROTEIN (REUT_B4779) FROM RALSTONIA EUTROPHA JMP134 AT 2.20 A RESOLUTION
;
_struct.pdbx_model_details        ? 
_struct.pdbx_CASP_flag            ? 
_struct.pdbx_model_type_details   ? 
# 
_struct_keywords.text            
;THIOESTERASE SUPERFAMILY, PHENYLACETIC ACID DEGRADATION-RELATED PROTEIN, STRUCTURAL GENOMICS, JOINT CENTER FOR STRUCTURAL GENOMICS, JCSG, PROTEIN STRUCTURE INITIATIVE, PSI-2, HYDROLASE
;
_struct_keywords.pdbx_keywords   HYDROLASE 
_struct_keywords.entry_id        2PIM 
# 
loop_
_struct_asym.id 
_struct_asym.pdbx_blank_PDB_chainid_flag 
_struct_asym.pdbx_modified 
_struct_asym.entity_id 
_struct_asym.details 
A N N 1 ? 
B N N 2 ? 
# 
_struct_ref.id                         1 
_struct_ref.db_name                    UNP 
_struct_ref.db_code                    Q46RV7_RALEJ 
_struct_ref.pdbx_db_accession          Q46RV7 
_struct_ref.entity_id                  1 
_struct_ref.pdbx_seq_one_letter_code   
;MSQDNYFSRMLRGEAPVPAVAGTLGGVIRAVDLEAGSLESDYVATDAFLNPVGQVQGGMLGAMLDDVTAMLVTATLEDGA
SCSTLNLNLSFLRPAQAGLLRGRARLERRGRNVCNVVGELSQDGKLVATATATCMVARRA
;
_struct_ref.pdbx_align_begin           1 
_struct_ref.pdbx_db_isoform            ? 
# 
_struct_ref_seq.align_id                      1 
_struct_ref_seq.ref_id                        1 
_struct_ref_seq.pdbx_PDB_id_code              2PIM 
_struct_ref_seq.pdbx_strand_id                A 
_struct_ref_seq.seq_align_beg                 2 
_struct_ref_seq.pdbx_seq_align_beg_ins_code   ? 
_struct_ref_seq.seq_align_end                 141 
_struct_ref_seq.pdbx_seq_align_end_ins_code   ? 
_struct_ref_seq.pdbx_db_accession             Q46RV7 
_struct_ref_seq.db_align_beg                  1 
_struct_ref_seq.pdbx_db_align_beg_ins_code    ? 
_struct_ref_seq.db_align_end                  140 
_struct_ref_seq.pdbx_db_align_end_ins_code    ? 
_struct_ref_seq.pdbx_auth_seq_align_beg       1 
_struct_ref_seq.pdbx_auth_seq_align_end       140 
# 
_struct_ref_seq_dif.align_id                     1 
_struct_ref_seq_dif.pdbx_pdb_id_code             2PIM 
_struct_ref_seq_dif.mon_id                       GLY 
_struct_ref_seq_dif.pdbx_pdb_strand_id           A 
_struct_ref_seq_dif.seq_num                      1 
_struct_ref_seq_dif.pdbx_pdb_ins_code            ? 
_struct_ref_seq_dif.pdbx_seq_db_name             UNP 
_struct_ref_seq_dif.pdbx_seq_db_accession_code   Q46RV7 
_struct_ref_seq_dif.db_mon_id                    ? 
_struct_ref_seq_dif.pdbx_seq_db_seq_num          ? 
_struct_ref_seq_dif.details                      'expression tag' 
_struct_ref_seq_dif.pdbx_auth_seq_num            0 
_struct_ref_seq_dif.pdbx_ordinal                 1 
# 
loop_
_pdbx_struct_assembly.id 
_pdbx_struct_assembly.details 
_pdbx_struct_assembly.method_details 
_pdbx_struct_assembly.oligomeric_details 
_pdbx_struct_assembly.oligomeric_count 
1 author_and_software_defined_assembly PISA dimeric    2 
2 software_defined_assembly            PQS  tetrameric 4 
# 
loop_
_pdbx_struct_assembly_prop.biol_id 
_pdbx_struct_assembly_prop.type 
_pdbx_struct_assembly_prop.value 
_pdbx_struct_assembly_prop.details 
1 'ABSA (A^2)' 2020  ? 
1 MORE         -12   ? 
1 'SSA (A^2)'  11920 ? 
# 
loop_
_pdbx_struct_assembly_gen.assembly_id 
_pdbx_struct_assembly_gen.oper_expression 
_pdbx_struct_assembly_gen.asym_id_list 
1 1,2     A,B 
2 1,3,2,4 A,B 
# 
loop_
_pdbx_struct_oper_list.id 
_pdbx_struct_oper_list.type 
_pdbx_struct_oper_list.name 
_pdbx_struct_oper_list.symmetry_operation 
_pdbx_struct_oper_list.matrix[1][1] 
_pdbx_struct_oper_list.matrix[1][2] 
_pdbx_struct_oper_list.matrix[1][3] 
_pdbx_struct_oper_list.vector[1] 
_pdbx_struct_oper_list.matrix[2][1] 
_pdbx_struct_oper_list.matrix[2][2] 
_pdbx_struct_oper_list.matrix[2][3] 
_pdbx_struct_oper_list.vector[2] 
_pdbx_struct_oper_list.matrix[3][1] 
_pdbx_struct_oper_list.matrix[3][2] 
_pdbx_struct_oper_list.matrix[3][3] 
_pdbx_struct_oper_list.vector[3] 
1 'identity operation'         1_555  x,y,z        1.0000000000  0.0000000000  0.0000000000  0.0000000000  0.0000000000  1.0000000000  0.0000000000  0.0000000000   0.0000000000  0.0000000000  1.0000000000  0.0000000000  
2 'crystal symmetry operation' 7_555  y,x,-z       -0.6988567858 -0.7046909924 0.1225144818  -7.1990323209 -0.7046909924 0.6490140613  -0.2866903442 0.4177362489   0.1225144818  -0.2866903442 -0.9501572756 20.0981522285 
3 'crystal symmetry operation' 4_665  -x+1,-y+1,z  -0.2400414586 0.4722199975  0.8481676557  -2.8494860629 0.4722199975  -0.7065738276 0.5270310239  -27.1927331591 0.8481676557  0.5270310239  -0.0533847138 17.6927799056 
4 'crystal symmetry operation' 10_665 -y+1,-x+1,-z -0.0611017556 0.2324709949  -0.9706821375 16.1224462257 0.2324709949  -0.9424402338 -0.2403406797 -20.2950719358 -0.9706821375 -0.2403406797 0.0035419894  10.7340193968 
# 
_struct_biol.id        1 
_struct_biol.details   ? 
# 
loop_
_struct_conf.conf_type_id 
_struct_conf.id 
_struct_conf.pdbx_PDB_helix_id 
_struct_conf.beg_label_comp_id 
_struct_conf.beg_label_asym_id 
_struct_conf.beg_label_seq_id 
_struct_conf.pdbx_beg_PDB_ins_code 
_struct_conf.end_label_comp_id 
_struct_conf.end_label_asym_id 
_struct_conf.end_label_seq_id 
_struct_conf.pdbx_end_PDB_ins_code 
_struct_conf.beg_auth_comp_id 
_struct_conf.beg_auth_asym_id 
_struct_conf.beg_auth_seq_id 
_struct_conf.end_auth_comp_id 
_struct_conf.end_auth_asym_id 
_struct_conf.end_auth_seq_id 
_struct_conf.pdbx_PDB_helix_class 
_struct_conf.details 
_struct_conf.pdbx_PDB_helix_length 
HELX_P HELX_P1 1 ASN A 6  ? ARG A 13 ? ASN A 5  ARG A 12 1 ? 8  
HELX_P HELX_P2 2 PRO A 19 ? GLY A 26 ? PRO A 18 GLY A 25 1 ? 8  
HELX_P HELX_P3 3 THR A 46 ? LEU A 50 ? THR A 45 LEU A 49 5 ? 5  
HELX_P HELX_P4 4 GLN A 57 ? THR A 76 ? GLN A 56 THR A 75 1 ? 20 
# 
_struct_conf_type.id          HELX_P 
_struct_conf_type.criteria    ? 
_struct_conf_type.reference   ? 
# 
loop_
_struct_conn.id 
_struct_conn.conn_type_id 
_struct_conn.pdbx_leaving_atom_flag 
_struct_conn.pdbx_PDB_id 
_struct_conn.ptnr1_label_asym_id 
_struct_conn.ptnr1_label_comp_id 
_struct_conn.ptnr1_label_seq_id 
_struct_conn.ptnr1_label_atom_id 
_struct_conn.pdbx_ptnr1_label_alt_id 
_struct_conn.pdbx_ptnr1_PDB_ins_code 
_struct_conn.pdbx_ptnr1_standard_comp_id 
_struct_conn.ptnr1_symmetry 
_struct_conn.ptnr2_label_asym_id 
_struct_conn.ptnr2_label_comp_id 
_struct_conn.ptnr2_label_seq_id 
_struct_conn.ptnr2_label_atom_id 
_struct_conn.pdbx_ptnr2_label_alt_id 
_struct_conn.pdbx_ptnr2_PDB_ins_code 
_struct_conn.ptnr1_auth_asym_id 
_struct_conn.ptnr1_auth_comp_id 
_struct_conn.ptnr1_auth_seq_id 
_struct_conn.ptnr2_auth_asym_id 
_struct_conn.ptnr2_auth_comp_id 
_struct_conn.ptnr2_auth_seq_id 
_struct_conn.ptnr2_symmetry 
_struct_conn.pdbx_ptnr3_label_atom_id 
_struct_conn.pdbx_ptnr3_label_seq_id 
_struct_conn.pdbx_ptnr3_label_comp_id 
_struct_conn.pdbx_ptnr3_label_asym_id 
_struct_conn.pdbx_ptnr3_label_alt_id 
_struct_conn.pdbx_ptnr3_PDB_ins_code 
_struct_conn.details 
_struct_conn.pdbx_dist_value 
_struct_conn.pdbx_value_order 
_struct_conn.pdbx_role 
covale1  covale both ? A ARG 10  C ? ? ? 1_555 A MSE 11  N ? ? A ARG 9   A MSE 10  1_555 ? ? ? ? ? ? ? 1.319 ? ? 
covale2  covale both ? A MSE 11  C ? ? ? 1_555 A LEU 12  N ? ? A MSE 10  A LEU 11  1_555 ? ? ? ? ? ? ? 1.327 ? ? 
covale3  covale both ? A GLY 59  C ? ? ? 1_555 A MSE 60  N ? ? A GLY 58  A MSE 59  1_555 ? ? ? ? ? ? ? 1.339 ? ? 
covale4  covale both ? A MSE 60  C ? ? ? 1_555 A LEU 61  N ? ? A MSE 59  A LEU 60  1_555 ? ? ? ? ? ? ? 1.338 ? ? 
covale5  covale both ? A ALA 63  C ? ? ? 1_555 A MSE 64  N ? ? A ALA 62  A MSE 63  1_555 ? ? ? ? ? ? ? 1.327 ? ? 
covale6  covale both ? A MSE 64  C ? ? ? 1_555 A LEU 65  N ? ? A MSE 63  A LEU 64  1_555 ? ? ? ? ? ? ? 1.336 ? ? 
covale7  covale both ? A ALA 70  C ? ? ? 1_555 A MSE 71  N ? ? A ALA 69  A MSE 70  1_555 ? ? ? ? ? ? ? 1.334 ? ? 
covale8  covale both ? A MSE 71  C ? ? ? 1_555 A LEU 72  N ? ? A MSE 70  A LEU 71  1_555 ? ? ? ? ? ? ? 1.321 ? ? 
covale9  covale both ? A CYS 135 C ? ? ? 1_555 A MSE 136 N ? ? A CYS 134 A MSE 135 1_555 ? ? ? ? ? ? ? 1.321 ? ? 
covale10 covale both ? A MSE 136 C ? ? ? 1_555 A VAL 137 N ? ? A MSE 135 A VAL 136 1_555 ? ? ? ? ? ? ? 1.338 ? ? 
# 
_struct_conn_type.id          covale 
_struct_conn_type.criteria    ? 
_struct_conn_type.reference   ? 
# 
loop_
_pdbx_modification_feature.ordinal 
_pdbx_modification_feature.label_comp_id 
_pdbx_modification_feature.label_asym_id 
_pdbx_modification_feature.label_seq_id 
_pdbx_modification_feature.label_alt_id 
_pdbx_modification_feature.modified_residue_label_comp_id 
_pdbx_modification_feature.modified_residue_label_asym_id 
_pdbx_modification_feature.modified_residue_label_seq_id 
_pdbx_modification_feature.modified_residue_label_alt_id 
_pdbx_modification_feature.auth_comp_id 
_pdbx_modification_feature.auth_asym_id 
_pdbx_modification_feature.auth_seq_id 
_pdbx_modification_feature.PDB_ins_code 
_pdbx_modification_feature.symmetry 
_pdbx_modification_feature.modified_residue_auth_comp_id 
_pdbx_modification_feature.modified_residue_auth_asym_id 
_pdbx_modification_feature.modified_residue_auth_seq_id 
_pdbx_modification_feature.modified_residue_PDB_ins_code 
_pdbx_modification_feature.modified_residue_symmetry 
_pdbx_modification_feature.comp_id_linking_atom 
_pdbx_modification_feature.modified_residue_id_linking_atom 
_pdbx_modification_feature.modified_residue_id 
_pdbx_modification_feature.ref_pcm_id 
_pdbx_modification_feature.ref_comp_id 
_pdbx_modification_feature.type 
_pdbx_modification_feature.category 
1 MSE A 11  ? . . . . MSE A 10  ? 1_555 . . . . . . . MET 1 MSE Selenomethionine 'Named protein modification' 
2 MSE A 60  ? . . . . MSE A 59  ? 1_555 . . . . . . . MET 1 MSE Selenomethionine 'Named protein modification' 
3 MSE A 64  ? . . . . MSE A 63  ? 1_555 . . . . . . . MET 1 MSE Selenomethionine 'Named protein modification' 
4 MSE A 71  ? . . . . MSE A 70  ? 1_555 . . . . . . . MET 1 MSE Selenomethionine 'Named protein modification' 
5 MSE A 136 ? . . . . MSE A 135 ? 1_555 . . . . . . . MET 1 MSE Selenomethionine 'Named protein modification' 
# 
_struct_sheet.id               A 
_struct_sheet.type             ? 
_struct_sheet.number_strands   6 
_struct_sheet.details          ? 
# 
loop_
_struct_sheet_order.sheet_id 
_struct_sheet_order.range_id_1 
_struct_sheet_order.range_id_2 
_struct_sheet_order.offset 
_struct_sheet_order.sense 
A 1 2 ? anti-parallel 
A 2 3 ? anti-parallel 
A 3 4 ? anti-parallel 
A 4 5 ? anti-parallel 
A 5 6 ? anti-parallel 
# 
loop_
_struct_sheet_range.sheet_id 
_struct_sheet_range.id 
_struct_sheet_range.beg_label_comp_id 
_struct_sheet_range.beg_label_asym_id 
_struct_sheet_range.beg_label_seq_id 
_struct_sheet_range.pdbx_beg_PDB_ins_code 
_struct_sheet_range.end_label_comp_id 
_struct_sheet_range.end_label_asym_id 
_struct_sheet_range.end_label_seq_id 
_struct_sheet_range.pdbx_end_PDB_ins_code 
_struct_sheet_range.beg_auth_comp_id 
_struct_sheet_range.beg_auth_asym_id 
_struct_sheet_range.beg_auth_seq_id 
_struct_sheet_range.end_auth_comp_id 
_struct_sheet_range.end_auth_asym_id 
_struct_sheet_range.end_auth_seq_id 
A 1 VAL A 28  ? ASP A 33  ? VAL A 27  ASP A 32  
A 2 SER A 38  ? ALA A 45  ? SER A 37  ALA A 44  
A 3 GLY A 99  ? ARG A 110 ? GLY A 98  ARG A 109 
A 4 VAL A 114 ? GLN A 123 ? VAL A 113 GLN A 122 
A 5 LYS A 126 ? MSE A 136 ? LYS A 125 MSE A 135 
A 6 SER A 84  ? PHE A 92  ? SER A 83  PHE A 91  
# 
loop_
_pdbx_struct_sheet_hbond.sheet_id 
_pdbx_struct_sheet_hbond.range_id_1 
_pdbx_struct_sheet_hbond.range_id_2 
_pdbx_struct_sheet_hbond.range_1_label_atom_id 
_pdbx_struct_sheet_hbond.range_1_label_comp_id 
_pdbx_struct_sheet_hbond.range_1_label_asym_id 
_pdbx_struct_sheet_hbond.range_1_label_seq_id 
_pdbx_struct_sheet_hbond.range_1_PDB_ins_code 
_pdbx_struct_sheet_hbond.range_1_auth_atom_id 
_pdbx_struct_sheet_hbond.range_1_auth_comp_id 
_pdbx_struct_sheet_hbond.range_1_auth_asym_id 
_pdbx_struct_sheet_hbond.range_1_auth_seq_id 
_pdbx_struct_sheet_hbond.range_2_label_atom_id 
_pdbx_struct_sheet_hbond.range_2_label_comp_id 
_pdbx_struct_sheet_hbond.range_2_label_asym_id 
_pdbx_struct_sheet_hbond.range_2_label_seq_id 
_pdbx_struct_sheet_hbond.range_2_PDB_ins_code 
_pdbx_struct_sheet_hbond.range_2_auth_atom_id 
_pdbx_struct_sheet_hbond.range_2_auth_comp_id 
_pdbx_struct_sheet_hbond.range_2_auth_asym_id 
_pdbx_struct_sheet_hbond.range_2_auth_seq_id 
A 1 2 N VAL A 28  ? N VAL A 27  O ASP A 42  ? O ASP A 41  
A 2 3 N SER A 41  ? N SER A 40  O GLY A 103 ? O GLY A 102 
A 3 4 N ARG A 106 ? N ARG A 105 O VAL A 118 ? O VAL A 117 
A 4 5 N LEU A 121 ? N LEU A 120 O VAL A 128 ? O VAL A 127 
A 5 6 O MSE A 136 ? O MSE A 135 N SER A 84  ? N SER A 83  
# 
_pdbx_entry_details.entry_id                   2PIM 
_pdbx_entry_details.compound_details           ? 
_pdbx_entry_details.source_details             ? 
_pdbx_entry_details.nonpolymer_details         ? 
_pdbx_entry_details.sequence_details           ? 
_pdbx_entry_details.has_ligand_of_interest     ? 
_pdbx_entry_details.has_protein_modification   Y 
# 
_pdbx_SG_project.project_name          'PSI, Protein Structure Initiative' 
_pdbx_SG_project.full_name_of_center   'Joint Center for Structural Genomics' 
_pdbx_SG_project.id                    1 
_pdbx_SG_project.initial_of_center     JCSG 
# 
loop_
_pdbx_struct_mod_residue.id 
_pdbx_struct_mod_residue.label_asym_id 
_pdbx_struct_mod_residue.label_comp_id 
_pdbx_struct_mod_residue.label_seq_id 
_pdbx_struct_mod_residue.auth_asym_id 
_pdbx_struct_mod_residue.auth_comp_id 
_pdbx_struct_mod_residue.auth_seq_id 
_pdbx_struct_mod_residue.PDB_ins_code 
_pdbx_struct_mod_residue.parent_comp_id 
_pdbx_struct_mod_residue.details 
1 A MSE 11  A MSE 10  ? MET SELENOMETHIONINE 
2 A MSE 60  A MSE 59  ? MET SELENOMETHIONINE 
3 A MSE 64  A MSE 63  ? MET SELENOMETHIONINE 
4 A MSE 71  A MSE 70  ? MET SELENOMETHIONINE 
5 A MSE 136 A MSE 135 ? MET SELENOMETHIONINE 
# 
loop_
_pdbx_struct_special_symmetry.id 
_pdbx_struct_special_symmetry.PDB_model_num 
_pdbx_struct_special_symmetry.auth_asym_id 
_pdbx_struct_special_symmetry.auth_comp_id 
_pdbx_struct_special_symmetry.auth_seq_id 
_pdbx_struct_special_symmetry.PDB_ins_code 
_pdbx_struct_special_symmetry.label_asym_id 
_pdbx_struct_special_symmetry.label_comp_id 
_pdbx_struct_special_symmetry.label_seq_id 
1 1 A HOH 181 ? B HOH . 
2 1 A HOH 189 ? B HOH . 
# 
loop_
_pdbx_refine_tls.id 
_pdbx_refine_tls.details 
_pdbx_refine_tls.method 
_pdbx_refine_tls.origin_x 
_pdbx_refine_tls.origin_y 
_pdbx_refine_tls.origin_z 
_pdbx_refine_tls.T[1][1] 
_pdbx_refine_tls.T[2][2] 
_pdbx_refine_tls.T[3][3] 
_pdbx_refine_tls.T[1][2] 
_pdbx_refine_tls.T[1][3] 
_pdbx_refine_tls.T[2][3] 
_pdbx_refine_tls.L[1][1] 
_pdbx_refine_tls.L[2][2] 
_pdbx_refine_tls.L[3][3] 
_pdbx_refine_tls.L[1][2] 
_pdbx_refine_tls.L[1][3] 
_pdbx_refine_tls.L[2][3] 
_pdbx_refine_tls.S[1][1] 
_pdbx_refine_tls.S[2][2] 
_pdbx_refine_tls.S[3][3] 
_pdbx_refine_tls.S[1][2] 
_pdbx_refine_tls.S[1][3] 
_pdbx_refine_tls.S[2][3] 
_pdbx_refine_tls.S[2][1] 
_pdbx_refine_tls.S[3][1] 
_pdbx_refine_tls.S[3][2] 
_pdbx_refine_tls.pdbx_refine_id 
1 ? refined -4.4070 2.9866  -9.2412 0.1658  0.1924  -0.1847 0.1861 0.0225 0.0806 3.3609 5.0471 4.2237 -1.1253 -2.1082 0.5219  0.4343 -0.3739 -0.0605 1.0147 0.0676 0.2706  -0.9504 -0.0974 -0.8100 'X-RAY DIFFRACTION' 
2 ? refined 1.7437  -1.3491 2.5271  -0.1379 -0.1426 -0.2448 0.0607 0.0409 0.0413 2.4600 3.2761 2.8699 -0.0100 -0.9617 -0.8217 0.2306 -0.1816 -0.0489 0.3721 0.0804 -0.0807 -0.2867 -0.2182 -0.1609 'X-RAY DIFFRACTION' 
# 
loop_
_pdbx_refine_tls_group.id 
_pdbx_refine_tls_group.refine_tls_id 
_pdbx_refine_tls_group.beg_label_asym_id 
_pdbx_refine_tls_group.beg_label_seq_id 
_pdbx_refine_tls_group.end_label_asym_id 
_pdbx_refine_tls_group.end_label_seq_id 
_pdbx_refine_tls_group.selection 
_pdbx_refine_tls_group.beg_auth_asym_id 
_pdbx_refine_tls_group.beg_auth_seq_id 
_pdbx_refine_tls_group.end_auth_asym_id 
_pdbx_refine_tls_group.end_auth_seq_id 
_pdbx_refine_tls_group.pdbx_refine_id 
_pdbx_refine_tls_group.selection_details 
1 1 A 6  A 37  ALL A 5  A 36  'X-RAY DIFFRACTION' ? 
2 2 A 38 A 137 ALL A 37 A 136 'X-RAY DIFFRACTION' ? 
# 
_phasing.method   MAD 
# 
_pdbx_database_remark.id     999 
_pdbx_database_remark.text   
;
SEQUENCE
THE CONSTRUCT WAS EXPRESSED WITH A PURIFICATION TAG
MGSDKIHHHHHHENLYFQG. THE TAG WAS REMOVED WITH TEV PROTEASE
LEAVING ONLY A GLYCINE FOLLOWED BY THE TARGET SEQUENCE.
;
# 
loop_
_pdbx_unobs_or_zero_occ_residues.id 
_pdbx_unobs_or_zero_occ_residues.PDB_model_num 
_pdbx_unobs_or_zero_occ_residues.polymer_flag 
_pdbx_unobs_or_zero_occ_residues.occupancy_flag 
_pdbx_unobs_or_zero_occ_residues.auth_asym_id 
_pdbx_unobs_or_zero_occ_residues.auth_comp_id 
_pdbx_unobs_or_zero_occ_residues.auth_seq_id 
_pdbx_unobs_or_zero_occ_residues.PDB_ins_code 
_pdbx_unobs_or_zero_occ_residues.label_asym_id 
_pdbx_unobs_or_zero_occ_residues.label_comp_id 
_pdbx_unobs_or_zero_occ_residues.label_seq_id 
1 1 Y 1 A GLY 0   ? A GLY 1   
2 1 Y 1 A MSE 1   ? A MSE 2   
3 1 Y 1 A SER 2   ? A SER 3   
4 1 Y 1 A GLN 3   ? A GLN 4   
5 1 Y 1 A ASP 4   ? A ASP 5   
6 1 Y 1 A ALA 137 ? A ALA 138 
7 1 Y 1 A ARG 138 ? A ARG 139 
8 1 Y 1 A ARG 139 ? A ARG 140 
9 1 Y 1 A ALA 140 ? A ALA 141 
# 
loop_
_chem_comp_atom.comp_id 
_chem_comp_atom.atom_id 
_chem_comp_atom.type_symbol 
_chem_comp_atom.pdbx_aromatic_flag 
_chem_comp_atom.pdbx_stereo_config 
_chem_comp_atom.pdbx_ordinal 
ALA N    N  N N 1   
ALA CA   C  N S 2   
ALA C    C  N N 3   
ALA O    O  N N 4   
ALA CB   C  N N 5   
ALA OXT  O  N N 6   
ALA H    H  N N 7   
ALA H2   H  N N 8   
ALA HA   H  N N 9   
ALA HB1  H  N N 10  
ALA HB2  H  N N 11  
ALA HB3  H  N N 12  
ALA HXT  H  N N 13  
ARG N    N  N N 14  
ARG CA   C  N S 15  
ARG C    C  N N 16  
ARG O    O  N N 17  
ARG CB   C  N N 18  
ARG CG   C  N N 19  
ARG CD   C  N N 20  
ARG NE   N  N N 21  
ARG CZ   C  N N 22  
ARG NH1  N  N N 23  
ARG NH2  N  N N 24  
ARG OXT  O  N N 25  
ARG H    H  N N 26  
ARG H2   H  N N 27  
ARG HA   H  N N 28  
ARG HB2  H  N N 29  
ARG HB3  H  N N 30  
ARG HG2  H  N N 31  
ARG HG3  H  N N 32  
ARG HD2  H  N N 33  
ARG HD3  H  N N 34  
ARG HE   H  N N 35  
ARG HH11 H  N N 36  
ARG HH12 H  N N 37  
ARG HH21 H  N N 38  
ARG HH22 H  N N 39  
ARG HXT  H  N N 40  
ASN N    N  N N 41  
ASN CA   C  N S 42  
ASN C    C  N N 43  
ASN O    O  N N 44  
ASN CB   C  N N 45  
ASN CG   C  N N 46  
ASN OD1  O  N N 47  
ASN ND2  N  N N 48  
ASN OXT  O  N N 49  
ASN H    H  N N 50  
ASN H2   H  N N 51  
ASN HA   H  N N 52  
ASN HB2  H  N N 53  
ASN HB3  H  N N 54  
ASN HD21 H  N N 55  
ASN HD22 H  N N 56  
ASN HXT  H  N N 57  
ASP N    N  N N 58  
ASP CA   C  N S 59  
ASP C    C  N N 60  
ASP O    O  N N 61  
ASP CB   C  N N 62  
ASP CG   C  N N 63  
ASP OD1  O  N N 64  
ASP OD2  O  N N 65  
ASP OXT  O  N N 66  
ASP H    H  N N 67  
ASP H2   H  N N 68  
ASP HA   H  N N 69  
ASP HB2  H  N N 70  
ASP HB3  H  N N 71  
ASP HD2  H  N N 72  
ASP HXT  H  N N 73  
CYS N    N  N N 74  
CYS CA   C  N R 75  
CYS C    C  N N 76  
CYS O    O  N N 77  
CYS CB   C  N N 78  
CYS SG   S  N N 79  
CYS OXT  O  N N 80  
CYS H    H  N N 81  
CYS H2   H  N N 82  
CYS HA   H  N N 83  
CYS HB2  H  N N 84  
CYS HB3  H  N N 85  
CYS HG   H  N N 86  
CYS HXT  H  N N 87  
GLN N    N  N N 88  
GLN CA   C  N S 89  
GLN C    C  N N 90  
GLN O    O  N N 91  
GLN CB   C  N N 92  
GLN CG   C  N N 93  
GLN CD   C  N N 94  
GLN OE1  O  N N 95  
GLN NE2  N  N N 96  
GLN OXT  O  N N 97  
GLN H    H  N N 98  
GLN H2   H  N N 99  
GLN HA   H  N N 100 
GLN HB2  H  N N 101 
GLN HB3  H  N N 102 
GLN HG2  H  N N 103 
GLN HG3  H  N N 104 
GLN HE21 H  N N 105 
GLN HE22 H  N N 106 
GLN HXT  H  N N 107 
GLU N    N  N N 108 
GLU CA   C  N S 109 
GLU C    C  N N 110 
GLU O    O  N N 111 
GLU CB   C  N N 112 
GLU CG   C  N N 113 
GLU CD   C  N N 114 
GLU OE1  O  N N 115 
GLU OE2  O  N N 116 
GLU OXT  O  N N 117 
GLU H    H  N N 118 
GLU H2   H  N N 119 
GLU HA   H  N N 120 
GLU HB2  H  N N 121 
GLU HB3  H  N N 122 
GLU HG2  H  N N 123 
GLU HG3  H  N N 124 
GLU HE2  H  N N 125 
GLU HXT  H  N N 126 
GLY N    N  N N 127 
GLY CA   C  N N 128 
GLY C    C  N N 129 
GLY O    O  N N 130 
GLY OXT  O  N N 131 
GLY H    H  N N 132 
GLY H2   H  N N 133 
GLY HA2  H  N N 134 
GLY HA3  H  N N 135 
GLY HXT  H  N N 136 
HOH O    O  N N 137 
HOH H1   H  N N 138 
HOH H2   H  N N 139 
ILE N    N  N N 140 
ILE CA   C  N S 141 
ILE C    C  N N 142 
ILE O    O  N N 143 
ILE CB   C  N S 144 
ILE CG1  C  N N 145 
ILE CG2  C  N N 146 
ILE CD1  C  N N 147 
ILE OXT  O  N N 148 
ILE H    H  N N 149 
ILE H2   H  N N 150 
ILE HA   H  N N 151 
ILE HB   H  N N 152 
ILE HG12 H  N N 153 
ILE HG13 H  N N 154 
ILE HG21 H  N N 155 
ILE HG22 H  N N 156 
ILE HG23 H  N N 157 
ILE HD11 H  N N 158 
ILE HD12 H  N N 159 
ILE HD13 H  N N 160 
ILE HXT  H  N N 161 
LEU N    N  N N 162 
LEU CA   C  N S 163 
LEU C    C  N N 164 
LEU O    O  N N 165 
LEU CB   C  N N 166 
LEU CG   C  N N 167 
LEU CD1  C  N N 168 
LEU CD2  C  N N 169 
LEU OXT  O  N N 170 
LEU H    H  N N 171 
LEU H2   H  N N 172 
LEU HA   H  N N 173 
LEU HB2  H  N N 174 
LEU HB3  H  N N 175 
LEU HG   H  N N 176 
LEU HD11 H  N N 177 
LEU HD12 H  N N 178 
LEU HD13 H  N N 179 
LEU HD21 H  N N 180 
LEU HD22 H  N N 181 
LEU HD23 H  N N 182 
LEU HXT  H  N N 183 
LYS N    N  N N 184 
LYS CA   C  N S 185 
LYS C    C  N N 186 
LYS O    O  N N 187 
LYS CB   C  N N 188 
LYS CG   C  N N 189 
LYS CD   C  N N 190 
LYS CE   C  N N 191 
LYS NZ   N  N N 192 
LYS OXT  O  N N 193 
LYS H    H  N N 194 
LYS H2   H  N N 195 
LYS HA   H  N N 196 
LYS HB2  H  N N 197 
LYS HB3  H  N N 198 
LYS HG2  H  N N 199 
LYS HG3  H  N N 200 
LYS HD2  H  N N 201 
LYS HD3  H  N N 202 
LYS HE2  H  N N 203 
LYS HE3  H  N N 204 
LYS HZ1  H  N N 205 
LYS HZ2  H  N N 206 
LYS HZ3  H  N N 207 
LYS HXT  H  N N 208 
MSE N    N  N N 209 
MSE CA   C  N S 210 
MSE C    C  N N 211 
MSE O    O  N N 212 
MSE OXT  O  N N 213 
MSE CB   C  N N 214 
MSE CG   C  N N 215 
MSE SE   SE N N 216 
MSE CE   C  N N 217 
MSE H    H  N N 218 
MSE H2   H  N N 219 
MSE HA   H  N N 220 
MSE HXT  H  N N 221 
MSE HB2  H  N N 222 
MSE HB3  H  N N 223 
MSE HG2  H  N N 224 
MSE HG3  H  N N 225 
MSE HE1  H  N N 226 
MSE HE2  H  N N 227 
MSE HE3  H  N N 228 
PHE N    N  N N 229 
PHE CA   C  N S 230 
PHE C    C  N N 231 
PHE O    O  N N 232 
PHE CB   C  N N 233 
PHE CG   C  Y N 234 
PHE CD1  C  Y N 235 
PHE CD2  C  Y N 236 
PHE CE1  C  Y N 237 
PHE CE2  C  Y N 238 
PHE CZ   C  Y N 239 
PHE OXT  O  N N 240 
PHE H    H  N N 241 
PHE H2   H  N N 242 
PHE HA   H  N N 243 
PHE HB2  H  N N 244 
PHE HB3  H  N N 245 
PHE HD1  H  N N 246 
PHE HD2  H  N N 247 
PHE HE1  H  N N 248 
PHE HE2  H  N N 249 
PHE HZ   H  N N 250 
PHE HXT  H  N N 251 
PRO N    N  N N 252 
PRO CA   C  N S 253 
PRO C    C  N N 254 
PRO O    O  N N 255 
PRO CB   C  N N 256 
PRO CG   C  N N 257 
PRO CD   C  N N 258 
PRO OXT  O  N N 259 
PRO H    H  N N 260 
PRO HA   H  N N 261 
PRO HB2  H  N N 262 
PRO HB3  H  N N 263 
PRO HG2  H  N N 264 
PRO HG3  H  N N 265 
PRO HD2  H  N N 266 
PRO HD3  H  N N 267 
PRO HXT  H  N N 268 
SER N    N  N N 269 
SER CA   C  N S 270 
SER C    C  N N 271 
SER O    O  N N 272 
SER CB   C  N N 273 
SER OG   O  N N 274 
SER OXT  O  N N 275 
SER H    H  N N 276 
SER H2   H  N N 277 
SER HA   H  N N 278 
SER HB2  H  N N 279 
SER HB3  H  N N 280 
SER HG   H  N N 281 
SER HXT  H  N N 282 
THR N    N  N N 283 
THR CA   C  N S 284 
THR C    C  N N 285 
THR O    O  N N 286 
THR CB   C  N R 287 
THR OG1  O  N N 288 
THR CG2  C  N N 289 
THR OXT  O  N N 290 
THR H    H  N N 291 
THR H2   H  N N 292 
THR HA   H  N N 293 
THR HB   H  N N 294 
THR HG1  H  N N 295 
THR HG21 H  N N 296 
THR HG22 H  N N 297 
THR HG23 H  N N 298 
THR HXT  H  N N 299 
TYR N    N  N N 300 
TYR CA   C  N S 301 
TYR C    C  N N 302 
TYR O    O  N N 303 
TYR CB   C  N N 304 
TYR CG   C  Y N 305 
TYR CD1  C  Y N 306 
TYR CD2  C  Y N 307 
TYR CE1  C  Y N 308 
TYR CE2  C  Y N 309 
TYR CZ   C  Y N 310 
TYR OH   O  N N 311 
TYR OXT  O  N N 312 
TYR H    H  N N 313 
TYR H2   H  N N 314 
TYR HA   H  N N 315 
TYR HB2  H  N N 316 
TYR HB3  H  N N 317 
TYR HD1  H  N N 318 
TYR HD2  H  N N 319 
TYR HE1  H  N N 320 
TYR HE2  H  N N 321 
TYR HH   H  N N 322 
TYR HXT  H  N N 323 
VAL N    N  N N 324 
VAL CA   C  N S 325 
VAL C    C  N N 326 
VAL O    O  N N 327 
VAL CB   C  N N 328 
VAL CG1  C  N N 329 
VAL CG2  C  N N 330 
VAL OXT  O  N N 331 
VAL H    H  N N 332 
VAL H2   H  N N 333 
VAL HA   H  N N 334 
VAL HB   H  N N 335 
VAL HG11 H  N N 336 
VAL HG12 H  N N 337 
VAL HG13 H  N N 338 
VAL HG21 H  N N 339 
VAL HG22 H  N N 340 
VAL HG23 H  N N 341 
VAL HXT  H  N N 342 
# 
loop_
_chem_comp_bond.comp_id 
_chem_comp_bond.atom_id_1 
_chem_comp_bond.atom_id_2 
_chem_comp_bond.value_order 
_chem_comp_bond.pdbx_aromatic_flag 
_chem_comp_bond.pdbx_stereo_config 
_chem_comp_bond.pdbx_ordinal 
ALA N   CA   sing N N 1   
ALA N   H    sing N N 2   
ALA N   H2   sing N N 3   
ALA CA  C    sing N N 4   
ALA CA  CB   sing N N 5   
ALA CA  HA   sing N N 6   
ALA C   O    doub N N 7   
ALA C   OXT  sing N N 8   
ALA CB  HB1  sing N N 9   
ALA CB  HB2  sing N N 10  
ALA CB  HB3  sing N N 11  
ALA OXT HXT  sing N N 12  
ARG N   CA   sing N N 13  
ARG N   H    sing N N 14  
ARG N   H2   sing N N 15  
ARG CA  C    sing N N 16  
ARG CA  CB   sing N N 17  
ARG CA  HA   sing N N 18  
ARG C   O    doub N N 19  
ARG C   OXT  sing N N 20  
ARG CB  CG   sing N N 21  
ARG CB  HB2  sing N N 22  
ARG CB  HB3  sing N N 23  
ARG CG  CD   sing N N 24  
ARG CG  HG2  sing N N 25  
ARG CG  HG3  sing N N 26  
ARG CD  NE   sing N N 27  
ARG CD  HD2  sing N N 28  
ARG CD  HD3  sing N N 29  
ARG NE  CZ   sing N N 30  
ARG NE  HE   sing N N 31  
ARG CZ  NH1  sing N N 32  
ARG CZ  NH2  doub N N 33  
ARG NH1 HH11 sing N N 34  
ARG NH1 HH12 sing N N 35  
ARG NH2 HH21 sing N N 36  
ARG NH2 HH22 sing N N 37  
ARG OXT HXT  sing N N 38  
ASN N   CA   sing N N 39  
ASN N   H    sing N N 40  
ASN N   H2   sing N N 41  
ASN CA  C    sing N N 42  
ASN CA  CB   sing N N 43  
ASN CA  HA   sing N N 44  
ASN C   O    doub N N 45  
ASN C   OXT  sing N N 46  
ASN CB  CG   sing N N 47  
ASN CB  HB2  sing N N 48  
ASN CB  HB3  sing N N 49  
ASN CG  OD1  doub N N 50  
ASN CG  ND2  sing N N 51  
ASN ND2 HD21 sing N N 52  
ASN ND2 HD22 sing N N 53  
ASN OXT HXT  sing N N 54  
ASP N   CA   sing N N 55  
ASP N   H    sing N N 56  
ASP N   H2   sing N N 57  
ASP CA  C    sing N N 58  
ASP CA  CB   sing N N 59  
ASP CA  HA   sing N N 60  
ASP C   O    doub N N 61  
ASP C   OXT  sing N N 62  
ASP CB  CG   sing N N 63  
ASP CB  HB2  sing N N 64  
ASP CB  HB3  sing N N 65  
ASP CG  OD1  doub N N 66  
ASP CG  OD2  sing N N 67  
ASP OD2 HD2  sing N N 68  
ASP OXT HXT  sing N N 69  
CYS N   CA   sing N N 70  
CYS N   H    sing N N 71  
CYS N   H2   sing N N 72  
CYS CA  C    sing N N 73  
CYS CA  CB   sing N N 74  
CYS CA  HA   sing N N 75  
CYS C   O    doub N N 76  
CYS C   OXT  sing N N 77  
CYS CB  SG   sing N N 78  
CYS CB  HB2  sing N N 79  
CYS CB  HB3  sing N N 80  
CYS SG  HG   sing N N 81  
CYS OXT HXT  sing N N 82  
GLN N   CA   sing N N 83  
GLN N   H    sing N N 84  
GLN N   H2   sing N N 85  
GLN CA  C    sing N N 86  
GLN CA  CB   sing N N 87  
GLN CA  HA   sing N N 88  
GLN C   O    doub N N 89  
GLN C   OXT  sing N N 90  
GLN CB  CG   sing N N 91  
GLN CB  HB2  sing N N 92  
GLN CB  HB3  sing N N 93  
GLN CG  CD   sing N N 94  
GLN CG  HG2  sing N N 95  
GLN CG  HG3  sing N N 96  
GLN CD  OE1  doub N N 97  
GLN CD  NE2  sing N N 98  
GLN NE2 HE21 sing N N 99  
GLN NE2 HE22 sing N N 100 
GLN OXT HXT  sing N N 101 
GLU N   CA   sing N N 102 
GLU N   H    sing N N 103 
GLU N   H2   sing N N 104 
GLU CA  C    sing N N 105 
GLU CA  CB   sing N N 106 
GLU CA  HA   sing N N 107 
GLU C   O    doub N N 108 
GLU C   OXT  sing N N 109 
GLU CB  CG   sing N N 110 
GLU CB  HB2  sing N N 111 
GLU CB  HB3  sing N N 112 
GLU CG  CD   sing N N 113 
GLU CG  HG2  sing N N 114 
GLU CG  HG3  sing N N 115 
GLU CD  OE1  doub N N 116 
GLU CD  OE2  sing N N 117 
GLU OE2 HE2  sing N N 118 
GLU OXT HXT  sing N N 119 
GLY N   CA   sing N N 120 
GLY N   H    sing N N 121 
GLY N   H2   sing N N 122 
GLY CA  C    sing N N 123 
GLY CA  HA2  sing N N 124 
GLY CA  HA3  sing N N 125 
GLY C   O    doub N N 126 
GLY C   OXT  sing N N 127 
GLY OXT HXT  sing N N 128 
HOH O   H1   sing N N 129 
HOH O   H2   sing N N 130 
ILE N   CA   sing N N 131 
ILE N   H    sing N N 132 
ILE N   H2   sing N N 133 
ILE CA  C    sing N N 134 
ILE CA  CB   sing N N 135 
ILE CA  HA   sing N N 136 
ILE C   O    doub N N 137 
ILE C   OXT  sing N N 138 
ILE CB  CG1  sing N N 139 
ILE CB  CG2  sing N N 140 
ILE CB  HB   sing N N 141 
ILE CG1 CD1  sing N N 142 
ILE CG1 HG12 sing N N 143 
ILE CG1 HG13 sing N N 144 
ILE CG2 HG21 sing N N 145 
ILE CG2 HG22 sing N N 146 
ILE CG2 HG23 sing N N 147 
ILE CD1 HD11 sing N N 148 
ILE CD1 HD12 sing N N 149 
ILE CD1 HD13 sing N N 150 
ILE OXT HXT  sing N N 151 
LEU N   CA   sing N N 152 
LEU N   H    sing N N 153 
LEU N   H2   sing N N 154 
LEU CA  C    sing N N 155 
LEU CA  CB   sing N N 156 
LEU CA  HA   sing N N 157 
LEU C   O    doub N N 158 
LEU C   OXT  sing N N 159 
LEU CB  CG   sing N N 160 
LEU CB  HB2  sing N N 161 
LEU CB  HB3  sing N N 162 
LEU CG  CD1  sing N N 163 
LEU CG  CD2  sing N N 164 
LEU CG  HG   sing N N 165 
LEU CD1 HD11 sing N N 166 
LEU CD1 HD12 sing N N 167 
LEU CD1 HD13 sing N N 168 
LEU CD2 HD21 sing N N 169 
LEU CD2 HD22 sing N N 170 
LEU CD2 HD23 sing N N 171 
LEU OXT HXT  sing N N 172 
LYS N   CA   sing N N 173 
LYS N   H    sing N N 174 
LYS N   H2   sing N N 175 
LYS CA  C    sing N N 176 
LYS CA  CB   sing N N 177 
LYS CA  HA   sing N N 178 
LYS C   O    doub N N 179 
LYS C   OXT  sing N N 180 
LYS CB  CG   sing N N 181 
LYS CB  HB2  sing N N 182 
LYS CB  HB3  sing N N 183 
LYS CG  CD   sing N N 184 
LYS CG  HG2  sing N N 185 
LYS CG  HG3  sing N N 186 
LYS CD  CE   sing N N 187 
LYS CD  HD2  sing N N 188 
LYS CD  HD3  sing N N 189 
LYS CE  NZ   sing N N 190 
LYS CE  HE2  sing N N 191 
LYS CE  HE3  sing N N 192 
LYS NZ  HZ1  sing N N 193 
LYS NZ  HZ2  sing N N 194 
LYS NZ  HZ3  sing N N 195 
LYS OXT HXT  sing N N 196 
MSE N   CA   sing N N 197 
MSE N   H    sing N N 198 
MSE N   H2   sing N N 199 
MSE CA  C    sing N N 200 
MSE CA  CB   sing N N 201 
MSE CA  HA   sing N N 202 
MSE C   O    doub N N 203 
MSE C   OXT  sing N N 204 
MSE OXT HXT  sing N N 205 
MSE CB  CG   sing N N 206 
MSE CB  HB2  sing N N 207 
MSE CB  HB3  sing N N 208 
MSE CG  SE   sing N N 209 
MSE CG  HG2  sing N N 210 
MSE CG  HG3  sing N N 211 
MSE SE  CE   sing N N 212 
MSE CE  HE1  sing N N 213 
MSE CE  HE2  sing N N 214 
MSE CE  HE3  sing N N 215 
PHE N   CA   sing N N 216 
PHE N   H    sing N N 217 
PHE N   H2   sing N N 218 
PHE CA  C    sing N N 219 
PHE CA  CB   sing N N 220 
PHE CA  HA   sing N N 221 
PHE C   O    doub N N 222 
PHE C   OXT  sing N N 223 
PHE CB  CG   sing N N 224 
PHE CB  HB2  sing N N 225 
PHE CB  HB3  sing N N 226 
PHE CG  CD1  doub Y N 227 
PHE CG  CD2  sing Y N 228 
PHE CD1 CE1  sing Y N 229 
PHE CD1 HD1  sing N N 230 
PHE CD2 CE2  doub Y N 231 
PHE CD2 HD2  sing N N 232 
PHE CE1 CZ   doub Y N 233 
PHE CE1 HE1  sing N N 234 
PHE CE2 CZ   sing Y N 235 
PHE CE2 HE2  sing N N 236 
PHE CZ  HZ   sing N N 237 
PHE OXT HXT  sing N N 238 
PRO N   CA   sing N N 239 
PRO N   CD   sing N N 240 
PRO N   H    sing N N 241 
PRO CA  C    sing N N 242 
PRO CA  CB   sing N N 243 
PRO CA  HA   sing N N 244 
PRO C   O    doub N N 245 
PRO C   OXT  sing N N 246 
PRO CB  CG   sing N N 247 
PRO CB  HB2  sing N N 248 
PRO CB  HB3  sing N N 249 
PRO CG  CD   sing N N 250 
PRO CG  HG2  sing N N 251 
PRO CG  HG3  sing N N 252 
PRO CD  HD2  sing N N 253 
PRO CD  HD3  sing N N 254 
PRO OXT HXT  sing N N 255 
SER N   CA   sing N N 256 
SER N   H    sing N N 257 
SER N   H2   sing N N 258 
SER CA  C    sing N N 259 
SER CA  CB   sing N N 260 
SER CA  HA   sing N N 261 
SER C   O    doub N N 262 
SER C   OXT  sing N N 263 
SER CB  OG   sing N N 264 
SER CB  HB2  sing N N 265 
SER CB  HB3  sing N N 266 
SER OG  HG   sing N N 267 
SER OXT HXT  sing N N 268 
THR N   CA   sing N N 269 
THR N   H    sing N N 270 
THR N   H2   sing N N 271 
THR CA  C    sing N N 272 
THR CA  CB   sing N N 273 
THR CA  HA   sing N N 274 
THR C   O    doub N N 275 
THR C   OXT  sing N N 276 
THR CB  OG1  sing N N 277 
THR CB  CG2  sing N N 278 
THR CB  HB   sing N N 279 
THR OG1 HG1  sing N N 280 
THR CG2 HG21 sing N N 281 
THR CG2 HG22 sing N N 282 
THR CG2 HG23 sing N N 283 
THR OXT HXT  sing N N 284 
TYR N   CA   sing N N 285 
TYR N   H    sing N N 286 
TYR N   H2   sing N N 287 
TYR CA  C    sing N N 288 
TYR CA  CB   sing N N 289 
TYR CA  HA   sing N N 290 
TYR C   O    doub N N 291 
TYR C   OXT  sing N N 292 
TYR CB  CG   sing N N 293 
TYR CB  HB2  sing N N 294 
TYR CB  HB3  sing N N 295 
TYR CG  CD1  doub Y N 296 
TYR CG  CD2  sing Y N 297 
TYR CD1 CE1  sing Y N 298 
TYR CD1 HD1  sing N N 299 
TYR CD2 CE2  doub Y N 300 
TYR CD2 HD2  sing N N 301 
TYR CE1 CZ   doub Y N 302 
TYR CE1 HE1  sing N N 303 
TYR CE2 CZ   sing Y N 304 
TYR CE2 HE2  sing N N 305 
TYR CZ  OH   sing N N 306 
TYR OH  HH   sing N N 307 
TYR OXT HXT  sing N N 308 
VAL N   CA   sing N N 309 
VAL N   H    sing N N 310 
VAL N   H2   sing N N 311 
VAL CA  C    sing N N 312 
VAL CA  CB   sing N N 313 
VAL CA  HA   sing N N 314 
VAL C   O    doub N N 315 
VAL C   OXT  sing N N 316 
VAL CB  CG1  sing N N 317 
VAL CB  CG2  sing N N 318 
VAL CB  HB   sing N N 319 
VAL CG1 HG11 sing N N 320 
VAL CG1 HG12 sing N N 321 
VAL CG1 HG13 sing N N 322 
VAL CG2 HG21 sing N N 323 
VAL CG2 HG22 sing N N 324 
VAL CG2 HG23 sing N N 325 
VAL OXT HXT  sing N N 326 
# 
_atom_sites.entry_id                    2PIM 
_atom_sites.fract_transf_matrix[1][1]   0.00701340 
_atom_sites.fract_transf_matrix[1][2]   -0.00724385 
_atom_sites.fract_transf_matrix[1][3]   -0.00225097 
_atom_sites.fract_transf_matrix[2][1]   -0.00006749 
_atom_sites.fract_transf_matrix[2][2]   -0.00899944 
_atom_sites.fract_transf_matrix[2][3]   0.00507094 
_atom_sites.fract_transf_matrix[3][1]   -0.01326546 
_atom_sites.fract_transf_matrix[3][2]   -0.00824284 
_atom_sites.fract_transf_matrix[3][3]   -0.01480519 
_atom_sites.fract_transf_vector[1]      0.431251 
_atom_sites.fract_transf_vector[2]      0.332652 
_atom_sites.fract_transf_vector[3]      0.102751 
# 
loop_
_atom_type.symbol 
C  
N  
O  
S  
SE 
# 
loop_
_atom_site.group_PDB 
_atom_site.id 
_atom_site.type_symbol 
_atom_site.label_atom_id 
_atom_site.label_alt_id 
_atom_site.label_comp_id 
_atom_site.label_asym_id 
_atom_site.label_entity_id 
_atom_site.label_seq_id 
_atom_site.pdbx_PDB_ins_code 
_atom_site.Cartn_x 
_atom_site.Cartn_y 
_atom_site.Cartn_z 
_atom_site.occupancy 
_atom_site.B_iso_or_equiv 
_atom_site.pdbx_formal_charge 
_atom_site.auth_seq_id 
_atom_site.auth_comp_id 
_atom_site.auth_asym_id 
_atom_site.auth_atom_id 
_atom_site.pdbx_PDB_model_num 
ATOM   1    N  N   . ASN A 1 6   ? -9.546  -3.873  -16.682 1.00 21.60 ? 5   ASN A N   1 
ATOM   2    C  CA  . ASN A 1 6   ? -9.009  -3.807  -15.265 1.00 25.73 ? 5   ASN A CA  1 
ATOM   3    C  C   . ASN A 1 6   ? -9.580  -2.597  -14.536 1.00 25.40 ? 5   ASN A C   1 
ATOM   4    O  O   . ASN A 1 6   ? -9.380  -1.474  -14.993 1.00 26.15 ? 5   ASN A O   1 
ATOM   5    C  CB  . ASN A 1 6   ? -7.470  -3.666  -15.301 1.00 26.26 ? 5   ASN A CB  1 
ATOM   6    C  CG  . ASN A 1 6   ? -6.775  -4.355  -14.174 1.00 27.49 ? 5   ASN A CG  1 
ATOM   7    O  OD1 . ASN A 1 6   ? -7.242  -5.356  -13.673 1.00 37.80 ? 5   ASN A OD1 1 
ATOM   8    N  ND2 . ASN A 1 6   ? -5.597  -3.853  -13.805 1.00 39.83 ? 5   ASN A ND2 1 
ATOM   9    N  N   . TYR A 1 7   ? -10.281 -2.795  -13.423 1.00 24.80 ? 6   TYR A N   1 
ATOM   10   C  CA  . TYR A 1 7   ? -10.677 -1.644  -12.633 1.00 26.44 ? 6   TYR A CA  1 
ATOM   11   C  C   . TYR A 1 7   ? -9.451  -0.772  -12.336 1.00 25.60 ? 6   TYR A C   1 
ATOM   12   O  O   . TYR A 1 7   ? -9.509  0.436   -12.446 1.00 26.58 ? 6   TYR A O   1 
ATOM   13   C  CB  . TYR A 1 7   ? -11.359 -2.028  -11.308 1.00 30.12 ? 6   TYR A CB  1 
ATOM   14   C  CG  . TYR A 1 7   ? -11.252 -0.920  -10.255 1.00 28.37 ? 6   TYR A CG  1 
ATOM   15   C  CD1 . TYR A 1 7   ? -12.226 0.087   -10.147 1.00 34.20 ? 6   TYR A CD1 1 
ATOM   16   C  CD2 . TYR A 1 7   ? -10.147 -0.866  -9.385  1.00 44.02 ? 6   TYR A CD2 1 
ATOM   17   C  CE1 . TYR A 1 7   ? -12.106 1.113   -9.191  1.00 33.53 ? 6   TYR A CE1 1 
ATOM   18   C  CE2 . TYR A 1 7   ? -10.014 0.147   -8.421  1.00 39.71 ? 6   TYR A CE2 1 
ATOM   19   C  CZ  . TYR A 1 7   ? -10.990 1.130   -8.334  1.00 40.39 ? 6   TYR A CZ  1 
ATOM   20   O  OH  . TYR A 1 7   ? -10.826 2.108   -7.378  1.00 39.96 ? 6   TYR A OH  1 
ATOM   21   N  N   . PHE A 1 8   ? -8.354  -1.402  -11.938 1.00 26.25 ? 7   PHE A N   1 
ATOM   22   C  CA  . PHE A 1 8   ? -7.129  -0.687  -11.541 1.00 24.97 ? 7   PHE A CA  1 
ATOM   23   C  C   . PHE A 1 8   ? -6.591  0.252   -12.643 1.00 26.11 ? 7   PHE A C   1 
ATOM   24   O  O   . PHE A 1 8   ? -6.216  1.395   -12.368 1.00 25.41 ? 7   PHE A O   1 
ATOM   25   C  CB  . PHE A 1 8   ? -6.056  -1.700  -11.195 1.00 21.11 ? 7   PHE A CB  1 
ATOM   26   C  CG  . PHE A 1 8   ? -4.708  -1.107  -10.995 1.00 16.71 ? 7   PHE A CG  1 
ATOM   27   C  CD1 . PHE A 1 8   ? -4.317  -0.653  -9.741  1.00 22.02 ? 7   PHE A CD1 1 
ATOM   28   C  CD2 . PHE A 1 8   ? -3.810  -1.025  -12.040 1.00 19.72 ? 7   PHE A CD2 1 
ATOM   29   C  CE1 . PHE A 1 8   ? -3.084  -0.097  -9.553  1.00 18.72 ? 7   PHE A CE1 1 
ATOM   30   C  CE2 . PHE A 1 8   ? -2.561  -0.477  -11.851 1.00 21.83 ? 7   PHE A CE2 1 
ATOM   31   C  CZ  . PHE A 1 8   ? -2.195  -0.027  -10.610 1.00 19.75 ? 7   PHE A CZ  1 
ATOM   32   N  N   . SER A 1 9   ? -6.516  -0.239  -13.875 1.00 25.10 ? 8   SER A N   1 
ATOM   33   C  CA  . SER A 1 9   ? -5.937  0.577   -14.935 1.00 28.17 ? 8   SER A CA  1 
ATOM   34   C  C   . SER A 1 9   ? -6.909  1.671   -15.381 1.00 28.92 ? 8   SER A C   1 
ATOM   35   O  O   . SER A 1 9   ? -6.466  2.731   -15.805 1.00 30.95 ? 8   SER A O   1 
ATOM   36   C  CB  . SER A 1 9   ? -5.450  -0.267  -16.113 1.00 27.38 ? 8   SER A CB  1 
ATOM   37   O  OG  . SER A 1 9   ? -6.531  -0.970  -16.648 1.00 31.87 ? 8   SER A OG  1 
ATOM   38   N  N   . ARG A 1 10  ? -8.215  1.425   -15.258 1.00 28.80 ? 9   ARG A N   1 
ATOM   39   C  CA  . ARG A 1 10  ? -9.221  2.485   -15.423 1.00 29.06 ? 9   ARG A CA  1 
ATOM   40   C  C   . ARG A 1 10  ? -9.001  3.591   -14.393 1.00 29.46 ? 9   ARG A C   1 
ATOM   41   O  O   . ARG A 1 10  ? -9.018  4.775   -14.712 1.00 29.54 ? 9   ARG A O   1 
ATOM   42   C  CB  . ARG A 1 10  ? -10.645 1.928   -15.299 1.00 27.40 ? 9   ARG A CB  1 
ATOM   43   C  CG  . ARG A 1 10  ? -11.081 1.118   -16.493 1.00 27.49 ? 9   ARG A CG  1 
ATOM   44   C  CD  . ARG A 1 10  ? -12.577 0.904   -16.495 1.00 29.63 ? 9   ARG A CD  1 
ATOM   45   N  NE  . ARG A 1 10  ? -13.007 -0.017  -15.443 1.00 30.05 ? 9   ARG A NE  1 
ATOM   46   C  CZ  . ARG A 1 10  ? -12.994 -1.345  -15.552 1.00 27.93 ? 9   ARG A CZ  1 
ATOM   47   N  NH1 . ARG A 1 10  ? -12.559 -1.933  -16.658 1.00 28.32 ? 9   ARG A NH1 1 
ATOM   48   N  NH2 . ARG A 1 10  ? -13.411 -2.097  -14.543 1.00 25.40 ? 9   ARG A NH2 1 
HETATM 49   N  N   . MSE A 1 11  ? -8.798  3.191   -13.154 1.00 32.07 ? 10  MSE A N   1 
HETATM 50   C  CA  . MSE A 1 11  ? -8.503  4.129   -12.078 1.00 34.15 ? 10  MSE A CA  1 
HETATM 51   C  C   . MSE A 1 11  ? -7.250  4.984   -12.364 1.00 33.00 ? 10  MSE A C   1 
HETATM 52   O  O   . MSE A 1 11  ? -7.250  6.175   -12.101 1.00 34.16 ? 10  MSE A O   1 
HETATM 53   C  CB  . MSE A 1 11  ? -8.342  3.360   -10.772 1.00 33.62 ? 10  MSE A CB  1 
HETATM 54   C  CG  . MSE A 1 11  ? -8.182  4.230   -9.543  1.00 33.82 ? 10  MSE A CG  1 
HETATM 55   SE SE  . MSE A 1 11  ? -7.151  3.307   -8.212  0.75 44.27 ? 10  MSE A SE  1 
HETATM 56   C  CE  . MSE A 1 11  ? -5.357  3.860   -8.824  1.00 47.91 ? 10  MSE A CE  1 
ATOM   57   N  N   . LEU A 1 12  ? -6.197  4.379   -12.899 1.00 33.40 ? 11  LEU A N   1 
ATOM   58   C  CA  . LEU A 1 12  ? -4.960  5.104   -13.203 1.00 35.21 ? 11  LEU A CA  1 
ATOM   59   C  C   . LEU A 1 12  ? -5.082  6.187   -14.248 1.00 36.59 ? 11  LEU A C   1 
ATOM   60   O  O   . LEU A 1 12  ? -4.331  7.145   -14.221 1.00 40.28 ? 11  LEU A O   1 
ATOM   61   C  CB  . LEU A 1 12  ? -3.887  4.162   -13.730 1.00 35.60 ? 11  LEU A CB  1 
ATOM   62   C  CG  . LEU A 1 12  ? -3.156  3.292   -12.736 1.00 35.88 ? 11  LEU A CG  1 
ATOM   63   C  CD1 . LEU A 1 12  ? -2.073  2.544   -13.494 1.00 34.66 ? 11  LEU A CD1 1 
ATOM   64   C  CD2 . LEU A 1 12  ? -2.570  4.125   -11.635 1.00 36.44 ? 11  LEU A CD2 1 
ATOM   65   N  N   . ARG A 1 13  ? -5.982  6.018   -15.198 1.00 35.59 ? 12  ARG A N   1 
ATOM   66   C  CA  . ARG A 1 13  ? -6.122  6.988   -16.277 1.00 35.69 ? 12  ARG A CA  1 
ATOM   67   C  C   . ARG A 1 13  ? -7.345  7.881   -16.052 1.00 35.49 ? 12  ARG A C   1 
ATOM   68   O  O   . ARG A 1 13  ? -7.852  8.506   -16.980 1.00 38.13 ? 12  ARG A O   1 
ATOM   69   C  CB  . ARG A 1 13  ? -6.156  6.281   -17.639 1.00 34.84 ? 12  ARG A CB  1 
ATOM   70   C  CG  . ARG A 1 13  ? -7.253  5.261   -17.788 1.00 35.25 ? 12  ARG A CG  1 
ATOM   71   C  CD  . ARG A 1 13  ? -7.287  4.671   -19.171 1.00 36.54 ? 12  ARG A CD  1 
ATOM   72   N  NE  . ARG A 1 13  ? -8.418  3.752   -19.312 1.00 37.56 ? 12  ARG A NE  1 
ATOM   73   C  CZ  . ARG A 1 13  ? -8.330  2.422   -19.433 1.00 38.90 ? 12  ARG A CZ  1 
ATOM   74   N  NH1 . ARG A 1 13  ? -7.154  1.788   -19.465 1.00 34.62 ? 12  ARG A NH1 1 
ATOM   75   N  NH2 . ARG A 1 13  ? -9.448  1.714   -19.552 1.00 41.74 ? 12  ARG A NH2 1 
ATOM   76   N  N   . GLY A 1 14  ? -7.795  7.952   -14.802 1.00 35.48 ? 13  GLY A N   1 
ATOM   77   C  CA  . GLY A 1 14  ? -8.870  8.845   -14.416 1.00 34.79 ? 13  GLY A CA  1 
ATOM   78   C  C   . GLY A 1 14  ? -10.263 8.410   -14.826 1.00 34.73 ? 13  GLY A C   1 
ATOM   79   O  O   . GLY A 1 14  ? -11.193 9.202   -14.736 1.00 36.17 ? 13  GLY A O   1 
ATOM   80   N  N   . GLU A 1 15  ? -10.436 7.169   -15.272 1.00 33.34 ? 14  GLU A N   1 
ATOM   81   C  CA  . GLU A 1 15  ? -11.746 6.741   -15.777 1.00 34.72 ? 14  GLU A CA  1 
ATOM   82   C  C   . GLU A 1 15  ? -12.540 5.908   -14.780 1.00 34.03 ? 14  GLU A C   1 
ATOM   83   O  O   . GLU A 1 15  ? -13.602 5.363   -15.105 1.00 31.64 ? 14  GLU A O   1 
ATOM   84   C  CB  . GLU A 1 15  ? -11.593 6.016   -17.120 1.00 35.75 ? 14  GLU A CB  1 
ATOM   85   C  CG  . GLU A 1 15  ? -10.845 6.831   -18.185 1.00 40.18 ? 14  GLU A CG  1 
ATOM   86   C  CD  . GLU A 1 15  ? -11.601 8.093   -18.664 1.00 51.04 ? 14  GLU A CD  1 
ATOM   87   O  OE1 . GLU A 1 15  ? -12.575 8.546   -18.008 1.00 47.51 ? 14  GLU A OE1 1 
ATOM   88   O  OE2 . GLU A 1 15  ? -11.219 8.624   -19.738 1.00 56.16 ? 14  GLU A OE2 1 
ATOM   89   N  N   . ALA A 1 16  ? -12.004 5.827   -13.567 1.00 34.76 ? 15  ALA A N   1 
ATOM   90   C  CA  . ALA A 1 16  ? -12.686 5.253   -12.421 1.00 36.26 ? 15  ALA A CA  1 
ATOM   91   C  C   . ALA A 1 16  ? -12.185 5.955   -11.151 1.00 36.16 ? 15  ALA A C   1 
ATOM   92   O  O   . ALA A 1 16  ? -11.046 6.463   -11.114 1.00 31.09 ? 15  ALA A O   1 
ATOM   93   C  CB  . ALA A 1 16  ? -12.428 3.747   -12.327 1.00 37.56 ? 15  ALA A CB  1 
ATOM   94   N  N   . PRO A 1 17  ? -13.049 6.007   -10.117 1.00 38.51 ? 16  PRO A N   1 
ATOM   95   C  CA  . PRO A 1 17  ? -12.720 6.688   -8.858  1.00 37.70 ? 16  PRO A CA  1 
ATOM   96   C  C   . PRO A 1 17  ? -11.614 6.003   -8.055  1.00 35.59 ? 16  PRO A C   1 
ATOM   97   O  O   . PRO A 1 17  ? -11.600 4.769   -7.899  1.00 30.65 ? 16  PRO A O   1 
ATOM   98   C  CB  . PRO A 1 17  ? -14.048 6.660   -8.090  1.00 39.28 ? 16  PRO A CB  1 
ATOM   99   C  CG  . PRO A 1 17  ? -14.785 5.464   -8.642  1.00 40.47 ? 16  PRO A CG  1 
ATOM   100  C  CD  . PRO A 1 17  ? -14.418 5.438   -10.094 1.00 39.58 ? 16  PRO A CD  1 
ATOM   101  N  N   . VAL A 1 18  ? -10.682 6.821   -7.576  1.00 35.94 ? 17  VAL A N   1 
ATOM   102  C  CA  . VAL A 1 18  ? -9.740  6.383   -6.554  1.00 37.34 ? 17  VAL A CA  1 
ATOM   103  C  C   . VAL A 1 18  ? -10.585 6.135   -5.308  1.00 35.86 ? 17  VAL A C   1 
ATOM   104  O  O   . VAL A 1 18  ? -11.528 6.892   -5.053  1.00 36.76 ? 17  VAL A O   1 
ATOM   105  C  CB  . VAL A 1 18  ? -8.662  7.462   -6.257  1.00 38.86 ? 17  VAL A CB  1 
ATOM   106  C  CG1 . VAL A 1 18  ? -7.696  6.991   -5.169  1.00 40.25 ? 17  VAL A CG1 1 
ATOM   107  C  CG2 . VAL A 1 18  ? -7.896  7.828   -7.541  1.00 43.84 ? 17  VAL A CG2 1 
ATOM   108  N  N   . PRO A 1 19  ? -10.274 5.073   -4.543  1.00 33.04 ? 18  PRO A N   1 
ATOM   109  C  CA  . PRO A 1 19  ? -10.984 4.859   -3.278  1.00 32.87 ? 18  PRO A CA  1 
ATOM   110  C  C   . PRO A 1 19  ? -10.792 6.040   -2.348  1.00 30.44 ? 18  PRO A C   1 
ATOM   111  O  O   . PRO A 1 19  ? -9.698  6.585   -2.296  1.00 29.74 ? 18  PRO A O   1 
ATOM   112  C  CB  . PRO A 1 19  ? -10.305 3.624   -2.685  1.00 32.28 ? 18  PRO A CB  1 
ATOM   113  C  CG  . PRO A 1 19  ? -9.587  2.973   -3.832  1.00 35.43 ? 18  PRO A CG  1 
ATOM   114  C  CD  . PRO A 1 19  ? -9.260  4.040   -4.801  1.00 32.11 ? 18  PRO A CD  1 
ATOM   115  N  N   . ALA A 1 20  ? -11.839 6.418   -1.616  1.00 29.39 ? 19  ALA A N   1 
ATOM   116  C  CA  . ALA A 1 20  ? -11.764 7.537   -0.697  1.00 27.04 ? 19  ALA A CA  1 
ATOM   117  C  C   . ALA A 1 20  ? -10.586 7.409   0.272   1.00 27.22 ? 19  ALA A C   1 
ATOM   118  O  O   . ALA A 1 20  ? -9.902  8.395   0.553   1.00 25.84 ? 19  ALA A O   1 
ATOM   119  C  CB  . ALA A 1 20  ? -13.046 7.666   0.063   1.00 29.60 ? 19  ALA A CB  1 
ATOM   120  N  N   . VAL A 1 21  ? -10.330 6.200   0.763   1.00 27.33 ? 20  VAL A N   1 
ATOM   121  C  CA  . VAL A 1 21  ? -9.261  5.997   1.742   1.00 26.34 ? 20  VAL A CA  1 
ATOM   122  C  C   . VAL A 1 21  ? -7.885  6.368   1.177   1.00 27.59 ? 20  VAL A C   1 
ATOM   123  O  O   . VAL A 1 21  ? -7.047  6.916   1.891   1.00 30.42 ? 20  VAL A O   1 
ATOM   124  C  CB  . VAL A 1 21  ? -9.289  4.553   2.372   1.00 26.45 ? 20  VAL A CB  1 
ATOM   125  C  CG1 . VAL A 1 21  ? -9.083  3.424   1.319   1.00 21.02 ? 20  VAL A CG1 1 
ATOM   126  C  CG2 . VAL A 1 21  ? -8.261  4.439   3.498   1.00 26.85 ? 20  VAL A CG2 1 
ATOM   127  N  N   . ALA A 1 22  ? -7.650  6.106   -0.097  1.00 28.33 ? 21  ALA A N   1 
ATOM   128  C  CA  . ALA A 1 22  ? -6.394  6.530   -0.745  1.00 30.14 ? 21  ALA A CA  1 
ATOM   129  C  C   . ALA A 1 22  ? -6.241  8.049   -0.795  1.00 30.41 ? 21  ALA A C   1 
ATOM   130  O  O   . ALA A 1 22  ? -5.176  8.568   -0.523  1.00 32.75 ? 21  ALA A O   1 
ATOM   131  C  CB  . ALA A 1 22  ? -6.298  5.951   -2.133  1.00 35.03 ? 21  ALA A CB  1 
ATOM   132  N  N   . GLY A 1 23  ? -7.306  8.761   -1.124  1.00 32.06 ? 22  GLY A N   1 
ATOM   133  C  CA  . GLY A 1 23  ? -7.364  10.206  -0.900  1.00 30.87 ? 22  GLY A CA  1 
ATOM   134  C  C   . GLY A 1 23  ? -6.945  10.575  0.522   1.00 31.22 ? 22  GLY A C   1 
ATOM   135  O  O   . GLY A 1 23  ? -6.066  11.383  0.740   1.00 33.04 ? 22  GLY A O   1 
ATOM   136  N  N   . THR A 1 24  ? -7.565  9.966   1.508   1.00 30.14 ? 23  THR A N   1 
ATOM   137  C  CA  . THR A 1 24  ? -7.267  10.285  2.887   1.00 28.44 ? 23  THR A CA  1 
ATOM   138  C  C   . THR A 1 24  ? -5.772  10.094  3.201   1.00 27.90 ? 23  THR A C   1 
ATOM   139  O  O   . THR A 1 24  ? -5.168  10.917  3.870   1.00 29.50 ? 23  THR A O   1 
ATOM   140  C  CB  . THR A 1 24  ? -8.173  9.422   3.776   1.00 29.41 ? 23  THR A CB  1 
ATOM   141  O  OG1 . THR A 1 24  ? -9.530  9.731   3.459   1.00 34.17 ? 23  THR A OG1 1 
ATOM   142  C  CG2 . THR A 1 24  ? -7.931  9.610   5.257   1.00 23.74 ? 23  THR A CG2 1 
ATOM   143  N  N   . LEU A 1 25  ? -5.173  9.021   2.682   1.00 27.98 ? 24  LEU A N   1 
ATOM   144  C  CA  . LEU A 1 25  ? -3.739  8.737   2.900   1.00 28.81 ? 24  LEU A CA  1 
ATOM   145  C  C   . LEU A 1 25  ? -2.770  9.462   1.954   1.00 30.21 ? 24  LEU A C   1 
ATOM   146  O  O   . LEU A 1 25  ? -1.555  9.305   2.093   1.00 31.25 ? 24  LEU A O   1 
ATOM   147  C  CB  . LEU A 1 25  ? -3.504  7.226   2.839   1.00 31.29 ? 24  LEU A CB  1 
ATOM   148  C  CG  . LEU A 1 25  ? -4.397  6.439   3.822   1.00 31.65 ? 24  LEU A CG  1 
ATOM   149  C  CD1 . LEU A 1 25  ? -4.356  4.985   3.470   1.00 31.26 ? 24  LEU A CD1 1 
ATOM   150  C  CD2 . LEU A 1 25  ? -3.972  6.709   5.264   1.00 31.42 ? 24  LEU A CD2 1 
ATOM   151  N  N   . GLY A 1 26  ? -3.300  10.297  1.044   1.00 31.18 ? 25  GLY A N   1 
ATOM   152  C  CA  . GLY A 1 26  ? -2.488  11.045  0.057   1.00 28.48 ? 25  GLY A CA  1 
ATOM   153  C  C   . GLY A 1 26  ? -1.819  10.097  -0.923  1.00 30.29 ? 25  GLY A C   1 
ATOM   154  O  O   . GLY A 1 26  ? -0.705  10.333  -1.370  1.00 30.76 ? 25  GLY A O   1 
ATOM   155  N  N   . GLY A 1 27  ? -2.507  9.002   -1.244  1.00 30.62 ? 26  GLY A N   1 
ATOM   156  C  CA  . GLY A 1 27  ? -1.949  7.934   -2.038  1.00 30.33 ? 26  GLY A CA  1 
ATOM   157  C  C   . GLY A 1 27  ? -1.871  8.289   -3.509  1.00 29.59 ? 26  GLY A C   1 
ATOM   158  O  O   . GLY A 1 27  ? -2.861  8.722   -4.097  1.00 30.45 ? 26  GLY A O   1 
ATOM   159  N  N   . VAL A 1 28  ? -0.691  8.122   -4.101  1.00 29.88 ? 27  VAL A N   1 
ATOM   160  C  CA  . VAL A 1 28  ? -0.483  8.399   -5.539  1.00 28.04 ? 27  VAL A CA  1 
ATOM   161  C  C   . VAL A 1 28  ? 0.457   7.359   -6.072  1.00 28.03 ? 27  VAL A C   1 
ATOM   162  O  O   . VAL A 1 28  ? 1.645   7.313   -5.687  1.00 24.61 ? 27  VAL A O   1 
ATOM   163  C  CB  . VAL A 1 28  ? 0.149   9.794   -5.821  1.00 27.75 ? 27  VAL A CB  1 
ATOM   164  C  CG1 . VAL A 1 28  ? 0.246   10.040  -7.294  1.00 23.89 ? 27  VAL A CG1 1 
ATOM   165  C  CG2 . VAL A 1 28  ? -0.646  10.905  -5.173  1.00 29.44 ? 27  VAL A CG2 1 
ATOM   166  N  N   . ILE A 1 29  ? -0.072  6.552   -6.989  1.00 29.03 ? 28  ILE A N   1 
ATOM   167  C  CA  . ILE A 1 29  ? 0.668   5.453   -7.589  1.00 27.65 ? 28  ILE A CA  1 
ATOM   168  C  C   . ILE A 1 29  ? 1.760   6.034   -8.460  1.00 28.92 ? 28  ILE A C   1 
ATOM   169  O  O   . ILE A 1 29  ? 1.495   6.834   -9.346  1.00 27.34 ? 28  ILE A O   1 
ATOM   170  C  CB  . ILE A 1 29  ? -0.233  4.599   -8.495  1.00 29.60 ? 28  ILE A CB  1 
ATOM   171  C  CG1 . ILE A 1 29  ? -1.427  4.014   -7.728  1.00 31.08 ? 28  ILE A CG1 1 
ATOM   172  C  CG2 . ILE A 1 29  ? 0.580   3.518   -9.184  1.00 31.28 ? 28  ILE A CG2 1 
ATOM   173  C  CD1 . ILE A 1 29  ? -1.088  3.009   -6.786  1.00 30.86 ? 28  ILE A CD1 1 
ATOM   174  N  N   . ARG A 1 30  ? 2.997   5.622   -8.227  1.00 29.00 ? 29  ARG A N   1 
ATOM   175  C  CA  . ARG A 1 30  ? 4.105   6.141   -9.001  1.00 27.23 ? 29  ARG A CA  1 
ATOM   176  C  C   . ARG A 1 30  ? 4.673   5.119   -9.999  1.00 26.43 ? 29  ARG A C   1 
ATOM   177  O  O   . ARG A 1 30  ? 5.288   5.522   -10.938 1.00 25.86 ? 29  ARG A O   1 
ATOM   178  C  CB  . ARG A 1 30  ? 5.209   6.640   -8.056  1.00 27.51 ? 29  ARG A CB  1 
ATOM   179  C  CG  . ARG A 1 30  ? 4.763   7.710   -7.088  1.00 30.34 ? 29  ARG A CG  1 
ATOM   180  C  CD  . ARG A 1 30  ? 4.170   8.929   -7.813  1.00 29.89 ? 29  ARG A CD  1 
ATOM   181  N  NE  . ARG A 1 30  ? 5.130   9.565   -8.713  1.00 20.46 ? 29  ARG A NE  1 
ATOM   182  C  CZ  . ARG A 1 30  ? 6.052   10.449  -8.332  1.00 21.69 ? 29  ARG A CZ  1 
ATOM   183  N  NH1 . ARG A 1 30  ? 6.142   10.806  -7.063  1.00 23.97 ? 29  ARG A NH1 1 
ATOM   184  N  NH2 . ARG A 1 30  ? 6.854   11.016  -9.232  1.00 21.66 ? 29  ARG A NH2 1 
ATOM   185  N  N   . ALA A 1 31  ? 4.468   3.819   -9.803  1.00 26.70 ? 30  ALA A N   1 
ATOM   186  C  CA  . ALA A 1 31  ? 5.091   2.803   -10.648 1.00 25.79 ? 30  ALA A CA  1 
ATOM   187  C  C   . ALA A 1 31  ? 4.372   1.490   -10.526 1.00 27.29 ? 30  ALA A C   1 
ATOM   188  O  O   . ALA A 1 31  ? 3.883   1.142   -9.447  1.00 28.14 ? 30  ALA A O   1 
ATOM   189  C  CB  . ALA A 1 31  ? 6.558   2.620   -10.273 1.00 25.63 ? 30  ALA A CB  1 
ATOM   190  N  N   . VAL A 1 32  ? 4.266   0.779   -11.641 1.00 27.38 ? 31  VAL A N   1 
ATOM   191  C  CA  . VAL A 1 32  ? 3.721   -0.577  -11.639 1.00 27.71 ? 31  VAL A CA  1 
ATOM   192  C  C   . VAL A 1 32  ? 4.532   -1.427  -12.590 1.00 28.22 ? 31  VAL A C   1 
ATOM   193  O  O   . VAL A 1 32  ? 4.978   -0.961  -13.632 1.00 30.66 ? 31  VAL A O   1 
ATOM   194  C  CB  . VAL A 1 32  ? 2.249   -0.659  -12.108 1.00 28.68 ? 31  VAL A CB  1 
ATOM   195  C  CG1 . VAL A 1 32  ? 1.583   -1.896  -11.510 1.00 28.96 ? 31  VAL A CG1 1 
ATOM   196  C  CG2 . VAL A 1 32  ? 1.475   0.567   -11.723 1.00 32.15 ? 31  VAL A CG2 1 
ATOM   197  N  N   . ASP A 1 33  ? 4.730   -2.679  -12.224 1.00 28.27 ? 32  ASP A N   1 
ATOM   198  C  CA  . ASP A 1 33  ? 5.405   -3.622  -13.089 1.00 27.08 ? 32  ASP A CA  1 
ATOM   199  C  C   . ASP A 1 33  ? 4.726   -4.953  -12.854 1.00 26.83 ? 32  ASP A C   1 
ATOM   200  O  O   . ASP A 1 33  ? 4.998   -5.646  -11.880 1.00 24.49 ? 32  ASP A O   1 
ATOM   201  C  CB  . ASP A 1 33  ? 6.888   -3.674  -12.737 1.00 29.42 ? 32  ASP A CB  1 
ATOM   202  C  CG  . ASP A 1 33  ? 7.745   -4.345  -13.814 1.00 30.47 ? 32  ASP A CG  1 
ATOM   203  O  OD1 . ASP A 1 33  ? 7.273   -5.220  -14.579 1.00 32.20 ? 32  ASP A OD1 1 
ATOM   204  O  OD2 . ASP A 1 33  ? 8.937   -3.999  -13.859 1.00 36.23 ? 32  ASP A OD2 1 
ATOM   205  N  N   . LEU A 1 34  ? 3.813   -5.295  -13.750 1.00 28.83 ? 33  LEU A N   1 
ATOM   206  C  CA  . LEU A 1 34  ? 2.999   -6.485  -13.574 1.00 31.17 ? 33  LEU A CA  1 
ATOM   207  C  C   . LEU A 1 34  ? 3.769   -7.764  -13.830 1.00 32.11 ? 33  LEU A C   1 
ATOM   208  O  O   . LEU A 1 34  ? 3.409   -8.791  -13.279 1.00 33.49 ? 33  LEU A O   1 
ATOM   209  C  CB  . LEU A 1 34  ? 1.754   -6.406  -14.455 1.00 33.35 ? 33  LEU A CB  1 
ATOM   210  C  CG  . LEU A 1 34  ? 0.781   -5.332  -13.952 1.00 34.03 ? 33  LEU A CG  1 
ATOM   211  C  CD1 . LEU A 1 34  ? -0.125  -4.876  -15.077 1.00 44.81 ? 33  LEU A CD1 1 
ATOM   212  C  CD2 . LEU A 1 34  ? -0.007  -5.849  -12.800 1.00 36.07 ? 33  LEU A CD2 1 
ATOM   213  N  N   . GLU A 1 35  ? 4.832   -7.704  -14.632 1.00 31.46 ? 34  GLU A N   1 
ATOM   214  C  CA  . GLU A 1 35  ? 5.675   -8.873  -14.885 1.00 31.41 ? 34  GLU A CA  1 
ATOM   215  C  C   . GLU A 1 35  ? 6.639   -9.129  -13.722 1.00 29.20 ? 34  GLU A C   1 
ATOM   216  O  O   . GLU A 1 35  ? 6.815   -10.271 -13.304 1.00 30.76 ? 34  GLU A O   1 
ATOM   217  C  CB  . GLU A 1 35  ? 6.447   -8.711  -16.190 1.00 31.10 ? 34  GLU A CB  1 
ATOM   218  C  CG  . GLU A 1 35  ? 6.766   -10.055 -16.845 1.00 38.22 ? 34  GLU A CG  1 
ATOM   219  C  CD  . GLU A 1 35  ? 7.588   -9.918  -18.106 1.00 38.11 ? 34  GLU A CD  1 
ATOM   220  O  OE1 . GLU A 1 35  ? 7.684   -8.785  -18.646 1.00 51.12 ? 34  GLU A OE1 1 
ATOM   221  O  OE2 . GLU A 1 35  ? 8.139   -10.944 -18.567 1.00 51.80 ? 34  GLU A OE2 1 
ATOM   222  N  N   . ALA A 1 36  ? 7.252   -8.072  -13.201 1.00 26.71 ? 35  ALA A N   1 
ATOM   223  C  CA  . ALA A 1 36  ? 8.053   -8.159  -11.976 1.00 26.80 ? 35  ALA A CA  1 
ATOM   224  C  C   . ALA A 1 36  ? 7.181   -8.372  -10.743 1.00 27.93 ? 35  ALA A C   1 
ATOM   225  O  O   . ALA A 1 36  ? 7.653   -8.907  -9.758  1.00 31.06 ? 35  ALA A O   1 
ATOM   226  C  CB  . ALA A 1 36  ? 8.868   -6.922  -11.780 1.00 27.70 ? 35  ALA A CB  1 
ATOM   227  N  N   . GLY A 1 37  ? 5.923   -7.934  -10.792 1.00 26.12 ? 36  GLY A N   1 
ATOM   228  C  CA  . GLY A 1 37  ? 4.992   -8.116  -9.694  1.00 24.78 ? 36  GLY A CA  1 
ATOM   229  C  C   . GLY A 1 37  ? 5.283   -7.114  -8.615  1.00 24.93 ? 36  GLY A C   1 
ATOM   230  O  O   . GLY A 1 37  ? 5.410   -7.475  -7.470  1.00 24.11 ? 36  GLY A O   1 
ATOM   231  N  N   . SER A 1 38  ? 5.383   -5.839  -8.991  1.00 25.36 ? 37  SER A N   1 
ATOM   232  C  CA  . SER A 1 38  ? 5.760   -4.790  -8.053  1.00 25.88 ? 37  SER A CA  1 
ATOM   233  C  C   . SER A 1 38  ? 4.933   -3.545  -8.326  1.00 26.15 ? 37  SER A C   1 
ATOM   234  O  O   . SER A 1 38  ? 4.337   -3.396  -9.389  1.00 22.93 ? 37  SER A O   1 
ATOM   235  C  CB  . SER A 1 38  ? 7.249   -4.476  -8.176  1.00 28.28 ? 37  SER A CB  1 
ATOM   236  O  OG  . SER A 1 38  ? 7.572   -3.839  -9.418  1.00 31.93 ? 37  SER A OG  1 
ATOM   237  N  N   . LEU A 1 39  ? 4.877   -2.670  -7.338  1.00 26.53 ? 38  LEU A N   1 
ATOM   238  C  CA  . LEU A 1 39  ? 4.105   -1.461  -7.423  1.00 27.27 ? 38  LEU A CA  1 
ATOM   239  C  C   . LEU A 1 39  ? 4.681   -0.486  -6.403  1.00 27.97 ? 38  LEU A C   1 
ATOM   240  O  O   . LEU A 1 39  ? 5.190   -0.886  -5.389  1.00 22.20 ? 38  LEU A O   1 
ATOM   241  C  CB  . LEU A 1 39  ? 2.622   -1.737  -7.144  1.00 29.52 ? 38  LEU A CB  1 
ATOM   242  C  CG  . LEU A 1 39  ? 1.649   -0.545  -7.227  1.00 26.91 ? 38  LEU A CG  1 
ATOM   243  C  CD1 . LEU A 1 39  ? 0.332   -0.910  -7.892  1.00 32.84 ? 38  LEU A CD1 1 
ATOM   244  C  CD2 . LEU A 1 39  ? 1.390   0.007   -5.861  1.00 27.33 ? 38  LEU A CD2 1 
ATOM   245  N  N   . GLU A 1 40  ? 4.585   0.801   -6.703  1.00 28.12 ? 39  GLU A N   1 
ATOM   246  C  CA  . GLU A 1 40  ? 5.118   1.841   -5.851  1.00 30.37 ? 39  GLU A CA  1 
ATOM   247  C  C   . GLU A 1 40  ? 4.048   2.935   -5.731  1.00 27.75 ? 39  GLU A C   1 
ATOM   248  O  O   . GLU A 1 40  ? 3.379   3.247   -6.712  1.00 24.00 ? 39  GLU A O   1 
ATOM   249  C  CB  . GLU A 1 40  ? 6.377   2.362   -6.510  1.00 32.87 ? 39  GLU A CB  1 
ATOM   250  C  CG  . GLU A 1 40  ? 7.366   3.066   -5.623  1.00 44.02 ? 39  GLU A CG  1 
ATOM   251  C  CD  . GLU A 1 40  ? 8.828   2.949   -6.151  1.00 36.23 ? 39  GLU A CD  1 
ATOM   252  O  OE1 . GLU A 1 40  ? 9.505   1.911   -5.976  1.00 43.54 ? 39  GLU A OE1 1 
ATOM   253  O  OE2 . GLU A 1 40  ? 9.295   3.914   -6.755  1.00 58.67 ? 39  GLU A OE2 1 
ATOM   254  N  N   . SER A 1 41  ? 3.834   3.438   -4.520  1.00 25.28 ? 40  SER A N   1 
ATOM   255  C  CA  . SER A 1 41  ? 2.910   4.529   -4.285  1.00 25.88 ? 40  SER A CA  1 
ATOM   256  C  C   . SER A 1 41  ? 3.485   5.519   -3.257  1.00 25.40 ? 40  SER A C   1 
ATOM   257  O  O   . SER A 1 41  ? 4.172   5.135   -2.302  1.00 25.82 ? 40  SER A O   1 
ATOM   258  C  CB  . SER A 1 41  ? 1.554   3.977   -3.812  1.00 26.09 ? 40  SER A CB  1 
ATOM   259  O  OG  . SER A 1 41  ? 0.587   5.008   -3.602  1.00 26.57 ? 40  SER A OG  1 
ATOM   260  N  N   . ASP A 1 42  ? 3.198   6.793   -3.463  1.00 25.70 ? 41  ASP A N   1 
ATOM   261  C  CA  . ASP A 1 42  ? 3.437   7.801   -2.448  1.00 28.76 ? 41  ASP A CA  1 
ATOM   262  C  C   . ASP A 1 42  ? 2.280   7.836   -1.455  1.00 27.43 ? 41  ASP A C   1 
ATOM   263  O  O   . ASP A 1 42  ? 1.170   7.483   -1.815  1.00 29.31 ? 41  ASP A O   1 
ATOM   264  C  CB  . ASP A 1 42  ? 3.532   9.177   -3.092  1.00 28.52 ? 41  ASP A CB  1 
ATOM   265  C  CG  . ASP A 1 42  ? 4.774   9.348   -3.909  1.00 33.78 ? 41  ASP A CG  1 
ATOM   266  O  OD1 . ASP A 1 42  ? 5.799   8.753   -3.538  1.00 31.81 ? 41  ASP A OD1 1 
ATOM   267  O  OD2 . ASP A 1 42  ? 4.717   10.092  -4.909  1.00 26.15 ? 41  ASP A OD2 1 
ATOM   268  N  N   . TYR A 1 43  ? 2.562   8.278   -0.234  1.00 25.36 ? 42  TYR A N   1 
ATOM   269  C  CA  . TYR A 1 43  ? 1.564   8.524   0.788   1.00 29.16 ? 42  TYR A CA  1 
ATOM   270  C  C   . TYR A 1 43  ? 1.973   9.819   1.514   1.00 31.88 ? 42  TYR A C   1 
ATOM   271  O  O   . TYR A 1 43  ? 3.149   10.223  1.469   1.00 30.70 ? 42  TYR A O   1 
ATOM   272  C  CB  . TYR A 1 43  ? 1.422   7.302   1.762   1.00 30.08 ? 42  TYR A CB  1 
ATOM   273  C  CG  . TYR A 1 43  ? 0.914   6.065   1.036   1.00 28.61 ? 42  TYR A CG  1 
ATOM   274  C  CD1 . TYR A 1 43  ? -0.427  5.927   0.717   1.00 25.97 ? 42  TYR A CD1 1 
ATOM   275  C  CD2 . TYR A 1 43  ? 1.790   5.087   0.602   1.00 32.23 ? 42  TYR A CD2 1 
ATOM   276  C  CE1 . TYR A 1 43  ? -0.888  4.835   0.021   1.00 26.35 ? 42  TYR A CE1 1 
ATOM   277  C  CE2 . TYR A 1 43  ? 1.344   3.999   -0.120  1.00 20.10 ? 42  TYR A CE2 1 
ATOM   278  C  CZ  . TYR A 1 43  ? 0.012   3.885   -0.430  1.00 27.85 ? 42  TYR A CZ  1 
ATOM   279  O  OH  . TYR A 1 43  ? -0.414  2.810   -1.184  1.00 30.49 ? 42  TYR A OH  1 
ATOM   280  N  N   . VAL A 1 44  ? 0.998   10.486  2.142   1.00 30.40 ? 43  VAL A N   1 
ATOM   281  C  CA  . VAL A 1 44  ? 1.271   11.685  2.944   1.00 30.31 ? 43  VAL A CA  1 
ATOM   282  C  C   . VAL A 1 44  ? 0.707   11.414  4.345   1.00 33.03 ? 43  VAL A C   1 
ATOM   283  O  O   . VAL A 1 44  ? -0.464  11.054  4.488   1.00 31.58 ? 43  VAL A O   1 
ATOM   284  C  CB  . VAL A 1 44  ? 0.637   12.969  2.358   1.00 30.40 ? 43  VAL A CB  1 
ATOM   285  C  CG1 . VAL A 1 44  ? 0.826   14.155  3.301   1.00 29.67 ? 43  VAL A CG1 1 
ATOM   286  C  CG2 . VAL A 1 44  ? 1.224   13.311  0.996   1.00 26.15 ? 43  VAL A CG2 1 
ATOM   287  N  N   . ALA A 1 45  ? 1.567   11.539  5.361   1.00 31.62 ? 44  ALA A N   1 
ATOM   288  C  CA  . ALA A 1 45  ? 1.125   11.508  6.741   1.00 30.54 ? 44  ALA A CA  1 
ATOM   289  C  C   . ALA A 1 45  ? 0.825   12.966  7.134   1.00 28.34 ? 44  ALA A C   1 
ATOM   290  O  O   . ALA A 1 45  ? 1.677   13.835  6.985   1.00 28.04 ? 44  ALA A O   1 
ATOM   291  C  CB  . ALA A 1 45  ? 2.201   10.883  7.632   1.00 29.22 ? 44  ALA A CB  1 
ATOM   292  N  N   . THR A 1 46  ? -0.393  13.236  7.596   1.00 28.25 ? 45  THR A N   1 
ATOM   293  C  CA  . THR A 1 46  ? -0.766  14.588  8.031   1.00 27.01 ? 45  THR A CA  1 
ATOM   294  C  C   . THR A 1 46  ? -0.565  14.758  9.534   1.00 26.19 ? 45  THR A C   1 
ATOM   295  O  O   . THR A 1 46  ? -0.294  13.789  10.229  1.00 24.10 ? 45  THR A O   1 
ATOM   296  C  CB  . THR A 1 46  ? -2.197  14.905  7.636   1.00 26.94 ? 45  THR A CB  1 
ATOM   297  O  OG1 . THR A 1 46  ? -3.097  14.025  8.321   1.00 28.84 ? 45  THR A OG1 1 
ATOM   298  C  CG2 . THR A 1 46  ? -2.353  14.751  6.108   1.00 29.34 ? 45  THR A CG2 1 
ATOM   299  N  N   . ASP A 1 47  ? -0.673  15.988  10.045  1.00 24.90 ? 46  ASP A N   1 
ATOM   300  C  CA  . ASP A 1 47  ? -0.553  16.218  11.485  1.00 27.83 ? 46  ASP A CA  1 
ATOM   301  C  C   . ASP A 1 47  ? -1.694  15.456  12.243  1.00 28.29 ? 46  ASP A C   1 
ATOM   302  O  O   . ASP A 1 47  ? -1.586  15.162  13.435  1.00 30.24 ? 46  ASP A O   1 
ATOM   303  C  CB  . ASP A 1 47  ? -0.570  17.718  11.817  1.00 27.62 ? 46  ASP A CB  1 
ATOM   304  C  CG  . ASP A 1 47  ? 0.729   18.461  11.407  1.00 34.33 ? 46  ASP A CG  1 
ATOM   305  O  OD1 . ASP A 1 47  ? 1.811   17.847  11.255  1.00 34.37 ? 46  ASP A OD1 1 
ATOM   306  O  OD2 . ASP A 1 47  ? 0.659   19.709  11.276  1.00 42.36 ? 46  ASP A OD2 1 
ATOM   307  N  N   . ALA A 1 48  ? -2.752  15.112  11.510  1.00 26.06 ? 47  ALA A N   1 
ATOM   308  C  CA  . ALA A 1 48  ? -3.883  14.401  12.037  1.00 26.06 ? 47  ALA A CA  1 
ATOM   309  C  C   . ALA A 1 48  ? -3.601  12.931  12.331  1.00 26.91 ? 47  ALA A C   1 
ATOM   310  O  O   . ALA A 1 48  ? -4.428  12.250  12.912  1.00 26.34 ? 47  ALA A O   1 
ATOM   311  C  CB  . ALA A 1 48  ? -5.012  14.509  11.057  1.00 25.67 ? 47  ALA A CB  1 
ATOM   312  N  N   . PHE A 1 49  ? -2.462  12.417  11.889  1.00 28.94 ? 48  PHE A N   1 
ATOM   313  C  CA  . PHE A 1 49  ? -2.160  11.014  12.043  1.00 28.09 ? 48  PHE A CA  1 
ATOM   314  C  C   . PHE A 1 49  ? -1.107  10.793  13.119  1.00 27.33 ? 48  PHE A C   1 
ATOM   315  O  O   . PHE A 1 49  ? -0.595  9.682   13.253  1.00 27.62 ? 48  PHE A O   1 
ATOM   316  C  CB  . PHE A 1 49  ? -1.603  10.424  10.746  1.00 28.77 ? 48  PHE A CB  1 
ATOM   317  C  CG  . PHE A 1 49  ? -2.522  10.480  9.570   1.00 24.73 ? 48  PHE A CG  1 
ATOM   318  C  CD1 . PHE A 1 49  ? -3.863  10.780  9.684   1.00 27.47 ? 48  PHE A CD1 1 
ATOM   319  C  CD2 . PHE A 1 49  ? -2.003  10.199  8.309   1.00 25.28 ? 48  PHE A CD2 1 
ATOM   320  C  CE1 . PHE A 1 49  ? -4.676  10.822  8.547   1.00 25.91 ? 48  PHE A CE1 1 
ATOM   321  C  CE2 . PHE A 1 49  ? -2.795  10.228  7.179   1.00 25.51 ? 48  PHE A CE2 1 
ATOM   322  C  CZ  . PHE A 1 49  ? -4.125  10.537  7.292   1.00 29.90 ? 48  PHE A CZ  1 
ATOM   323  N  N   . LEU A 1 50  ? -0.800  11.842  13.867  1.00 29.18 ? 49  LEU A N   1 
ATOM   324  C  CA  . LEU A 1 50  ? 0.293   11.854  14.839  1.00 30.53 ? 49  LEU A CA  1 
ATOM   325  C  C   . LEU A 1 50  ? -0.119  11.422  16.247  1.00 32.11 ? 49  LEU A C   1 
ATOM   326  O  O   . LEU A 1 50  ? -1.248  11.679  16.706  1.00 29.28 ? 49  LEU A O   1 
ATOM   327  C  CB  . LEU A 1 50  ? 0.941   13.240  14.912  1.00 28.28 ? 49  LEU A CB  1 
ATOM   328  C  CG  . LEU A 1 50  ? 1.482   13.785  13.584  1.00 29.35 ? 49  LEU A CG  1 
ATOM   329  C  CD1 . LEU A 1 50  ? 2.170   15.106  13.796  1.00 28.21 ? 49  LEU A CD1 1 
ATOM   330  C  CD2 . LEU A 1 50  ? 2.428   12.808  12.880  1.00 31.73 ? 49  LEU A CD2 1 
ATOM   331  N  N   . ASN A 1 51  ? 0.824   10.727  16.877  1.00 33.62 ? 50  ASN A N   1 
ATOM   332  C  CA  . ASN A 1 51  ? 0.773   10.373  18.291  1.00 37.37 ? 50  ASN A CA  1 
ATOM   333  C  C   . ASN A 1 51  ? 1.164   11.592  19.156  1.00 37.08 ? 50  ASN A C   1 
ATOM   334  O  O   . ASN A 1 51  ? 1.514   12.646  18.625  1.00 38.13 ? 50  ASN A O   1 
ATOM   335  C  CB  . ASN A 1 51  ? 1.664   9.122   18.546  1.00 36.87 ? 50  ASN A CB  1 
ATOM   336  C  CG  . ASN A 1 51  ? 3.168   9.436   18.603  1.00 37.88 ? 50  ASN A CG  1 
ATOM   337  O  OD1 . ASN A 1 51  ? 3.595   10.580  18.558  1.00 40.81 ? 50  ASN A OD1 1 
ATOM   338  N  ND2 . ASN A 1 51  ? 3.969   8.396   18.702  1.00 45.88 ? 50  ASN A ND2 1 
ATOM   339  N  N   . PRO A 1 52  ? 1.099   11.469  20.491  1.00 40.29 ? 51  PRO A N   1 
ATOM   340  C  CA  . PRO A 1 52  ? 1.422   12.635  21.335  1.00 41.59 ? 51  PRO A CA  1 
ATOM   341  C  C   . PRO A 1 52  ? 2.828   13.226  21.154  1.00 44.06 ? 51  PRO A C   1 
ATOM   342  O  O   . PRO A 1 52  ? 3.019   14.435  21.327  1.00 44.65 ? 51  PRO A O   1 
ATOM   343  C  CB  . PRO A 1 52  ? 1.268   12.090  22.752  1.00 41.47 ? 51  PRO A CB  1 
ATOM   344  C  CG  . PRO A 1 52  ? 0.360   10.945  22.625  1.00 39.80 ? 51  PRO A CG  1 
ATOM   345  C  CD  . PRO A 1 52  ? 0.713   10.314  21.308  1.00 41.73 ? 51  PRO A CD  1 
ATOM   346  N  N   . VAL A 1 53  ? 3.797   12.378  20.815  1.00 45.51 ? 52  VAL A N   1 
ATOM   347  C  CA  . VAL A 1 53  ? 5.190   12.808  20.647  1.00 44.25 ? 52  VAL A CA  1 
ATOM   348  C  C   . VAL A 1 53  ? 5.472   13.282  19.209  1.00 44.37 ? 52  VAL A C   1 
ATOM   349  O  O   . VAL A 1 53  ? 6.606   13.619  18.876  1.00 44.79 ? 52  VAL A O   1 
ATOM   350  C  CB  . VAL A 1 53  ? 6.196   11.692  21.136  1.00 45.35 ? 52  VAL A CB  1 
ATOM   351  C  CG1 . VAL A 1 53  ? 6.005   10.367  20.386  1.00 48.48 ? 52  VAL A CG1 1 
ATOM   352  C  CG2 . VAL A 1 53  ? 7.640   12.153  21.019  1.00 47.94 ? 52  VAL A CG2 1 
ATOM   353  N  N   . GLY A 1 54  ? 4.448   13.330  18.357  1.00 42.22 ? 53  GLY A N   1 
ATOM   354  C  CA  . GLY A 1 54  ? 4.601   13.913  17.024  1.00 40.56 ? 53  GLY A CA  1 
ATOM   355  C  C   . GLY A 1 54  ? 5.075   12.957  15.943  1.00 38.90 ? 53  GLY A C   1 
ATOM   356  O  O   . GLY A 1 54  ? 5.405   13.376  14.824  1.00 39.71 ? 53  GLY A O   1 
ATOM   357  N  N   . GLN A 1 55  ? 5.116   11.670  16.250  1.00 34.69 ? 54  GLN A N   1 
ATOM   358  C  CA  . GLN A 1 55  ? 5.384   10.690  15.222  1.00 34.98 ? 54  GLN A CA  1 
ATOM   359  C  C   . GLN A 1 55  ? 4.064   10.095  14.670  1.00 32.12 ? 54  GLN A C   1 
ATOM   360  O  O   . GLN A 1 55  ? 3.015   10.126  15.315  1.00 33.14 ? 54  GLN A O   1 
ATOM   361  C  CB  . GLN A 1 55  ? 6.280   9.594   15.769  1.00 35.16 ? 54  GLN A CB  1 
ATOM   362  C  CG  . GLN A 1 55  ? 7.545   10.066  16.472  1.00 36.29 ? 54  GLN A CG  1 
ATOM   363  C  CD  . GLN A 1 55  ? 8.045   9.011   17.482  1.00 43.50 ? 54  GLN A CD  1 
ATOM   364  O  OE1 . GLN A 1 55  ? 7.509   7.883   17.560  1.00 55.43 ? 54  GLN A OE1 1 
ATOM   365  N  NE2 . GLN A 1 55  ? 9.069   9.373   18.259  1.00 51.46 ? 54  GLN A NE2 1 
ATOM   366  N  N   . VAL A 1 56  ? 4.137   9.540   13.478  1.00 31.03 ? 55  VAL A N   1 
ATOM   367  C  CA  . VAL A 1 56  ? 2.972   8.963   12.830  1.00 31.07 ? 55  VAL A CA  1 
ATOM   368  C  C   . VAL A 1 56  ? 2.574   7.688   13.594  1.00 30.24 ? 55  VAL A C   1 
ATOM   369  O  O   . VAL A 1 56  ? 3.422   6.814   13.857  1.00 30.45 ? 55  VAL A O   1 
ATOM   370  C  CB  . VAL A 1 56  ? 3.259   8.618   11.330  1.00 29.29 ? 55  VAL A CB  1 
ATOM   371  C  CG1 . VAL A 1 56  ? 2.031   8.064   10.637  1.00 28.25 ? 55  VAL A CG1 1 
ATOM   372  C  CG2 . VAL A 1 56  ? 3.728   9.835   10.574  1.00 35.75 ? 55  VAL A CG2 1 
ATOM   373  N  N   . GLN A 1 57  ? 1.289   7.569   13.919  1.00 28.15 ? 56  GLN A N   1 
ATOM   374  C  CA  . GLN A 1 57  ? 0.776   6.339   14.534  1.00 28.38 ? 56  GLN A CA  1 
ATOM   375  C  C   . GLN A 1 57  ? 1.066   5.155   13.624  1.00 29.99 ? 56  GLN A C   1 
ATOM   376  O  O   . GLN A 1 57  ? 0.891   5.267   12.393  1.00 30.92 ? 56  GLN A O   1 
ATOM   377  C  CB  . GLN A 1 57  ? -0.731  6.416   14.737  1.00 27.54 ? 56  GLN A CB  1 
ATOM   378  C  CG  . GLN A 1 57  ? -1.267  5.389   15.739  1.00 27.38 ? 56  GLN A CG  1 
ATOM   379  C  CD  . GLN A 1 57  ? -2.596  4.792   15.308  1.00 37.99 ? 56  GLN A CD  1 
ATOM   380  O  OE1 . GLN A 1 57  ? -2.823  4.565   14.113  1.00 32.39 ? 56  GLN A OE1 1 
ATOM   381  N  NE2 . GLN A 1 57  ? -3.480  4.513   16.288  1.00 31.96 ? 56  GLN A NE2 1 
ATOM   382  N  N   . GLY A 1 58  ? 1.486   4.038   14.236  1.00 28.52 ? 57  GLY A N   1 
ATOM   383  C  CA  . GLY A 1 58  ? 1.817   2.805   13.552  1.00 29.12 ? 57  GLY A CA  1 
ATOM   384  C  C   . GLY A 1 58  ? 0.665   2.301   12.693  1.00 28.97 ? 57  GLY A C   1 
ATOM   385  O  O   . GLY A 1 58  ? 0.840   1.919   11.554  1.00 31.60 ? 57  GLY A O   1 
ATOM   386  N  N   . GLY A 1 59  ? -0.529  2.309   13.251  1.00 29.08 ? 58  GLY A N   1 
ATOM   387  C  CA  . GLY A 1 59  ? -1.688  1.880   12.522  1.00 29.09 ? 58  GLY A CA  1 
ATOM   388  C  C   . GLY A 1 59  ? -1.922  2.653   11.249  1.00 28.02 ? 58  GLY A C   1 
ATOM   389  O  O   . GLY A 1 59  ? -2.330  2.068   10.272  1.00 30.55 ? 58  GLY A O   1 
HETATM 390  N  N   . MSE A 1 60  ? -1.666  3.967   11.262  1.00 29.75 ? 59  MSE A N   1 
HETATM 391  C  CA  . MSE A 1 60  ? -1.863  4.807   10.066  1.00 30.61 ? 59  MSE A CA  1 
HETATM 392  C  C   . MSE A 1 60  ? -0.856  4.380   8.985   1.00 30.92 ? 59  MSE A C   1 
HETATM 393  O  O   . MSE A 1 60  ? -1.228  4.282   7.827   1.00 26.44 ? 59  MSE A O   1 
HETATM 394  C  CB  . MSE A 1 60  ? -1.758  6.305   10.391  1.00 31.22 ? 59  MSE A CB  1 
HETATM 395  C  CG  . MSE A 1 60  ? -2.916  6.793   11.289  1.00 30.88 ? 59  MSE A CG  1 
HETATM 396  SE SE  . MSE A 1 60  ? -4.648  6.413   10.444  0.75 27.03 ? 59  MSE A SE  1 
HETATM 397  C  CE  . MSE A 1 60  ? -4.370  7.119   8.750   1.00 28.18 ? 59  MSE A CE  1 
ATOM   398  N  N   . LEU A 1 61  ? 0.383   4.077   9.390   1.00 29.05 ? 60  LEU A N   1 
ATOM   399  C  CA  . LEU A 1 61  ? 1.360   3.488   8.470   1.00 28.87 ? 60  LEU A CA  1 
ATOM   400  C  C   . LEU A 1 61  ? 0.883   2.163   7.910   1.00 29.48 ? 60  LEU A C   1 
ATOM   401  O  O   . LEU A 1 61  ? 1.082   1.865   6.732   1.00 26.56 ? 60  LEU A O   1 
ATOM   402  C  CB  . LEU A 1 61  ? 2.680   3.252   9.150   1.00 25.60 ? 60  LEU A CB  1 
ATOM   403  C  CG  . LEU A 1 61  ? 3.386   4.474   9.766   1.00 31.36 ? 60  LEU A CG  1 
ATOM   404  C  CD1 . LEU A 1 61  ? 4.589   4.035   10.603  1.00 28.91 ? 60  LEU A CD1 1 
ATOM   405  C  CD2 . LEU A 1 61  ? 3.804   5.459   8.736   1.00 32.45 ? 60  LEU A CD2 1 
ATOM   406  N  N   . GLY A 1 62  ? 0.272   1.362   8.777   1.00 29.12 ? 61  GLY A N   1 
ATOM   407  C  CA  . GLY A 1 62  ? -0.345  0.117   8.355   1.00 26.99 ? 61  GLY A CA  1 
ATOM   408  C  C   . GLY A 1 62  ? -1.434  0.314   7.311   1.00 27.38 ? 61  GLY A C   1 
ATOM   409  O  O   . GLY A 1 62  ? -1.569  -0.508  6.436   1.00 28.34 ? 61  GLY A O   1 
ATOM   410  N  N   . ALA A 1 63  ? -2.210  1.394   7.396   1.00 28.41 ? 62  ALA A N   1 
ATOM   411  C  CA  . ALA A 1 63  ? -3.227  1.682   6.375   1.00 28.16 ? 62  ALA A CA  1 
ATOM   412  C  C   . ALA A 1 63  ? -2.595  2.009   5.029   1.00 27.00 ? 62  ALA A C   1 
ATOM   413  O  O   . ALA A 1 63  ? -3.140  1.687   3.993   1.00 26.30 ? 62  ALA A O   1 
ATOM   414  C  CB  . ALA A 1 63  ? -4.171  2.821   6.846   1.00 29.95 ? 62  ALA A CB  1 
HETATM 415  N  N   . MSE A 1 64  ? -1.418  2.621   5.041   1.00 27.74 ? 63  MSE A N   1 
HETATM 416  C  CA  . MSE A 1 64  ? -0.646  2.835   3.797   1.00 28.41 ? 63  MSE A CA  1 
HETATM 417  C  C   . MSE A 1 64  ? -0.080  1.517   3.211   1.00 29.97 ? 63  MSE A C   1 
HETATM 418  O  O   . MSE A 1 64  ? -0.131  1.282   1.993   1.00 30.46 ? 63  MSE A O   1 
HETATM 419  C  CB  . MSE A 1 64  ? 0.492   3.780   4.105   1.00 27.53 ? 63  MSE A CB  1 
HETATM 420  C  CG  . MSE A 1 64  ? 0.015   5.146   4.443   1.00 31.43 ? 63  MSE A CG  1 
HETATM 421  SE SE  . MSE A 1 64  ? 1.456   6.263   5.233   0.75 26.05 ? 63  MSE A SE  1 
HETATM 422  C  CE  . MSE A 1 64  ? 0.396   7.800   5.820   1.00 28.89 ? 63  MSE A CE  1 
ATOM   423  N  N   . LEU A 1 65  ? 0.426   0.658   4.100   1.00 29.28 ? 64  LEU A N   1 
ATOM   424  C  CA  . LEU A 1 65  ? 0.893   -0.678  3.731   1.00 27.74 ? 64  LEU A CA  1 
ATOM   425  C  C   . LEU A 1 65  ? -0.240  -1.538  3.194   1.00 28.05 ? 64  LEU A C   1 
ATOM   426  O  O   . LEU A 1 65  ? -0.071  -2.294  2.223   1.00 29.49 ? 64  LEU A O   1 
ATOM   427  C  CB  . LEU A 1 65  ? 1.621   -1.337  4.921   1.00 28.68 ? 64  LEU A CB  1 
ATOM   428  C  CG  . LEU A 1 65  ? 3.026   -0.731  5.234   1.00 23.42 ? 64  LEU A CG  1 
ATOM   429  C  CD1 . LEU A 1 65  ? 3.512   -1.020  6.634   1.00 31.04 ? 64  LEU A CD1 1 
ATOM   430  C  CD2 . LEU A 1 65  ? 4.084   -1.140  4.214   1.00 26.12 ? 64  LEU A CD2 1 
ATOM   431  N  N   . ASP A 1 66  ? -1.409  -1.403  3.800   1.00 28.59 ? 65  ASP A N   1 
ATOM   432  C  CA  . ASP A 1 66  ? -2.589  -2.079  3.317   1.00 29.20 ? 65  ASP A CA  1 
ATOM   433  C  C   . ASP A 1 66  ? -2.909  -1.619  1.909   1.00 29.54 ? 65  ASP A C   1 
ATOM   434  O  O   . ASP A 1 66  ? -3.237  -2.444  1.033   1.00 34.62 ? 65  ASP A O   1 
ATOM   435  C  CB  . ASP A 1 66  ? -3.760  -1.858  4.301   1.00 28.52 ? 65  ASP A CB  1 
ATOM   436  C  CG  . ASP A 1 66  ? -5.016  -2.687  3.940   1.00 30.65 ? 65  ASP A CG  1 
ATOM   437  O  OD1 . ASP A 1 66  ? -4.910  -3.859  3.580   1.00 43.29 ? 65  ASP A OD1 1 
ATOM   438  O  OD2 . ASP A 1 66  ? -6.128  -2.165  4.050   1.00 38.64 ? 65  ASP A OD2 1 
ATOM   439  N  N   . ASP A 1 67  ? -2.837  -0.304  1.669   1.00 29.54 ? 66  ASP A N   1 
ATOM   440  C  CA  . ASP A 1 67  ? -3.185  0.238   0.360   1.00 29.77 ? 66  ASP A CA  1 
ATOM   441  C  C   . ASP A 1 67  ? -2.219  -0.263  -0.733  1.00 29.76 ? 66  ASP A C   1 
ATOM   442  O  O   . ASP A 1 67  ? -2.631  -0.725  -1.795  1.00 32.11 ? 66  ASP A O   1 
ATOM   443  C  CB  . ASP A 1 67  ? -3.182  1.769   0.370   1.00 29.36 ? 66  ASP A CB  1 
ATOM   444  C  CG  . ASP A 1 67  ? -3.577  2.345   -0.990  1.00 32.14 ? 66  ASP A CG  1 
ATOM   445  O  OD1 . ASP A 1 67  ? -4.776  2.294   -1.291  1.00 30.36 ? 66  ASP A OD1 1 
ATOM   446  O  OD2 . ASP A 1 67  ? -2.694  2.824   -1.766  1.00 33.19 ? 66  ASP A OD2 1 
ATOM   447  N  N   . VAL A 1 68  ? -0.925  -0.182  -0.469  1.00 27.64 ? 67  VAL A N   1 
ATOM   448  C  CA  . VAL A 1 68  ? 0.061   -0.506  -1.504  1.00 27.44 ? 67  VAL A CA  1 
ATOM   449  C  C   . VAL A 1 68  ? 0.008   -1.988  -1.907  1.00 29.01 ? 67  VAL A C   1 
ATOM   450  O  O   . VAL A 1 68  ? 0.048   -2.331  -3.147  1.00 30.04 ? 67  VAL A O   1 
ATOM   451  C  CB  . VAL A 1 68  ? 1.492   0.015   -1.133  1.00 28.08 ? 67  VAL A CB  1 
ATOM   452  C  CG1 . VAL A 1 68  ? 2.115   -0.793  0.006   1.00 24.31 ? 67  VAL A CG1 1 
ATOM   453  C  CG2 . VAL A 1 68  ? 2.357   0.053   -2.337  1.00 27.20 ? 67  VAL A CG2 1 
ATOM   454  N  N   . THR A 1 69  ? -0.195  -2.847  -0.905  1.00 28.09 ? 68  THR A N   1 
ATOM   455  C  CA  . THR A 1 69  ? -0.225  -4.290  -1.108  1.00 25.20 ? 68  THR A CA  1 
ATOM   456  C  C   . THR A 1 69  ? -1.512  -4.735  -1.830  1.00 24.93 ? 68  THR A C   1 
ATOM   457  O  O   . THR A 1 69  ? -1.464  -5.431  -2.829  1.00 22.13 ? 68  THR A O   1 
ATOM   458  C  CB  . THR A 1 69  ? 0.025   -5.082  0.200   1.00 25.20 ? 68  THR A CB  1 
ATOM   459  O  OG1 . THR A 1 69  ? -0.977  -4.793  1.201   1.00 24.08 ? 68  THR A OG1 1 
ATOM   460  C  CG2 . THR A 1 69  ? 1.413   -4.777  0.743   1.00 29.99 ? 68  THR A CG2 1 
ATOM   461  N  N   . ALA A 1 70  ? -2.649  -4.254  -1.358  1.00 29.08 ? 69  ALA A N   1 
ATOM   462  C  CA  . ALA A 1 70  ? -3.948  -4.490  -2.028  1.00 26.21 ? 69  ALA A CA  1 
ATOM   463  C  C   . ALA A 1 70  ? -4.054  -3.887  -3.415  1.00 28.42 ? 69  ALA A C   1 
ATOM   464  O  O   . ALA A 1 70  ? -4.777  -4.421  -4.311  1.00 30.54 ? 69  ALA A O   1 
ATOM   465  C  CB  . ALA A 1 70  ? -5.072  -3.963  -1.129  1.00 27.70 ? 69  ALA A CB  1 
HETATM 466  N  N   . MSE A 1 71  ? -3.378  -2.755  -3.615  1.00 29.89 ? 70  MSE A N   1 
HETATM 467  C  CA  . MSE A 1 71  ? -3.339  -2.131  -4.956  1.00 27.85 ? 70  MSE A CA  1 
HETATM 468  C  C   . MSE A 1 71  ? -2.585  -3.022  -5.928  1.00 25.61 ? 70  MSE A C   1 
HETATM 469  O  O   . MSE A 1 71  ? -3.041  -3.299  -7.070  1.00 21.16 ? 70  MSE A O   1 
HETATM 470  C  CB  . MSE A 1 71  ? -2.684  -0.733  -4.941  1.00 29.73 ? 70  MSE A CB  1 
HETATM 471  C  CG  . MSE A 1 71  ? -3.614  0.459   -4.620  1.00 38.91 ? 70  MSE A CG  1 
HETATM 472  SE SE  . MSE A 1 71  ? -5.286  0.481   -5.673  0.75 38.20 ? 70  MSE A SE  1 
HETATM 473  C  CE  . MSE A 1 71  ? -6.491  -0.587  -4.415  1.00 38.12 ? 70  MSE A CE  1 
ATOM   474  N  N   . LEU A 1 72  ? -1.423  -3.472  -5.489  1.00 24.53 ? 71  LEU A N   1 
ATOM   475  C  CA  . LEU A 1 72  ? -0.629  -4.384  -6.328  1.00 25.71 ? 71  LEU A CA  1 
ATOM   476  C  C   . LEU A 1 72  ? -1.461  -5.641  -6.727  1.00 24.23 ? 71  LEU A C   1 
ATOM   477  O  O   . LEU A 1 72  ? -1.556  -5.984  -7.904  1.00 26.69 ? 71  LEU A O   1 
ATOM   478  C  CB  . LEU A 1 72  ? 0.681   -4.747  -5.637  1.00 22.07 ? 71  LEU A CB  1 
ATOM   479  C  CG  . LEU A 1 72  ? 1.440   -5.867  -6.372  1.00 26.35 ? 71  LEU A CG  1 
ATOM   480  C  CD1 . LEU A 1 72  ? 1.643   -5.587  -7.854  1.00 21.42 ? 71  LEU A CD1 1 
ATOM   481  C  CD2 . LEU A 1 72  ? 2.733   -6.076  -5.670  1.00 24.08 ? 71  LEU A CD2 1 
ATOM   482  N  N   . VAL A 1 73  ? -2.119  -6.263  -5.748  1.00 24.60 ? 72  VAL A N   1 
ATOM   483  C  CA  . VAL A 1 73  ? -2.933  -7.442  -6.026  1.00 25.61 ? 72  VAL A CA  1 
ATOM   484  C  C   . VAL A 1 73  ? -4.001  -7.118  -7.024  1.00 25.86 ? 72  VAL A C   1 
ATOM   485  O  O   . VAL A 1 73  ? -4.176  -7.858  -7.983  1.00 26.00 ? 72  VAL A O   1 
ATOM   486  C  CB  . VAL A 1 73  ? -3.594  -8.052  -4.772  1.00 26.64 ? 72  VAL A CB  1 
ATOM   487  C  CG1 . VAL A 1 73  ? -4.455  -9.243  -5.150  1.00 29.72 ? 72  VAL A CG1 1 
ATOM   488  C  CG2 . VAL A 1 73  ? -2.534  -8.456  -3.767  1.00 27.62 ? 72  VAL A CG2 1 
ATOM   489  N  N   . THR A 1 74  ? -4.705  -6.004  -6.804  1.00 27.68 ? 73  THR A N   1 
ATOM   490  C  CA  . THR A 1 74  ? -5.799  -5.551  -7.709  1.00 25.12 ? 73  THR A CA  1 
ATOM   491  C  C   . THR A 1 74  ? -5.332  -5.313  -9.129  1.00 23.47 ? 73  THR A C   1 
ATOM   492  O  O   . THR A 1 74  ? -6.004  -5.705  -10.108 1.00 23.68 ? 73  THR A O   1 
ATOM   493  C  CB  . THR A 1 74  ? -6.483  -4.284  -7.117  1.00 25.57 ? 73  THR A CB  1 
ATOM   494  O  OG1 . THR A 1 74  ? -6.988  -4.626  -5.830  1.00 24.21 ? 73  THR A OG1 1 
ATOM   495  C  CG2 . THR A 1 74  ? -7.645  -3.806  -7.966  1.00 27.79 ? 73  THR A CG2 1 
ATOM   496  N  N   . ALA A 1 75  ? -4.174  -4.684  -9.255  1.00 21.76 ? 74  ALA A N   1 
ATOM   497  C  CA  . ALA A 1 75  ? -3.548  -4.500  -10.563 1.00 24.40 ? 74  ALA A CA  1 
ATOM   498  C  C   . ALA A 1 75  ? -3.451  -5.772  -11.408 1.00 24.26 ? 74  ALA A C   1 
ATOM   499  O  O   . ALA A 1 75  ? -3.505  -5.689  -12.637 1.00 27.83 ? 74  ALA A O   1 
ATOM   500  C  CB  . ALA A 1 75  ? -2.185  -3.888  -10.403 1.00 25.15 ? 74  ALA A CB  1 
ATOM   501  N  N   . THR A 1 76  ? -3.297  -6.935  -10.758 1.00 25.59 ? 75  THR A N   1 
ATOM   502  C  CA  . THR A 1 76  ? -3.155  -8.223  -11.459 1.00 26.65 ? 75  THR A CA  1 
ATOM   503  C  C   . THR A 1 76  ? -4.496  -8.892  -11.823 1.00 27.18 ? 75  THR A C   1 
ATOM   504  O  O   . THR A 1 76  ? -4.508  -9.848  -12.579 1.00 26.76 ? 75  THR A O   1 
ATOM   505  C  CB  . THR A 1 76  ? -2.244  -9.250  -10.691 1.00 24.74 ? 75  THR A CB  1 
ATOM   506  O  OG1 . THR A 1 76  ? -2.900  -9.751  -9.513  1.00 28.84 ? 75  THR A OG1 1 
ATOM   507  C  CG2 . THR A 1 76  ? -0.955  -8.623  -10.294 1.00 31.82 ? 75  THR A CG2 1 
ATOM   508  N  N   . LEU A 1 77  ? -5.617  -8.378  -11.325 1.00 29.14 ? 76  LEU A N   1 
ATOM   509  C  CA  . LEU A 1 77  ? -6.881  -9.102  -11.426 1.00 28.97 ? 76  LEU A CA  1 
ATOM   510  C  C   . LEU A 1 77  ? -7.604  -8.926  -12.733 1.00 32.57 ? 76  LEU A C   1 
ATOM   511  O  O   . LEU A 1 77  ? -7.506  -7.904  -13.380 1.00 32.81 ? 76  LEU A O   1 
ATOM   512  C  CB  . LEU A 1 77  ? -7.804  -8.713  -10.266 1.00 30.56 ? 76  LEU A CB  1 
ATOM   513  C  CG  . LEU A 1 77  ? -7.170  -8.966  -8.891  1.00 27.82 ? 76  LEU A CG  1 
ATOM   514  C  CD1 . LEU A 1 77  ? -8.183  -8.868  -7.763  1.00 27.29 ? 76  LEU A CD1 1 
ATOM   515  C  CD2 . LEU A 1 77  ? -6.421  -10.303 -8.821  1.00 28.87 ? 76  LEU A CD2 1 
ATOM   516  N  N   . GLU A 1 78  ? -8.329  -9.959  -13.129 1.00 34.33 ? 77  GLU A N   1 
ATOM   517  C  CA  . GLU A 1 78  ? -9.288  -9.831  -14.206 1.00 37.12 ? 77  GLU A CA  1 
ATOM   518  C  C   . GLU A 1 78  ? -10.452 -8.949  -13.738 1.00 37.96 ? 77  GLU A C   1 
ATOM   519  O  O   . GLU A 1 78  ? -10.599 -8.667  -12.546 1.00 38.70 ? 77  GLU A O   1 
ATOM   520  C  CB  . GLU A 1 78  ? -9.774  -11.216 -14.674 1.00 36.18 ? 77  GLU A CB  1 
ATOM   521  C  CG  . GLU A 1 78  ? -10.459 -12.074 -13.607 1.00 36.19 ? 77  GLU A CG  1 
ATOM   522  C  CD  . GLU A 1 78  ? -9.530  -13.066 -12.878 1.00 41.14 ? 77  GLU A CD  1 
ATOM   523  O  OE1 . GLU A 1 78  ? -8.586  -12.648 -12.152 1.00 30.26 ? 77  GLU A OE1 1 
ATOM   524  O  OE2 . GLU A 1 78  ? -9.793  -14.280 -13.002 1.00 41.79 ? 77  GLU A OE2 1 
ATOM   525  N  N   . ASP A 1 79  ? -11.256 -8.488  -14.683 1.00 39.85 ? 78  ASP A N   1 
ATOM   526  C  CA  . ASP A 1 79  ? -12.508 -7.813  -14.365 1.00 41.60 ? 78  ASP A CA  1 
ATOM   527  C  C   . ASP A 1 79  ? -13.439 -8.814  -13.718 1.00 42.08 ? 78  ASP A C   1 
ATOM   528  O  O   . ASP A 1 79  ? -13.577 -9.944  -14.200 1.00 42.75 ? 78  ASP A O   1 
ATOM   529  C  CB  . ASP A 1 79  ? -13.182 -7.256  -15.635 1.00 44.53 ? 78  ASP A CB  1 
ATOM   530  C  CG  . ASP A 1 79  ? -12.833 -5.797  -15.901 1.00 50.52 ? 78  ASP A CG  1 
ATOM   531  O  OD1 . ASP A 1 79  ? -12.056 -5.195  -15.116 1.00 59.43 ? 78  ASP A OD1 1 
ATOM   532  O  OD2 . ASP A 1 79  ? -13.357 -5.253  -16.898 1.00 56.47 ? 78  ASP A OD2 1 
ATOM   533  N  N   . GLY A 1 80  ? -14.081 -8.402  -12.632 1.00 41.32 ? 79  GLY A N   1 
ATOM   534  C  CA  . GLY A 1 80  ? -14.995 -9.283  -11.921 1.00 41.70 ? 79  GLY A CA  1 
ATOM   535  C  C   . GLY A 1 80  ? -14.369 -9.939  -10.707 1.00 41.79 ? 79  GLY A C   1 
ATOM   536  O  O   . GLY A 1 80  ? -15.077 -10.247 -9.742  1.00 43.89 ? 79  GLY A O   1 
ATOM   537  N  N   . ALA A 1 81  ? -13.054 -10.171 -10.762 1.00 40.36 ? 80  ALA A N   1 
ATOM   538  C  CA  . ALA A 1 81  ? -12.297 -10.672 -9.614  1.00 39.26 ? 80  ALA A CA  1 
ATOM   539  C  C   . ALA A 1 81  ? -12.038 -9.528  -8.672  1.00 38.65 ? 80  ALA A C   1 
ATOM   540  O  O   . ALA A 1 81  ? -12.029 -8.376  -9.090  1.00 39.03 ? 80  ALA A O   1 
ATOM   541  C  CB  . ALA A 1 81  ? -10.976 -11.296 -10.058 1.00 37.81 ? 80  ALA A CB  1 
ATOM   542  N  N   . SER A 1 82  ? -11.792 -9.856  -7.406  1.00 38.07 ? 81  SER A N   1 
ATOM   543  C  CA  . SER A 1 82  ? -11.629 -8.846  -6.391  1.00 36.94 ? 81  SER A CA  1 
ATOM   544  C  C   . SER A 1 82  ? -10.621 -9.220  -5.291  1.00 35.73 ? 81  SER A C   1 
ATOM   545  O  O   . SER A 1 82  ? -10.519 -10.358 -4.890  1.00 35.08 ? 81  SER A O   1 
ATOM   546  C  CB  . SER A 1 82  ? -12.979 -8.552  -5.767  1.00 37.51 ? 81  SER A CB  1 
ATOM   547  O  OG  . SER A 1 82  ? -12.882 -7.354  -5.027  1.00 48.33 ? 81  SER A OG  1 
ATOM   548  N  N   . CYS A 1 83  ? -9.891  -8.239  -4.792  1.00 35.60 ? 82  CYS A N   1 
ATOM   549  C  CA  . CYS A 1 83  ? -8.896  -8.507  -3.760  1.00 33.77 ? 82  CYS A CA  1 
ATOM   550  C  C   . CYS A 1 83  ? -9.465  -8.282  -2.348  1.00 34.12 ? 82  CYS A C   1 
ATOM   551  O  O   . CYS A 1 83  ? -9.920  -7.183  -1.997  1.00 33.57 ? 82  CYS A O   1 
ATOM   552  C  CB  . CYS A 1 83  ? -7.669  -7.646  -3.953  1.00 31.05 ? 82  CYS A CB  1 
ATOM   553  S  SG  . CYS A 1 83  ? -6.534  -7.697  -2.452  1.00 40.70 ? 82  CYS A SG  1 
ATOM   554  N  N   . SER A 1 84  ? -9.349  -9.316  -1.528  1.00 30.77 ? 83  SER A N   1 
ATOM   555  C  CA  . SER A 1 84  ? -9.782  -9.284  -0.166  1.00 29.23 ? 83  SER A CA  1 
ATOM   556  C  C   . SER A 1 84  ? -8.664  -9.665  0.802   1.00 27.36 ? 83  SER A C   1 
ATOM   557  O  O   . SER A 1 84  ? -8.274  -10.802 0.851   1.00 31.29 ? 83  SER A O   1 
ATOM   558  C  CB  . SER A 1 84  ? -10.919 -10.285 -0.080  1.00 31.17 ? 83  SER A CB  1 
ATOM   559  O  OG  . SER A 1 84  ? -11.495 -10.283 1.177   1.00 33.24 ? 83  SER A OG  1 
ATOM   560  N  N   . THR A 1 85  ? -8.161  -8.733  1.598   1.00 26.56 ? 84  THR A N   1 
ATOM   561  C  CA  . THR A 1 85  ? -7.073  -9.031  2.532   1.00 24.75 ? 84  THR A CA  1 
ATOM   562  C  C   . THR A 1 85  ? -7.546  -9.748  3.810   1.00 24.08 ? 84  THR A C   1 
ATOM   563  O  O   . THR A 1 85  ? -8.421  -9.261  4.506   1.00 23.86 ? 84  THR A O   1 
ATOM   564  C  CB  . THR A 1 85  ? -6.334  -7.744  2.921   1.00 28.75 ? 84  THR A CB  1 
ATOM   565  O  OG1 . THR A 1 85  ? -5.815  -7.111  1.736   1.00 33.51 ? 84  THR A OG1 1 
ATOM   566  C  CG2 . THR A 1 85  ? -5.182  -8.028  3.833   1.00 26.07 ? 84  THR A CG2 1 
ATOM   567  N  N   . LEU A 1 86  ? -6.929  -10.883 4.133   1.00 22.40 ? 85  LEU A N   1 
ATOM   568  C  CA  . LEU A 1 86  ? -7.363  -11.749 5.215   1.00 22.20 ? 85  LEU A CA  1 
ATOM   569  C  C   . LEU A 1 86  ? -6.561  -11.473 6.458   1.00 22.83 ? 85  LEU A C   1 
ATOM   570  O  O   . LEU A 1 86  ? -7.100  -11.465 7.560   1.00 22.93 ? 85  LEU A O   1 
ATOM   571  C  CB  . LEU A 1 86  ? -7.177  -13.208 4.836   1.00 19.53 ? 85  LEU A CB  1 
ATOM   572  C  CG  . LEU A 1 86  ? -7.911  -13.671 3.593   1.00 19.14 ? 85  LEU A CG  1 
ATOM   573  C  CD1 . LEU A 1 86  ? -7.666  -15.160 3.376   1.00 25.59 ? 85  LEU A CD1 1 
ATOM   574  C  CD2 . LEU A 1 86  ? -9.423  -13.416 3.658   1.00 16.09 ? 85  LEU A CD2 1 
ATOM   575  N  N   . ASN A 1 87  ? -5.265  -11.269 6.282   1.00 26.61 ? 86  ASN A N   1 
ATOM   576  C  CA  . ASN A 1 87  ? -4.350  -10.995 7.372   1.00 29.18 ? 86  ASN A CA  1 
ATOM   577  C  C   . ASN A 1 87  ? -3.358  -9.984  6.854   1.00 30.60 ? 86  ASN A C   1 
ATOM   578  O  O   . ASN A 1 87  ? -3.030  -10.010 5.645   1.00 25.24 ? 86  ASN A O   1 
ATOM   579  C  CB  . ASN A 1 87  ? -3.596  -12.292 7.799   1.00 29.80 ? 86  ASN A CB  1 
ATOM   580  C  CG  . ASN A 1 87  ? -2.755  -12.111 9.091   1.00 31.66 ? 86  ASN A CG  1 
ATOM   581  O  OD1 . ASN A 1 87  ? -1.542  -11.864 9.025   1.00 32.94 ? 86  ASN A OD1 1 
ATOM   582  N  ND2 . ASN A 1 87  ? -3.406  -12.320 10.280  1.00 30.40 ? 86  ASN A ND2 1 
ATOM   583  N  N   . LEU A 1 88  ? -2.912  -9.092  7.754   1.00 24.88 ? 87  LEU A N   1 
ATOM   584  C  CA  . LEU A 1 88  ? -1.855  -8.130  7.476   1.00 25.41 ? 87  LEU A CA  1 
ATOM   585  C  C   . LEU A 1 88  ? -0.959  -8.045  8.732   1.00 26.76 ? 87  LEU A C   1 
ATOM   586  O  O   . LEU A 1 88  ? -1.437  -7.755  9.793   1.00 27.28 ? 87  LEU A O   1 
ATOM   587  C  CB  . LEU A 1 88  ? -2.475  -6.764  7.198   1.00 27.30 ? 87  LEU A CB  1 
ATOM   588  C  CG  . LEU A 1 88  ? -1.608  -5.547  6.849   1.00 26.56 ? 87  LEU A CG  1 
ATOM   589  C  CD1 . LEU A 1 88  ? -0.764  -5.767  5.617   1.00 31.17 ? 87  LEU A CD1 1 
ATOM   590  C  CD2 . LEU A 1 88  ? -2.503  -4.357  6.648   1.00 26.74 ? 87  LEU A CD2 1 
ATOM   591  N  N   . ASN A 1 89  ? 0.317   -8.381  8.605   1.00 26.76 ? 88  ASN A N   1 
ATOM   592  C  CA  . ASN A 1 89  ? 1.221   -8.339  9.718   1.00 27.89 ? 88  ASN A CA  1 
ATOM   593  C  C   . ASN A 1 89  ? 2.130   -7.160  9.502   1.00 29.68 ? 88  ASN A C   1 
ATOM   594  O  O   . ASN A 1 89  ? 2.774   -7.067  8.459   1.00 30.87 ? 88  ASN A O   1 
ATOM   595  C  CB  . ASN A 1 89  ? 2.042   -9.640  9.847   1.00 25.88 ? 88  ASN A CB  1 
ATOM   596  C  CG  . ASN A 1 89  ? 2.964   -9.625  11.079  1.00 28.85 ? 88  ASN A CG  1 
ATOM   597  O  OD1 . ASN A 1 89  ? 4.122   -9.263  10.974  1.00 28.62 ? 88  ASN A OD1 1 
ATOM   598  N  ND2 . ASN A 1 89  ? 2.436   -9.992  12.237  1.00 22.63 ? 88  ASN A ND2 1 
ATOM   599  N  N   . LEU A 1 90  ? 2.193   -6.282  10.495  1.00 27.62 ? 89  LEU A N   1 
ATOM   600  C  CA  . LEU A 1 90  ? 2.903   -5.017  10.403  1.00 28.08 ? 89  LEU A CA  1 
ATOM   601  C  C   . LEU A 1 90  ? 4.046   -5.008  11.390  1.00 28.29 ? 89  LEU A C   1 
ATOM   602  O  O   . LEU A 1 90  ? 3.861   -5.395  12.511  1.00 24.12 ? 89  LEU A O   1 
ATOM   603  C  CB  . LEU A 1 90  ? 1.976   -3.864  10.804  1.00 28.51 ? 89  LEU A CB  1 
ATOM   604  C  CG  . LEU A 1 90  ? 0.717   -3.744  9.967   1.00 27.91 ? 89  LEU A CG  1 
ATOM   605  C  CD1 . LEU A 1 90  ? -0.194  -2.678  10.603  1.00 29.80 ? 89  LEU A CD1 1 
ATOM   606  C  CD2 . LEU A 1 90  ? 1.009   -3.442  8.500   1.00 29.83 ? 89  LEU A CD2 1 
ATOM   607  N  N   . SER A 1 91  ? 5.219   -4.577  10.933  1.00 29.73 ? 90  SER A N   1 
ATOM   608  C  CA  . SER A 1 91  ? 6.391   -4.443  11.751  1.00 28.77 ? 90  SER A CA  1 
ATOM   609  C  C   . SER A 1 91  ? 6.772   -2.992  11.630  1.00 29.98 ? 90  SER A C   1 
ATOM   610  O  O   . SER A 1 91  ? 6.861   -2.442  10.507  1.00 30.01 ? 90  SER A O   1 
ATOM   611  C  CB  . SER A 1 91  ? 7.553   -5.344  11.260  1.00 28.37 ? 90  SER A CB  1 
ATOM   612  O  OG  . SER A 1 91  ? 7.206   -6.716  11.267  1.00 35.98 ? 90  SER A OG  1 
ATOM   613  N  N   . PHE A 1 92  ? 7.026   -2.400  12.791  1.00 25.00 ? 91  PHE A N   1 
ATOM   614  C  CA  . PHE A 1 92  ? 7.337   -0.999  12.939  1.00 28.55 ? 91  PHE A CA  1 
ATOM   615  C  C   . PHE A 1 92  ? 8.786   -0.905  13.356  1.00 27.33 ? 91  PHE A C   1 
ATOM   616  O  O   . PHE A 1 92  ? 9.142   -1.382  14.411  1.00 23.12 ? 91  PHE A O   1 
ATOM   617  C  CB  . PHE A 1 92  ? 6.442   -0.359  14.018  1.00 28.97 ? 91  PHE A CB  1 
ATOM   618  C  CG  . PHE A 1 92  ? 4.976   -0.537  13.750  1.00 28.81 ? 91  PHE A CG  1 
ATOM   619  C  CD1 . PHE A 1 92  ? 4.412   0.006   12.612  1.00 28.87 ? 91  PHE A CD1 1 
ATOM   620  C  CD2 . PHE A 1 92  ? 4.170   -1.275  14.609  1.00 34.88 ? 91  PHE A CD2 1 
ATOM   621  C  CE1 . PHE A 1 92  ? 3.081   -0.183  12.318  1.00 31.66 ? 91  PHE A CE1 1 
ATOM   622  C  CE2 . PHE A 1 92  ? 2.811   -1.446  14.326  1.00 34.35 ? 91  PHE A CE2 1 
ATOM   623  C  CZ  . PHE A 1 92  ? 2.277   -0.909  13.170  1.00 29.79 ? 91  PHE A CZ  1 
ATOM   624  N  N   . LEU A 1 93  ? 9.582   -0.262  12.515  1.00 27.05 ? 92  LEU A N   1 
ATOM   625  C  CA  . LEU A 1 93  ? 11.005  -0.389  12.511  1.00 29.57 ? 92  LEU A CA  1 
ATOM   626  C  C   . LEU A 1 93  ? 11.624  0.890   13.020  1.00 29.75 ? 92  LEU A C   1 
ATOM   627  O  O   . LEU A 1 93  ? 12.526  0.850   13.861  1.00 31.80 ? 92  LEU A O   1 
ATOM   628  C  CB  . LEU A 1 93  ? 11.442  -0.648  11.069  1.00 30.05 ? 92  LEU A CB  1 
ATOM   629  C  CG  . LEU A 1 93  ? 11.714  -2.091  10.587  1.00 35.86 ? 92  LEU A CG  1 
ATOM   630  C  CD1 . LEU A 1 93  ? 10.707  -3.085  11.001  1.00 39.27 ? 92  LEU A CD1 1 
ATOM   631  C  CD2 . LEU A 1 93  ? 11.868  -2.114  9.082   1.00 35.28 ? 92  LEU A CD2 1 
ATOM   632  N  N   . ARG A 1 94  ? 11.157  2.016   12.460  1.00 28.19 ? 93  ARG A N   1 
ATOM   633  C  CA  . ARG A 1 94  ? 11.627  3.359   12.789  1.00 30.96 ? 93  ARG A CA  1 
ATOM   634  C  C   . ARG A 1 94  ? 10.478  4.343   12.793  1.00 30.73 ? 93  ARG A C   1 
ATOM   635  O  O   . ARG A 1 94  ? 9.523   4.173   12.039  1.00 32.93 ? 93  ARG A O   1 
ATOM   636  C  CB  . ARG A 1 94  ? 12.632  3.870   11.751  1.00 28.97 ? 93  ARG A CB  1 
ATOM   637  C  CG  . ARG A 1 94  ? 13.795  2.977   11.538  1.00 31.95 ? 93  ARG A CG  1 
ATOM   638  C  CD  . ARG A 1 94  ? 14.716  3.494   10.454  1.00 36.22 ? 93  ARG A CD  1 
ATOM   639  N  NE  . ARG A 1 94  ? 15.963  2.728   10.482  1.00 38.76 ? 93  ARG A NE  1 
ATOM   640  C  CZ  . ARG A 1 94  ? 16.150  1.544   9.900   1.00 41.48 ? 93  ARG A CZ  1 
ATOM   641  N  NH1 . ARG A 1 94  ? 15.183  0.955   9.199   1.00 37.35 ? 93  ARG A NH1 1 
ATOM   642  N  NH2 . ARG A 1 94  ? 17.328  0.939   10.013  1.00 48.55 ? 93  ARG A NH2 1 
ATOM   643  N  N   . PRO A 1 95  ? 10.594  5.400   13.600  1.00 34.17 ? 94  PRO A N   1 
ATOM   644  C  CA  . PRO A 1 95  ? 9.551   6.423   13.653  1.00 34.74 ? 94  PRO A CA  1 
ATOM   645  C  C   . PRO A 1 95  ? 9.470   7.258   12.370  1.00 33.84 ? 94  PRO A C   1 
ATOM   646  O  O   . PRO A 1 95  ? 10.483  7.524   11.719  1.00 33.83 ? 94  PRO A O   1 
ATOM   647  C  CB  . PRO A 1 95  ? 9.962   7.276   14.870  1.00 35.90 ? 94  PRO A CB  1 
ATOM   648  C  CG  . PRO A 1 95  ? 11.410  7.106   14.964  1.00 37.37 ? 94  PRO A CG  1 
ATOM   649  C  CD  . PRO A 1 95  ? 11.719  5.719   14.512  1.00 31.33 ? 94  PRO A CD  1 
ATOM   650  N  N   . ALA A 1 96  ? 8.242   7.591   11.982  1.00 33.50 ? 95  ALA A N   1 
ATOM   651  C  CA  . ALA A 1 96  ? 7.978   8.440   10.836  1.00 33.18 ? 95  ALA A CA  1 
ATOM   652  C  C   . ALA A 1 96  ? 7.492   9.795   11.338  1.00 32.67 ? 95  ALA A C   1 
ATOM   653  O  O   . ALA A 1 96  ? 6.962   9.919   12.449  1.00 32.93 ? 95  ALA A O   1 
ATOM   654  C  CB  . ALA A 1 96  ? 6.941   7.812   9.934   1.00 33.51 ? 95  ALA A CB  1 
ATOM   655  N  N   A GLN A 1 97  ? 7.673   10.809  10.508  0.50 32.92 ? 96  GLN A N   1 
ATOM   656  N  N   B GLN A 1 97  ? 7.728   10.820  10.522  0.50 32.86 ? 96  GLN A N   1 
ATOM   657  C  CA  A GLN A 1 97  ? 7.221   12.147  10.812  0.50 32.52 ? 96  GLN A CA  1 
ATOM   658  C  CA  B GLN A 1 97  ? 7.269   12.179  10.771  0.50 32.49 ? 96  GLN A CA  1 
ATOM   659  C  C   A GLN A 1 97  ? 6.162   12.502  9.781   0.50 31.06 ? 96  GLN A C   1 
ATOM   660  C  C   B GLN A 1 97  ? 6.132   12.474  9.801   0.50 30.87 ? 96  GLN A C   1 
ATOM   661  O  O   A GLN A 1 97  ? 6.030   11.825  8.754   0.50 31.05 ? 96  GLN A O   1 
ATOM   662  O  O   B GLN A 1 97  ? 5.913   11.730  8.837   0.50 30.71 ? 96  GLN A O   1 
ATOM   663  C  CB  A GLN A 1 97  ? 8.401   13.122  10.746  0.50 33.71 ? 96  GLN A CB  1 
ATOM   664  C  CB  B GLN A 1 97  ? 8.412   13.183  10.536  0.50 33.04 ? 96  GLN A CB  1 
ATOM   665  C  CG  A GLN A 1 97  ? 9.754   12.562  11.229  0.50 38.02 ? 96  GLN A CG  1 
ATOM   666  C  CG  B GLN A 1 97  ? 9.368   13.415  11.716  0.50 34.49 ? 96  GLN A CG  1 
ATOM   667  C  CD  A GLN A 1 97  ? 9.748   12.115  12.689  0.50 43.31 ? 96  GLN A CD  1 
ATOM   668  C  CD  B GLN A 1 97  ? 10.292  14.638  11.513  0.50 34.44 ? 96  GLN A CD  1 
ATOM   669  O  OE1 A GLN A 1 97  ? 8.940   12.583  13.490  0.50 47.15 ? 96  GLN A OE1 1 
ATOM   670  O  OE1 B GLN A 1 97  ? 10.545  15.077  10.384  0.50 33.32 ? 96  GLN A OE1 1 
ATOM   671  N  NE2 A GLN A 1 97  ? 10.663  11.207  13.039  0.50 41.56 ? 96  GLN A NE2 1 
ATOM   672  N  NE2 B GLN A 1 97  ? 10.788  15.189  12.618  0.50 38.19 ? 96  GLN A NE2 1 
ATOM   673  N  N   . ALA A 1 98  ? 5.408   13.558  10.051  1.00 29.94 ? 97  ALA A N   1 
ATOM   674  C  CA  . ALA A 1 98  ? 4.485   14.105  9.056   1.00 29.86 ? 97  ALA A CA  1 
ATOM   675  C  C   . ALA A 1 98  ? 5.249   14.439  7.779   1.00 28.76 ? 97  ALA A C   1 
ATOM   676  O  O   . ALA A 1 98  ? 6.382   14.946  7.826   1.00 30.37 ? 97  ALA A O   1 
ATOM   677  C  CB  . ALA A 1 98  ? 3.799   15.352  9.572   1.00 28.88 ? 97  ALA A CB  1 
ATOM   678  N  N   . GLY A 1 99  ? 4.610   14.188  6.642   1.00 27.56 ? 98  GLY A N   1 
ATOM   679  C  CA  . GLY A 1 99  ? 5.225   14.442  5.348   1.00 26.71 ? 98  GLY A CA  1 
ATOM   680  C  C   . GLY A 1 99  ? 5.042   13.249  4.429   1.00 26.71 ? 98  GLY A C   1 
ATOM   681  O  O   . GLY A 1 99  ? 4.257   12.347  4.717   1.00 29.25 ? 98  GLY A O   1 
ATOM   682  N  N   . LEU A 1 100 ? 5.749   13.272  3.309   1.00 26.83 ? 99  LEU A N   1 
ATOM   683  C  CA  . LEU A 1 100 ? 5.702   12.210  2.312   1.00 27.43 ? 99  LEU A CA  1 
ATOM   684  C  C   . LEU A 1 100 ? 6.350   10.902  2.799   1.00 26.33 ? 99  LEU A C   1 
ATOM   685  O  O   . LEU A 1 100 ? 7.327   10.919  3.536   1.00 28.22 ? 99  LEU A O   1 
ATOM   686  C  CB  . LEU A 1 100 ? 6.424   12.647  1.048   1.00 28.21 ? 99  LEU A CB  1 
ATOM   687  C  CG  . LEU A 1 100 ? 5.677   13.313  -0.095  1.00 32.31 ? 99  LEU A CG  1 
ATOM   688  C  CD1 . LEU A 1 100 ? 6.714   13.892  -1.049  1.00 30.69 ? 99  LEU A CD1 1 
ATOM   689  C  CD2 . LEU A 1 100 ? 4.789   12.304  -0.794  1.00 32.18 ? 99  LEU A CD2 1 
ATOM   690  N  N   . LEU A 1 101 ? 5.786   9.785   2.349   1.00 25.74 ? 100 LEU A N   1 
ATOM   691  C  CA  . LEU A 1 101 ? 6.386   8.454   2.467   1.00 27.08 ? 100 LEU A CA  1 
ATOM   692  C  C   . LEU A 1 101 ? 6.223   7.770   1.139   1.00 27.28 ? 100 LEU A C   1 
ATOM   693  O  O   . LEU A 1 101 ? 5.372   8.136   0.343   1.00 29.71 ? 100 LEU A O   1 
ATOM   694  C  CB  . LEU A 1 101 ? 5.718   7.578   3.552   1.00 26.91 ? 100 LEU A CB  1 
ATOM   695  C  CG  . LEU A 1 101 ? 5.748   8.111   5.006   1.00 26.52 ? 100 LEU A CG  1 
ATOM   696  C  CD1 . LEU A 1 101 ? 4.518   8.921   5.372   1.00 29.21 ? 100 LEU A CD1 1 
ATOM   697  C  CD2 . LEU A 1 101 ? 5.911   6.986   5.971   1.00 29.44 ? 100 LEU A CD2 1 
ATOM   698  N  N   . ARG A 1 102 ? 7.049   6.764   0.931   1.00 28.32 ? 101 ARG A N   1 
ATOM   699  C  CA  . ARG A 1 102 ? 7.078   5.969   -0.274  1.00 27.81 ? 101 ARG A CA  1 
ATOM   700  C  C   . ARG A 1 102 ? 6.773   4.523   0.111   1.00 27.74 ? 101 ARG A C   1 
ATOM   701  O  O   . ARG A 1 102 ? 7.542   3.910   0.868   1.00 27.59 ? 101 ARG A O   1 
ATOM   702  C  CB  . ARG A 1 102 ? 8.489   6.028   -0.846  1.00 27.05 ? 101 ARG A CB  1 
ATOM   703  C  CG  . ARG A 1 102 ? 8.790   5.084   -1.994  1.00 33.08 ? 101 ARG A CG  1 
ATOM   704  C  CD  . ARG A 1 102 ? 7.759   5.188   -3.059  1.00 38.10 ? 101 ARG A CD  1 
ATOM   705  N  NE  . ARG A 1 102 ? 7.674   6.561   -3.574  1.00 45.38 ? 101 ARG A NE  1 
ATOM   706  C  CZ  . ARG A 1 102 ? 8.181   6.989   -4.732  1.00 40.32 ? 101 ARG A CZ  1 
ATOM   707  N  NH1 . ARG A 1 102 ? 8.783   6.181   -5.587  1.00 37.07 ? 101 ARG A NH1 1 
ATOM   708  N  NH2 . ARG A 1 102 ? 8.061   8.239   -5.052  1.00 30.65 ? 101 ARG A NH2 1 
ATOM   709  N  N   . GLY A 1 103 ? 5.684   3.992   -0.441  1.00 26.34 ? 102 GLY A N   1 
ATOM   710  C  CA  . GLY A 1 103 ? 5.306   2.612   -0.252  1.00 27.81 ? 102 GLY A CA  1 
ATOM   711  C  C   . GLY A 1 103 ? 5.699   1.775   -1.438  1.00 26.24 ? 102 GLY A C   1 
ATOM   712  O  O   . GLY A 1 103 ? 5.439   2.156   -2.585  1.00 25.20 ? 102 GLY A O   1 
ATOM   713  N  N   . ARG A 1 104 ? 6.306   0.628   -1.170  1.00 28.10 ? 103 ARG A N   1 
ATOM   714  C  CA  . ARG A 1 104 ? 6.696   -0.329  -2.251  1.00 31.37 ? 103 ARG A CA  1 
ATOM   715  C  C   . ARG A 1 104 ? 6.105   -1.720  -1.955  1.00 30.62 ? 103 ARG A C   1 
ATOM   716  O  O   . ARG A 1 104 ? 6.200   -2.201  -0.839  1.00 30.08 ? 103 ARG A O   1 
ATOM   717  C  CB  . ARG A 1 104 ? 8.225   -0.389  -2.402  1.00 30.44 ? 103 ARG A CB  1 
ATOM   718  C  CG  . ARG A 1 104 ? 8.817   0.935   -2.873  1.00 36.71 ? 103 ARG A CG  1 
ATOM   719  C  CD  . ARG A 1 104 ? 10.328  0.913   -3.259  1.00 36.76 ? 103 ARG A CD  1 
ATOM   720  N  NE  . ARG A 1 104 ? 10.843  2.288   -3.514  1.00 54.96 ? 103 ARG A NE  1 
ATOM   721  C  CZ  . ARG A 1 104 ? 11.336  3.153   -2.594  1.00 49.88 ? 103 ARG A CZ  1 
ATOM   722  N  NH1 . ARG A 1 104 ? 11.471  2.844   -1.319  1.00 50.64 ? 103 ARG A NH1 1 
ATOM   723  N  NH2 . ARG A 1 104 ? 11.742  4.351   -2.968  1.00 49.35 ? 103 ARG A NH2 1 
ATOM   724  N  N   . ALA A 1 105 ? 5.427   -2.317  -2.940  1.00 29.81 ? 104 ALA A N   1 
ATOM   725  C  CA  . ALA A 1 105 ? 4.883   -3.651  -2.803  1.00 27.97 ? 104 ALA A CA  1 
ATOM   726  C  C   . ALA A 1 105 ? 5.558   -4.605  -3.790  1.00 27.77 ? 104 ALA A C   1 
ATOM   727  O  O   . ALA A 1 105 ? 5.988   -4.178  -4.863  1.00 27.92 ? 104 ALA A O   1 
ATOM   728  C  CB  . ALA A 1 105 ? 3.384   -3.632  -3.002  1.00 29.22 ? 104 ALA A CB  1 
ATOM   729  N  N   A ARG A 1 106 ? 5.699   -5.869  -3.371  0.50 26.99 ? 105 ARG A N   1 
ATOM   730  N  N   B ARG A 1 106 ? 5.684   -5.868  -3.369  0.50 27.53 ? 105 ARG A N   1 
ATOM   731  C  CA  A ARG A 1 106 ? 6.142   -6.984  -4.217  0.50 27.18 ? 105 ARG A CA  1 
ATOM   732  C  CA  B ARG A 1 106 ? 6.131   -6.987  -4.200  0.50 28.44 ? 105 ARG A CA  1 
ATOM   733  C  C   A ARG A 1 106 ? 5.292   -8.220  -3.910  0.50 26.08 ? 105 ARG A C   1 
ATOM   734  C  C   B ARG A 1 106 ? 5.259   -8.208  -3.907  0.50 26.81 ? 105 ARG A C   1 
ATOM   735  O  O   A ARG A 1 106 ? 5.089   -8.561  -2.737  0.50 23.07 ? 105 ARG A O   1 
ATOM   736  O  O   B ARG A 1 106 ? 4.998   -8.522  -2.740  0.50 24.49 ? 105 ARG A O   1 
ATOM   737  C  CB  A ARG A 1 106 ? 7.624   -7.355  -3.962  0.50 28.10 ? 105 ARG A CB  1 
ATOM   738  C  CB  B ARG A 1 106 ? 7.582   -7.390  -3.876  0.50 29.71 ? 105 ARG A CB  1 
ATOM   739  C  CG  A ARG A 1 106 ? 8.108   -8.570  -4.787  0.50 27.57 ? 105 ARG A CG  1 
ATOM   740  C  CG  B ARG A 1 106 ? 8.647   -6.391  -4.275  0.50 33.84 ? 105 ARG A CG  1 
ATOM   741  C  CD  A ARG A 1 106 ? 9.533   -9.087  -4.483  0.50 28.95 ? 105 ARG A CD  1 
ATOM   742  C  CD  B ARG A 1 106 ? 10.067  -6.969  -4.108  0.50 32.68 ? 105 ARG A CD  1 
ATOM   743  N  NE  A ARG A 1 106 ? 9.619   -10.054 -3.373  0.50 30.60 ? 105 ARG A NE  1 
ATOM   744  N  NE  B ARG A 1 106 ? 10.368  -7.305  -2.721  0.50 33.17 ? 105 ARG A NE  1 
ATOM   745  C  CZ  A ARG A 1 106 ? 9.975   -9.745  -2.127  0.50 29.11 ? 105 ARG A CZ  1 
ATOM   746  C  CZ  B ARG A 1 106 ? 10.630  -6.417  -1.758  0.50 34.06 ? 105 ARG A CZ  1 
ATOM   747  N  NH1 A ARG A 1 106 ? 10.282  -8.504  -1.781  0.50 42.10 ? 105 ARG A NH1 1 
ATOM   748  N  NH1 B ARG A 1 106 ? 10.641  -5.109  -2.010  0.50 35.63 ? 105 ARG A NH1 1 
ATOM   749  N  NH2 A ARG A 1 106 ? 10.026  -10.678 -1.212  0.50 29.60 ? 105 ARG A NH2 1 
ATOM   750  N  NH2 B ARG A 1 106 ? 10.882  -6.847  -0.524  0.50 28.65 ? 105 ARG A NH2 1 
ATOM   751  N  N   . LEU A 1 107 ? 4.851   -8.907  -4.961  1.00 23.57 ? 106 LEU A N   1 
ATOM   752  C  CA  . LEU A 1 107 ? 4.230   -10.237 -4.840  1.00 24.96 ? 106 LEU A CA  1 
ATOM   753  C  C   . LEU A 1 107 ? 5.254   -11.341 -4.572  1.00 23.32 ? 106 LEU A C   1 
ATOM   754  O  O   . LEU A 1 107 ? 6.111   -11.583 -5.392  1.00 23.43 ? 106 LEU A O   1 
ATOM   755  C  CB  . LEU A 1 107 ? 3.466   -10.602 -6.137  1.00 19.45 ? 106 LEU A CB  1 
ATOM   756  C  CG  . LEU A 1 107 ? 2.123   -9.898  -6.245  1.00 22.45 ? 106 LEU A CG  1 
ATOM   757  C  CD1 . LEU A 1 107 ? 1.621   -9.847  -7.672  1.00 26.22 ? 106 LEU A CD1 1 
ATOM   758  C  CD2 . LEU A 1 107 ? 1.112   -10.549 -5.322  1.00 23.96 ? 106 LEU A CD2 1 
ATOM   759  N  N   . GLU A 1 108 ? 5.156   -12.018 -3.430  1.00 27.54 ? 107 GLU A N   1 
ATOM   760  C  CA  . GLU A 1 108 ? 5.970   -13.199 -3.166  1.00 29.81 ? 107 GLU A CA  1 
ATOM   761  C  C   . GLU A 1 108 ? 5.374   -14.420 -3.803  1.00 28.66 ? 107 GLU A C   1 
ATOM   762  O  O   . GLU A 1 108 ? 6.099   -15.340 -4.095  1.00 28.50 ? 107 GLU A O   1 
ATOM   763  C  CB  . GLU A 1 108 ? 6.089   -13.507 -1.676  1.00 30.09 ? 107 GLU A CB  1 
ATOM   764  C  CG  . GLU A 1 108 ? 6.910   -12.530 -0.920  1.00 46.53 ? 107 GLU A CG  1 
ATOM   765  C  CD  . GLU A 1 108 ? 8.257   -13.061 -0.515  1.00 47.96 ? 107 GLU A CD  1 
ATOM   766  O  OE1 . GLU A 1 108 ? 8.992   -13.543 -1.410  1.00 47.87 ? 107 GLU A OE1 1 
ATOM   767  O  OE2 . GLU A 1 108 ? 8.579   -12.949 0.696   1.00 52.09 ? 107 GLU A OE2 1 
ATOM   768  N  N   . ARG A 1 109 ? 4.055   -14.455 -3.917  1.00 27.11 ? 108 ARG A N   1 
ATOM   769  C  CA  . ARG A 1 109 ? 3.369   -15.519 -4.627  1.00 28.44 ? 108 ARG A CA  1 
ATOM   770  C  C   . ARG A 1 109 ? 2.012   -15.052 -5.090  1.00 27.35 ? 108 ARG A C   1 
ATOM   771  O  O   . ARG A 1 109 ? 1.304   -14.411 -4.338  1.00 27.26 ? 108 ARG A O   1 
ATOM   772  C  CB  . ARG A 1 109 ? 3.177   -16.730 -3.718  1.00 29.63 ? 108 ARG A CB  1 
ATOM   773  C  CG  . ARG A 1 109 ? 2.343   -17.829 -4.399  1.00 30.09 ? 108 ARG A CG  1 
ATOM   774  C  CD  . ARG A 1 109 ? 2.759   -19.226 -4.017  1.00 30.46 ? 108 ARG A CD  1 
ATOM   775  N  NE  . ARG A 1 109 ? 2.147   -20.186 -4.941  1.00 40.47 ? 108 ARG A NE  1 
ATOM   776  C  CZ  . ARG A 1 109 ? 0.878   -20.594 -4.889  1.00 40.14 ? 108 ARG A CZ  1 
ATOM   777  N  NH1 . ARG A 1 109 ? 0.047   -20.149 -3.943  1.00 46.83 ? 108 ARG A NH1 1 
ATOM   778  N  NH2 . ARG A 1 109 ? 0.432   -21.437 -5.802  1.00 33.35 ? 108 ARG A NH2 1 
ATOM   779  N  N   . ARG A 1 110 ? 1.689   -15.364 -6.333  1.00 30.00 ? 109 ARG A N   1 
ATOM   780  C  CA  . ARG A 1 110 ? 0.377   -15.153 -6.935  1.00 32.96 ? 109 ARG A CA  1 
ATOM   781  C  C   . ARG A 1 110 ? -0.289  -16.493 -7.124  1.00 28.68 ? 109 ARG A C   1 
ATOM   782  O  O   . ARG A 1 110 ? 0.000   -17.145 -8.090  1.00 28.35 ? 109 ARG A O   1 
ATOM   783  C  CB  . ARG A 1 110 ? 0.526   -14.636 -8.357  1.00 31.45 ? 109 ARG A CB  1 
ATOM   784  C  CG  . ARG A 1 110 ? 1.125   -13.312 -8.464  1.00 41.62 ? 109 ARG A CG  1 
ATOM   785  C  CD  . ARG A 1 110 ? 1.004   -12.801 -9.925  1.00 41.62 ? 109 ARG A CD  1 
ATOM   786  N  NE  . ARG A 1 110 ? 2.259   -12.144 -10.273 1.00 50.02 ? 109 ARG A NE  1 
ATOM   787  C  CZ  . ARG A 1 110 ? 2.425   -11.247 -11.226 1.00 45.62 ? 109 ARG A CZ  1 
ATOM   788  N  NH1 . ARG A 1 110 ? 1.410   -10.861 -12.009 1.00 51.08 ? 109 ARG A NH1 1 
ATOM   789  N  NH2 . ARG A 1 110 ? 3.636   -10.740 -11.380 1.00 49.19 ? 109 ARG A NH2 1 
ATOM   790  N  N   . GLY A 1 111 ? -1.180  -16.897 -6.237  1.00 27.28 ? 110 GLY A N   1 
ATOM   791  C  CA  . GLY A 1 111 ? -1.787  -18.205 -6.340  1.00 24.35 ? 110 GLY A CA  1 
ATOM   792  C  C   . GLY A 1 111 ? -3.054  -18.132 -7.150  1.00 22.94 ? 110 GLY A C   1 
ATOM   793  O  O   . GLY A 1 111 ? -3.430  -17.069 -7.605  1.00 24.41 ? 110 GLY A O   1 
ATOM   794  N  N   . ARG A 1 112 ? -3.695  -19.282 -7.321  1.00 19.21 ? 111 ARG A N   1 
ATOM   795  C  CA  . ARG A 1 112 ? -5.040  -19.378 -7.893  1.00 17.64 ? 111 ARG A CA  1 
ATOM   796  C  C   . ARG A 1 112 ? -5.993  -18.525 -7.025  1.00 18.59 ? 111 ARG A C   1 
ATOM   797  O  O   . ARG A 1 112 ? -6.640  -17.642 -7.534  1.00 19.18 ? 111 ARG A O   1 
ATOM   798  C  CB  . ARG A 1 112 ? -5.470  -20.847 -7.939  1.00 16.12 ? 111 ARG A CB  1 
ATOM   799  C  CG  . ARG A 1 112 ? -6.542  -21.152 -8.901  1.00 19.96 ? 111 ARG A CG  1 
ATOM   800  C  CD  . ARG A 1 112 ? -6.669  -22.634 -9.041  1.00 13.01 ? 111 ARG A CD  1 
ATOM   801  N  NE  . ARG A 1 112 ? -5.678  -23.250 -9.916  1.00 2.00  ? 111 ARG A NE  1 
ATOM   802  C  CZ  . ARG A 1 112 ? -5.854  -23.467 -11.211 1.00 17.82 ? 111 ARG A CZ  1 
ATOM   803  N  NH1 . ARG A 1 112 ? -6.952  -23.051 -11.812 1.00 13.31 ? 111 ARG A NH1 1 
ATOM   804  N  NH2 . ARG A 1 112 ? -4.939  -24.098 -11.926 1.00 24.27 ? 111 ARG A NH2 1 
ATOM   805  N  N   . ASN A 1 113 ? -6.024  -18.721 -5.704  1.00 19.38 ? 112 ASN A N   1 
ATOM   806  C  CA  . ASN A 1 113 ? -6.904  -17.902 -4.876  1.00 17.51 ? 112 ASN A CA  1 
ATOM   807  C  C   . ASN A 1 113 ? -6.203  -17.103 -3.793  1.00 18.43 ? 112 ASN A C   1 
ATOM   808  O  O   . ASN A 1 113 ? -6.839  -16.275 -3.172  1.00 19.35 ? 112 ASN A O   1 
ATOM   809  C  CB  . ASN A 1 113 ? -8.033  -18.735 -4.274  1.00 12.55 ? 112 ASN A CB  1 
ATOM   810  C  CG  . ASN A 1 113 ? -8.931  -19.358 -5.344  1.00 18.46 ? 112 ASN A CG  1 
ATOM   811  O  OD1 . ASN A 1 113 ? -9.777  -18.712 -5.984  1.00 7.78  ? 112 ASN A OD1 1 
ATOM   812  N  ND2 . ASN A 1 113 ? -8.737  -20.623 -5.544  1.00 2.00  ? 112 ASN A ND2 1 
ATOM   813  N  N   . VAL A 1 114 ? -4.925  -17.333 -3.541  1.00 20.39 ? 113 VAL A N   1 
ATOM   814  C  CA  . VAL A 1 114 ? -4.210  -16.530 -2.535  1.00 22.84 ? 113 VAL A CA  1 
ATOM   815  C  C   . VAL A 1 114 ? -3.009  -15.829 -3.118  1.00 24.08 ? 113 VAL A C   1 
ATOM   816  O  O   . VAL A 1 114 ? -2.270  -16.431 -3.903  1.00 25.77 ? 113 VAL A O   1 
ATOM   817  C  CB  . VAL A 1 114 ? -3.694  -17.408 -1.354  1.00 25.38 ? 113 VAL A CB  1 
ATOM   818  C  CG1 . VAL A 1 114 ? -3.198  -16.540 -0.228  1.00 30.38 ? 113 VAL A CG1 1 
ATOM   819  C  CG2 . VAL A 1 114 ? -4.789  -18.283 -0.864  1.00 27.10 ? 113 VAL A CG2 1 
ATOM   820  N  N   . CYS A 1 115 ? -2.794  -14.579 -2.711  1.00 22.31 ? 114 CYS A N   1 
ATOM   821  C  CA  . CYS A 1 115 ? -1.585  -13.858 -3.055  1.00 23.15 ? 114 CYS A CA  1 
ATOM   822  C  C   . CYS A 1 115 ? -0.911  -13.465 -1.759  1.00 24.20 ? 114 CYS A C   1 
ATOM   823  O  O   . CYS A 1 115 ? -1.562  -13.025 -0.839  1.00 24.34 ? 114 CYS A O   1 
ATOM   824  C  CB  . CYS A 1 115 ? -1.886  -12.593 -3.874  1.00 20.76 ? 114 CYS A CB  1 
ATOM   825  S  SG  . CYS A 1 115 ? -2.467  -13.012 -5.527  1.00 31.54 ? 114 CYS A SG  1 
ATOM   826  N  N   . ASN A 1 116 ? 0.388   -13.673 -1.706  1.00 23.76 ? 115 ASN A N   1 
ATOM   827  C  CA  . ASN A 1 116 ? 1.218   -13.262 -0.601  1.00 25.85 ? 115 ASN A CA  1 
ATOM   828  C  C   . ASN A 1 116 ? 2.018   -12.075 -1.086  1.00 22.96 ? 115 ASN A C   1 
ATOM   829  O  O   . ASN A 1 116 ? 2.728   -12.158 -2.084  1.00 21.19 ? 115 ASN A O   1 
ATOM   830  C  CB  . ASN A 1 116 ? 2.104   -14.420 -0.184  1.00 30.25 ? 115 ASN A CB  1 
ATOM   831  C  CG  . ASN A 1 116 ? 1.298   -15.666 0.185   1.00 37.09 ? 115 ASN A CG  1 
ATOM   832  O  OD1 . ASN A 1 116 ? 0.793   -15.788 1.312   1.00 48.13 ? 115 ASN A OD1 1 
ATOM   833  N  ND2 . ASN A 1 116 ? 1.171   -16.589 -0.758  1.00 35.94 ? 115 ASN A ND2 1 
ATOM   834  N  N   . VAL A 1 117 ? 1.848   -10.947 -0.408  1.00 25.24 ? 116 VAL A N   1 
ATOM   835  C  CA  . VAL A 1 117 ? 2.416   -9.672  -0.834  1.00 26.01 ? 116 VAL A CA  1 
ATOM   836  C  C   . VAL A 1 117 ? 3.290   -9.168  0.288   1.00 29.14 ? 116 VAL A C   1 
ATOM   837  O  O   . VAL A 1 117 ? 2.956   -9.377  1.432   1.00 26.73 ? 116 VAL A O   1 
ATOM   838  C  CB  . VAL A 1 117 ? 1.317   -8.616  -1.065  1.00 27.43 ? 116 VAL A CB  1 
ATOM   839  C  CG1 . VAL A 1 117 ? 1.850   -7.499  -1.995  1.00 32.37 ? 116 VAL A CG1 1 
ATOM   840  C  CG2 . VAL A 1 117 ? 0.064   -9.227  -1.649  1.00 30.76 ? 116 VAL A CG2 1 
ATOM   841  N  N   . VAL A 1 118 ? 4.413   -8.530  -0.024  1.00 28.60 ? 117 VAL A N   1 
ATOM   842  C  CA  . VAL A 1 118 ? 5.179   -7.822  0.991   1.00 32.08 ? 117 VAL A CA  1 
ATOM   843  C  C   . VAL A 1 118 ? 5.162   -6.331  0.631   1.00 29.91 ? 117 VAL A C   1 
ATOM   844  O  O   . VAL A 1 118 ? 5.150   -5.965  -0.541  1.00 30.62 ? 117 VAL A O   1 
ATOM   845  C  CB  . VAL A 1 118 ? 6.639   -8.321  1.142   1.00 34.30 ? 117 VAL A CB  1 
ATOM   846  C  CG1 . VAL A 1 118 ? 6.670   -9.853  1.325   1.00 39.73 ? 117 VAL A CG1 1 
ATOM   847  C  CG2 . VAL A 1 118 ? 7.433   -7.965  -0.040  1.00 38.65 ? 117 VAL A CG2 1 
ATOM   848  N  N   . GLY A 1 119 ? 5.107   -5.500  1.657   1.00 26.96 ? 118 GLY A N   1 
ATOM   849  C  CA  . GLY A 1 119 ? 5.115   -4.074  1.512   1.00 28.59 ? 118 GLY A CA  1 
ATOM   850  C  C   . GLY A 1 119 ? 6.209   -3.496  2.396   1.00 27.58 ? 118 GLY A C   1 
ATOM   851  O  O   . GLY A 1 119 ? 6.509   -4.064  3.427   1.00 25.19 ? 118 GLY A O   1 
ATOM   852  N  N   . GLU A 1 120 ? 6.822   -2.395  1.945   1.00 27.22 ? 119 GLU A N   1 
ATOM   853  C  CA  . GLU A 1 120 ? 7.817   -1.636  2.714   1.00 32.27 ? 119 GLU A CA  1 
ATOM   854  C  C   . GLU A 1 120 ? 7.435   -0.168  2.613   1.00 34.71 ? 119 GLU A C   1 
ATOM   855  O  O   . GLU A 1 120 ? 6.933   0.278   1.593   1.00 35.43 ? 119 GLU A O   1 
ATOM   856  C  CB  . GLU A 1 120 ? 9.189   -1.875  2.139   1.00 32.79 ? 119 GLU A CB  1 
ATOM   857  C  CG  . GLU A 1 120 ? 9.585   -3.351  2.253   1.00 40.64 ? 119 GLU A CG  1 
ATOM   858  C  CD  . GLU A 1 120 ? 10.863  -3.740  1.501   1.00 43.73 ? 119 GLU A CD  1 
ATOM   859  O  OE1 . GLU A 1 120 ? 11.382  -2.884  0.723   1.00 47.90 ? 119 GLU A OE1 1 
ATOM   860  O  OE2 . GLU A 1 120 ? 11.331  -4.908  1.715   1.00 51.17 ? 119 GLU A OE2 1 
ATOM   861  N  N   . LEU A 1 121 ? 7.604   0.559   3.702   1.00 34.07 ? 120 LEU A N   1 
ATOM   862  C  CA  . LEU A 1 121 ? 7.289   1.974   3.732   1.00 31.70 ? 120 LEU A CA  1 
ATOM   863  C  C   . LEU A 1 121 ? 8.560   2.689   4.176   1.00 32.85 ? 120 LEU A C   1 
ATOM   864  O  O   . LEU A 1 121 ? 9.139   2.354   5.235   1.00 26.82 ? 120 LEU A O   1 
ATOM   865  C  CB  . LEU A 1 121 ? 6.143   2.218   4.709   1.00 30.21 ? 120 LEU A CB  1 
ATOM   866  C  CG  . LEU A 1 121 ? 5.203   3.383   4.580   1.00 32.99 ? 120 LEU A CG  1 
ATOM   867  C  CD1 . LEU A 1 121 ? 4.457   3.476   3.225   1.00 33.04 ? 120 LEU A CD1 1 
ATOM   868  C  CD2 . LEU A 1 121 ? 4.215   3.269   5.731   1.00 32.62 ? 120 LEU A CD2 1 
ATOM   869  N  N   . SER A 1 122 ? 8.978   3.652   3.349   1.00 32.16 ? 121 SER A N   1 
ATOM   870  C  CA  . SER A 1 122 ? 10.128  4.493   3.611   1.00 33.57 ? 121 SER A CA  1 
ATOM   871  C  C   . SER A 1 122 ? 9.774   5.961   3.716   1.00 32.15 ? 121 SER A C   1 
ATOM   872  O  O   . SER A 1 122 ? 8.819   6.444   3.092   1.00 31.76 ? 121 SER A O   1 
ATOM   873  C  CB  . SER A 1 122 ? 11.172  4.376   2.483   1.00 32.76 ? 121 SER A CB  1 
ATOM   874  O  OG  . SER A 1 122 ? 11.655  3.061   2.449   1.00 47.25 ? 121 SER A OG  1 
ATOM   875  N  N   . GLN A 1 123 ? 10.613  6.649   4.489   1.00 28.82 ? 122 GLN A N   1 
ATOM   876  C  CA  . GLN A 1 123 ? 10.616  8.081   4.613   1.00 28.79 ? 122 GLN A CA  1 
ATOM   877  C  C   . GLN A 1 123 ? 12.070  8.516   4.809   1.00 28.39 ? 122 GLN A C   1 
ATOM   878  O  O   . GLN A 1 123 ? 12.794  7.931   5.624   1.00 28.37 ? 122 GLN A O   1 
ATOM   879  C  CB  . GLN A 1 123 ? 9.793   8.509   5.812   1.00 28.69 ? 122 GLN A CB  1 
ATOM   880  C  CG  . GLN A 1 123 ? 9.598   9.994   5.853   1.00 30.49 ? 122 GLN A CG  1 
ATOM   881  C  CD  . GLN A 1 123 ? 8.664   10.418  6.946   1.00 32.10 ? 122 GLN A CD  1 
ATOM   882  O  OE1 . GLN A 1 123 ? 8.967   10.251  8.133   1.00 35.14 ? 122 GLN A OE1 1 
ATOM   883  N  NE2 . GLN A 1 123 ? 7.521   10.982  6.565   1.00 31.68 ? 122 GLN A NE2 1 
ATOM   884  N  N   . ASP A 1 124 ? 12.470  9.542   4.060   1.00 28.43 ? 123 ASP A N   1 
ATOM   885  C  CA  . ASP A 1 124 ? 13.823  10.104  4.050   1.00 30.19 ? 123 ASP A CA  1 
ATOM   886  C  C   . ASP A 1 124 ? 14.907  9.049   3.860   1.00 31.22 ? 123 ASP A C   1 
ATOM   887  O  O   . ASP A 1 124 ? 15.990  9.114   4.469   1.00 32.18 ? 123 ASP A O   1 
ATOM   888  C  CB  . ASP A 1 124 ? 14.085  10.960  5.302   1.00 31.81 ? 123 ASP A CB  1 
ATOM   889  C  CG  . ASP A 1 124 ? 13.091  12.131  5.453   1.00 40.01 ? 123 ASP A CG  1 
ATOM   890  O  OD1 . ASP A 1 124 ? 12.486  12.585  4.444   1.00 41.57 ? 123 ASP A OD1 1 
ATOM   891  O  OD2 . ASP A 1 124 ? 12.911  12.595  6.607   1.00 51.58 ? 123 ASP A OD2 1 
ATOM   892  N  N   . GLY A 1 125 ? 14.615  8.072   3.009   1.00 30.45 ? 124 GLY A N   1 
ATOM   893  C  CA  . GLY A 1 125 ? 15.600  7.072   2.655   1.00 30.75 ? 124 GLY A CA  1 
ATOM   894  C  C   . GLY A 1 125 ? 15.793  5.962   3.654   1.00 31.89 ? 124 GLY A C   1 
ATOM   895  O  O   . GLY A 1 125 ? 16.723  5.184   3.486   1.00 33.42 ? 124 GLY A O   1 
ATOM   896  N  N   . LYS A 1 126 ? 14.931  5.877   4.678   1.00 33.12 ? 125 LYS A N   1 
ATOM   897  C  CA  . LYS A 1 126 ? 14.957  4.763   5.650   1.00 34.80 ? 125 LYS A CA  1 
ATOM   898  C  C   . LYS A 1 126 ? 13.624  4.063   5.724   1.00 31.15 ? 125 LYS A C   1 
ATOM   899  O  O   . LYS A 1 126 ? 12.596  4.699   5.608   1.00 29.93 ? 125 LYS A O   1 
ATOM   900  C  CB  . LYS A 1 126 ? 15.315  5.245   7.056   1.00 34.64 ? 125 LYS A CB  1 
ATOM   901  C  CG  . LYS A 1 126 ? 16.639  5.990   7.128   1.00 39.80 ? 125 LYS A CG  1 
ATOM   902  C  CD  . LYS A 1 126 ? 17.033  6.269   8.568   1.00 43.36 ? 125 LYS A CD  1 
ATOM   903  C  CE  . LYS A 1 126 ? 17.879  7.533   8.658   1.00 55.30 ? 125 LYS A CE  1 
ATOM   904  N  NZ  . LYS A 1 126 ? 18.855  7.486   9.783   1.00 56.48 ? 125 LYS A NZ  1 
ATOM   905  N  N   . LEU A 1 127 ? 13.666  2.751   5.922   1.00 32.12 ? 126 LEU A N   1 
ATOM   906  C  CA  . LEU A 1 127 ? 12.462  1.940   6.136   1.00 34.50 ? 126 LEU A CA  1 
ATOM   907  C  C   . LEU A 1 127 ? 11.866  2.299   7.451   1.00 32.85 ? 126 LEU A C   1 
ATOM   908  O  O   . LEU A 1 127 ? 12.541  2.187   8.453   1.00 30.47 ? 126 LEU A O   1 
ATOM   909  C  CB  . LEU A 1 127 ? 12.775  0.467   6.258   1.00 34.48 ? 126 LEU A CB  1 
ATOM   910  C  CG  . LEU A 1 127 ? 12.701  -0.424  5.042   1.00 41.50 ? 126 LEU A CG  1 
ATOM   911  C  CD1 . LEU A 1 127 ? 13.093  -1.838  5.473   1.00 42.00 ? 126 LEU A CD1 1 
ATOM   912  C  CD2 . LEU A 1 127 ? 11.329  -0.402  4.453   1.00 51.06 ? 126 LEU A CD2 1 
ATOM   913  N  N   . VAL A 1 128 ? 10.597  2.684   7.463   1.00 30.85 ? 127 VAL A N   1 
ATOM   914  C  CA  . VAL A 1 128 ? 9.929   2.918   8.740   1.00 28.59 ? 127 VAL A CA  1 
ATOM   915  C  C   . VAL A 1 128 ? 9.075   1.719   9.201   1.00 28.81 ? 127 VAL A C   1 
ATOM   916  O  O   . VAL A 1 128 ? 8.942   1.466   10.418  1.00 27.31 ? 127 VAL A O   1 
ATOM   917  C  CB  . VAL A 1 128 ? 9.159   4.243   8.732   1.00 29.56 ? 127 VAL A CB  1 
ATOM   918  C  CG1 . VAL A 1 128 ? 10.146  5.405   8.536   1.00 29.05 ? 127 VAL A CG1 1 
ATOM   919  C  CG2 . VAL A 1 128 ? 8.102   4.295   7.669   1.00 34.00 ? 127 VAL A CG2 1 
ATOM   920  N  N   . ALA A 1 129 ? 8.501   0.989   8.249   1.00 25.09 ? 128 ALA A N   1 
ATOM   921  C  CA  . ALA A 1 129 ? 7.648   -0.104  8.575   1.00 24.79 ? 128 ALA A CA  1 
ATOM   922  C  C   . ALA A 1 129 ? 7.598   -1.082  7.415   1.00 27.79 ? 128 ALA A C   1 
ATOM   923  O  O   . ALA A 1 129 ? 7.786   -0.685  6.260   1.00 28.46 ? 128 ALA A O   1 
ATOM   924  C  CB  . ALA A 1 129 ? 6.242   0.402   8.896   1.00 23.37 ? 128 ALA A CB  1 
ATOM   925  N  N   . THR A 1 130 ? 7.368   -2.354  7.737   1.00 29.12 ? 129 THR A N   1 
ATOM   926  C  CA  . THR A 1 130 ? 7.107   -3.370  6.724   1.00 32.22 ? 129 THR A CA  1 
ATOM   927  C  C   . THR A 1 130 ? 5.802   -4.101  6.980   1.00 29.37 ? 129 THR A C   1 
ATOM   928  O  O   . THR A 1 130 ? 5.270   -4.072  8.091   1.00 28.28 ? 129 THR A O   1 
ATOM   929  C  CB  . THR A 1 130 ? 8.264   -4.385  6.649   1.00 30.94 ? 129 THR A CB  1 
ATOM   930  O  OG1 . THR A 1 130 ? 8.436   -4.987  7.901   1.00 36.94 ? 129 THR A OG1 1 
ATOM   931  C  CG2 . THR A 1 130 ? 9.558   -3.711  6.297   1.00 29.31 ? 129 THR A CG2 1 
ATOM   932  N  N   . ALA A 1 131 ? 5.346   -4.812  5.957   1.00 27.56 ? 130 ALA A N   1 
ATOM   933  C  CA  . ALA A 1 131 ? 4.173   -5.629  6.029   1.00 25.75 ? 130 ALA A CA  1 
ATOM   934  C  C   . ALA A 1 131 ? 4.250   -6.921  5.214   1.00 28.54 ? 130 ALA A C   1 
ATOM   935  O  O   . ALA A 1 131 ? 4.928   -7.006  4.187   1.00 25.49 ? 130 ALA A O   1 
ATOM   936  C  CB  . ALA A 1 131 ? 2.977   -4.867  5.543   1.00 30.83 ? 130 ALA A CB  1 
ATOM   937  N  N   . THR A 1 132 ? 3.453   -7.889  5.664   1.00 27.54 ? 131 THR A N   1 
ATOM   938  C  CA  . THR A 1 132 ? 3.112   -9.071  4.923   1.00 32.64 ? 131 THR A CA  1 
ATOM   939  C  C   . THR A 1 132 ? 1.595   -9.145  4.868   1.00 30.66 ? 131 THR A C   1 
ATOM   940  O  O   . THR A 1 132 ? 0.934   -9.139  5.909   1.00 32.63 ? 131 THR A O   1 
ATOM   941  C  CB  . THR A 1 132 ? 3.690   -10.317 5.693   1.00 35.21 ? 131 THR A CB  1 
ATOM   942  O  OG1 . THR A 1 132 ? 5.120   -10.303 5.574   1.00 44.89 ? 131 THR A OG1 1 
ATOM   943  C  CG2 . THR A 1 132 ? 3.146   -11.610 5.133   1.00 40.10 ? 131 THR A CG2 1 
ATOM   944  N  N   . ALA A 1 133 ? 1.053   -9.238  3.675   1.00 29.19 ? 132 ALA A N   1 
ATOM   945  C  CA  . ALA A 1 133 ? -0.378  -9.373  3.453   1.00 28.06 ? 132 ALA A CA  1 
ATOM   946  C  C   . ALA A 1 133 ? -0.685  -10.711 2.846   1.00 27.45 ? 132 ALA A C   1 
ATOM   947  O  O   . ALA A 1 133 ? -0.004  -11.145 1.921   1.00 29.72 ? 132 ALA A O   1 
ATOM   948  C  CB  . ALA A 1 133 ? -0.859  -8.303  2.501   1.00 30.49 ? 132 ALA A CB  1 
ATOM   949  N  N   . THR A 1 134 ? -1.706  -11.367 3.386   1.00 26.60 ? 133 THR A N   1 
ATOM   950  C  CA  . THR A 1 134 ? -2.312  -12.548 2.785   1.00 29.24 ? 133 THR A CA  1 
ATOM   951  C  C   . THR A 1 134 ? -3.670  -12.169 2.255   1.00 26.08 ? 133 THR A C   1 
ATOM   952  O  O   . THR A 1 134 ? -4.515  -11.751 3.026   1.00 27.52 ? 133 THR A O   1 
ATOM   953  C  CB  . THR A 1 134 ? -2.482  -13.638 3.845   1.00 32.27 ? 133 THR A CB  1 
ATOM   954  O  OG1 . THR A 1 134 ? -1.209  -13.893 4.417   1.00 29.76 ? 133 THR A OG1 1 
ATOM   955  C  CG2 . THR A 1 134 ? -3.051  -14.883 3.256   1.00 28.40 ? 133 THR A CG2 1 
ATOM   956  N  N   . CYS A 1 135 ? -3.857  -12.306 0.950   1.00 25.65 ? 134 CYS A N   1 
ATOM   957  C  CA  . CYS A 1 135 ? -5.022  -11.803 0.240   1.00 29.29 ? 134 CYS A CA  1 
ATOM   958  C  C   . CYS A 1 135 ? -5.673  -12.928 -0.514  1.00 28.22 ? 134 CYS A C   1 
ATOM   959  O  O   . CYS A 1 135 ? -4.989  -13.773 -1.047  1.00 31.02 ? 134 CYS A O   1 
ATOM   960  C  CB  . CYS A 1 135 ? -4.621  -10.749 -0.795  1.00 28.91 ? 134 CYS A CB  1 
ATOM   961  S  SG  . CYS A 1 135 ? -3.724  -9.385  -0.086  1.00 36.13 ? 134 CYS A SG  1 
HETATM 962  N  N   . MSE A 1 136 ? -6.994  -12.951 -0.543  1.00 28.52 ? 135 MSE A N   1 
HETATM 963  C  CA  . MSE A 1 136 ? -7.714  -13.932 -1.345  1.00 31.87 ? 135 MSE A CA  1 
HETATM 964  C  C   . MSE A 1 136 ? -8.338  -13.163 -2.472  1.00 30.24 ? 135 MSE A C   1 
HETATM 965  O  O   . MSE A 1 136 ? -8.581  -11.970 -2.320  1.00 25.88 ? 135 MSE A O   1 
HETATM 966  C  CB  . MSE A 1 136 ? -8.822  -14.560 -0.516  1.00 34.99 ? 135 MSE A CB  1 
HETATM 967  C  CG  . MSE A 1 136 ? -9.392  -15.861 -1.051  1.00 33.07 ? 135 MSE A CG  1 
HETATM 968  SE SE  . MSE A 1 136 ? -10.829 -16.386 0.164   0.75 42.77 ? 135 MSE A SE  1 
HETATM 969  C  CE  . MSE A 1 136 ? -10.245 -17.862 0.989   1.00 50.40 ? 135 MSE A CE  1 
ATOM   970  N  N   . VAL A 1 137 ? -8.632  -13.840 -3.588  1.00 33.47 ? 136 VAL A N   1 
ATOM   971  C  CA  . VAL A 1 137 ? -9.251  -13.178 -4.711  1.00 35.73 ? 136 VAL A CA  1 
ATOM   972  C  C   . VAL A 1 137 ? -10.611 -13.772 -5.119  1.00 35.76 ? 136 VAL A C   1 
ATOM   973  O  O   . VAL A 1 137 ? -10.748 -14.981 -5.260  1.00 37.77 ? 136 VAL A O   1 
ATOM   974  C  CB  . VAL A 1 137 ? -8.270  -13.076 -5.941  1.00 38.33 ? 136 VAL A CB  1 
ATOM   975  C  CG1 . VAL A 1 137 ? -6.785  -12.954 -5.497  1.00 34.42 ? 136 VAL A CG1 1 
ATOM   976  C  CG2 . VAL A 1 137 ? -8.435  -14.213 -6.830  1.00 39.15 ? 136 VAL A CG2 1 
HETATM 977  O  O   . HOH B 2 .   ? -3.753  -20.227 -4.025  1.00 21.08 ? 141 HOH A O   1 
HETATM 978  O  O   . HOH B 2 .   ? -2.681  12.309  3.640   1.00 19.99 ? 142 HOH A O   1 
HETATM 979  O  O   . HOH B 2 .   ? -0.070  -12.026 6.396   1.00 32.56 ? 143 HOH A O   1 
HETATM 980  O  O   . HOH B 2 .   ? -3.542  -5.624  2.014   1.00 16.58 ? 144 HOH A O   1 
HETATM 981  O  O   . HOH B 2 .   ? 1.798   -13.757 2.897   1.00 31.42 ? 145 HOH A O   1 
HETATM 982  O  O   . HOH B 2 .   ? -5.486  14.010  7.458   1.00 20.06 ? 146 HOH A O   1 
HETATM 983  O  O   . HOH B 2 .   ? 6.170   6.433   13.644  1.00 23.53 ? 147 HOH A O   1 
HETATM 984  O  O   . HOH B 2 .   ? 6.211   -7.365  9.032   1.00 31.05 ? 148 HOH A O   1 
HETATM 985  O  O   . HOH B 2 .   ? -14.322 5.046   -2.064  1.00 36.00 ? 149 HOH A O   1 
HETATM 986  O  O   . HOH B 2 .   ? 6.957   -1.155  -9.610  1.00 22.01 ? 150 HOH A O   1 
HETATM 987  O  O   . HOH B 2 .   ? 10.038  -3.867  15.569  1.00 21.19 ? 151 HOH A O   1 
HETATM 988  O  O   . HOH B 2 .   ? -2.298  4.846   -3.671  1.00 15.37 ? 152 HOH A O   1 
HETATM 989  O  O   . HOH B 2 .   ? -6.213  13.370  5.055   1.00 22.17 ? 153 HOH A O   1 
HETATM 990  O  O   . HOH B 2 .   ? 10.130  -3.821  -9.858  1.00 28.25 ? 154 HOH A O   1 
HETATM 991  O  O   . HOH B 2 .   ? -8.411  -4.356  -11.142 1.00 40.30 ? 155 HOH A O   1 
HETATM 992  O  O   . HOH B 2 .   ? 6.162   -13.271 2.250   1.00 24.09 ? 156 HOH A O   1 
HETATM 993  O  O   . HOH B 2 .   ? 13.418  8.371   8.310   1.00 26.22 ? 157 HOH A O   1 
HETATM 994  O  O   . HOH B 2 .   ? -3.226  6.825   -7.781  1.00 24.90 ? 158 HOH A O   1 
HETATM 995  O  O   . HOH B 2 .   ? -0.704  16.677  15.355  1.00 31.25 ? 159 HOH A O   1 
HETATM 996  O  O   . HOH B 2 .   ? 7.597   2.814   12.937  1.00 33.88 ? 160 HOH A O   1 
HETATM 997  O  O   . HOH B 2 .   ? 4.086   -16.538 -8.049  1.00 30.60 ? 161 HOH A O   1 
HETATM 998  O  O   . HOH B 2 .   ? 1.217   5.763   18.299  1.00 34.90 ? 162 HOH A O   1 
HETATM 999  O  O   . HOH B 2 .   ? 3.014   12.001  -4.560  1.00 30.12 ? 163 HOH A O   1 
HETATM 1000 O  O   . HOH B 2 .   ? 5.627   15.027  12.432  1.00 30.86 ? 164 HOH A O   1 
HETATM 1001 O  O   . HOH B 2 .   ? -4.737  13.334  -1.065  1.00 31.14 ? 165 HOH A O   1 
HETATM 1002 O  O   . HOH B 2 .   ? 6.150   10.924  -12.040 1.00 21.98 ? 166 HOH A O   1 
HETATM 1003 O  O   . HOH B 2 .   ? -8.039  -5.493  0.573   1.00 28.90 ? 167 HOH A O   1 
HETATM 1004 O  O   . HOH B 2 .   ? 2.017   16.345  6.012   1.00 33.19 ? 168 HOH A O   1 
HETATM 1005 O  O   . HOH B 2 .   ? 3.740   -12.802 1.874   1.00 42.10 ? 169 HOH A O   1 
HETATM 1006 O  O   . HOH B 2 .   ? -2.817  14.620  2.288   1.00 25.40 ? 170 HOH A O   1 
HETATM 1007 O  O   . HOH B 2 .   ? 8.556   -0.642  -7.836  1.00 28.36 ? 171 HOH A O   1 
HETATM 1008 O  O   . HOH B 2 .   ? 10.307  11.165  2.469   1.00 26.78 ? 172 HOH A O   1 
HETATM 1009 O  O   . HOH B 2 .   ? -4.452  11.260  -3.442  1.00 31.64 ? 173 HOH A O   1 
HETATM 1010 O  O   . HOH B 2 .   ? -13.222 -11.602 -5.992  1.00 48.39 ? 174 HOH A O   1 
HETATM 1011 O  O   . HOH B 2 .   ? -11.098 10.991  0.836   1.00 35.00 ? 175 HOH A O   1 
HETATM 1012 O  O   . HOH B 2 .   ? -4.171  5.416   -5.411  1.00 27.14 ? 176 HOH A O   1 
HETATM 1013 O  O   . HOH B 2 .   ? 9.126   2.577   15.623  1.00 30.98 ? 177 HOH A O   1 
HETATM 1014 O  O   . HOH B 2 .   ? 14.170  2.739   2.077   1.00 30.10 ? 178 HOH A O   1 
HETATM 1015 O  O   . HOH B 2 .   ? -9.750  -6.414  4.392   1.00 35.79 ? 179 HOH A O   1 
HETATM 1016 O  O   . HOH B 2 .   ? 1.868   2.957   17.140  1.00 42.95 ? 180 HOH A O   1 
HETATM 1017 O  O   . HOH B 2 .   ? -3.287  -0.547  10.182  0.50 18.23 ? 181 HOH A O   1 
HETATM 1018 O  O   . HOH B 2 .   ? 9.280   -3.329  -4.563  1.00 37.46 ? 182 HOH A O   1 
HETATM 1019 O  O   . HOH B 2 .   ? -0.057  -18.085 -2.196  1.00 36.83 ? 183 HOH A O   1 
HETATM 1020 O  O   . HOH B 2 .   ? 9.712   1.526   0.351   1.00 34.24 ? 184 HOH A O   1 
HETATM 1021 O  O   . HOH B 2 .   ? 11.315  -0.597  0.011   1.00 23.99 ? 185 HOH A O   1 
HETATM 1022 O  O   . HOH B 2 .   ? -16.318 -8.380  -7.395  1.00 48.03 ? 186 HOH A O   1 
HETATM 1023 O  O   . HOH B 2 .   ? -12.436 -11.938 -3.545  1.00 49.79 ? 187 HOH A O   1 
HETATM 1024 O  O   . HOH B 2 .   ? -3.154  5.581   18.538  1.00 29.62 ? 188 HOH A O   1 
HETATM 1025 O  O   . HOH B 2 .   ? 11.346  6.395   -6.776  0.50 22.80 ? 189 HOH A O   1 
HETATM 1026 O  O   . HOH B 2 .   ? -8.634  8.628   -11.027 1.00 32.21 ? 190 HOH A O   1 
HETATM 1027 O  O   . HOH B 2 .   ? 7.934   -7.993  7.335   1.00 38.74 ? 191 HOH A O   1 
HETATM 1028 O  O   . HOH B 2 .   ? 5.624   2.521   -14.043 1.00 38.11 ? 192 HOH A O   1 
HETATM 1029 O  O   . HOH B 2 .   ? -9.568  -6.142  2.073   1.00 34.67 ? 193 HOH A O   1 
HETATM 1030 O  O   . HOH B 2 .   ? 13.147  6.984   10.301  1.00 36.20 ? 194 HOH A O   1 
HETATM 1031 O  O   . HOH B 2 .   ? -16.013 -11.063 -6.614  1.00 48.67 ? 195 HOH A O   1 
# 
